data_5KX0
#
_entry.id   5KX0
#
_entity_poly.entity_id   1
_entity_poly.type   'polypeptide(L)'
_entity_poly.pdbx_seq_one_letter_code
;NPELQRKCKEL(DAS)TR(DPR)(DGL)(DAL)(DGL)(DAR)(DLY)(DCY)(DAR)(DGL)(DGL)SD
;
_entity_poly.pdbx_strand_id   A
#
# COMPACT_ATOMS: atom_id res chain seq x y z
N ASN A 1 -6.54 1.18 -5.46
CA ASN A 1 -7.49 1.11 -4.34
C ASN A 1 -7.06 2.04 -3.21
N PRO A 2 -7.89 3.04 -2.89
CA PRO A 2 -7.53 4.09 -1.93
C PRO A 2 -7.29 3.57 -0.50
N GLU A 3 -8.02 2.55 -0.11
CA GLU A 3 -7.89 2.02 1.23
C GLU A 3 -6.68 1.10 1.36
N LEU A 4 -6.32 0.48 0.27
CA LEU A 4 -5.13 -0.33 0.20
C LEU A 4 -3.93 0.60 0.29
N GLN A 5 -3.98 1.68 -0.48
CA GLN A 5 -2.95 2.72 -0.45
C GLN A 5 -2.88 3.36 0.93
N ARG A 6 -4.03 3.46 1.58
CA ARG A 6 -4.14 3.99 2.94
C ARG A 6 -3.31 3.14 3.90
N LYS A 7 -3.42 1.83 3.75
CA LYS A 7 -2.68 0.90 4.57
C LYS A 7 -1.20 1.14 4.37
N CYS A 8 -0.82 1.30 3.13
CA CYS A 8 0.55 1.57 2.75
C CYS A 8 1.03 2.88 3.37
N LYS A 9 0.22 3.91 3.29
CA LYS A 9 0.56 5.21 3.83
C LYS A 9 0.68 5.18 5.35
N GLU A 10 -0.07 4.32 5.98
CA GLU A 10 -0.02 4.19 7.41
C GLU A 10 1.14 3.27 7.84
N LEU A 11 1.46 2.30 7.01
CA LEU A 11 2.59 1.43 7.27
C LEU A 11 3.89 2.18 7.02
N DAS A 12 3.89 2.95 5.95
CA DAS A 12 5.04 3.70 5.55
C DAS A 12 5.61 3.02 4.33
O DAS A 12 4.94 2.90 3.32
CB DAS A 12 4.68 5.15 5.22
CG DAS A 12 5.90 6.02 4.97
OD1 DAS A 12 6.40 6.63 5.96
OD2 DAS A 12 6.36 6.11 3.82
H DAS A 12 3.10 2.99 5.38
HA DAS A 12 5.76 3.68 6.36
HB2 DAS A 12 4.11 5.57 6.03
HB3 DAS A 12 4.07 5.16 4.33
N THR A 13 6.81 2.57 4.42
CA THR A 13 7.41 1.77 3.38
C THR A 13 7.47 0.31 3.83
N ARG A 14 6.93 0.11 5.01
CA ARG A 14 6.87 -1.18 5.68
C ARG A 14 5.76 -2.04 5.07
N DPR A 15 5.81 -3.38 5.27
CA DPR A 15 4.80 -4.30 4.70
CB DPR A 15 5.09 -5.64 5.42
CG DPR A 15 6.06 -5.32 6.50
CD DPR A 15 6.82 -4.12 6.03
C DPR A 15 5.00 -4.44 3.21
O DPR A 15 4.12 -4.85 2.48
HA DPR A 15 3.79 -3.97 4.91
HB2 DPR A 15 5.50 -6.33 4.71
HB3 DPR A 15 4.16 -6.04 5.80
HG2 DPR A 15 6.72 -6.15 6.66
HG3 DPR A 15 5.53 -5.08 7.41
HD2 DPR A 15 7.64 -4.43 5.38
HD3 DPR A 15 7.19 -3.55 6.86
N DGL A 16 6.17 -4.03 2.78
CA DGL A 16 6.56 -4.02 1.40
C DGL A 16 5.65 -3.10 0.59
O DGL A 16 5.33 -3.36 -0.58
CB DGL A 16 8.01 -3.58 1.31
CG DGL A 16 8.98 -4.57 1.95
CD DGL A 16 8.92 -5.93 1.29
OE1 DGL A 16 8.18 -6.84 1.78
OE2 DGL A 16 9.58 -6.13 0.25
H DGL A 16 6.80 -3.71 3.46
HA DGL A 16 6.48 -5.03 1.02
HB2 DGL A 16 8.10 -2.65 1.86
HB3 DGL A 16 8.29 -3.39 0.29
HG2 DGL A 16 8.72 -4.68 2.99
HG3 DGL A 16 9.98 -4.19 1.86
N DAL A 17 5.18 -2.05 1.27
CA DAL A 17 4.27 -1.09 0.69
CB DAL A 17 3.99 0.03 1.67
C DAL A 17 2.97 -1.77 0.26
O DAL A 17 2.43 -1.47 -0.79
H DAL A 17 5.44 -1.92 2.20
HA DAL A 17 4.74 -0.66 -0.18
HB1 DAL A 17 4.92 0.49 1.97
HB2 DAL A 17 3.49 -0.38 2.54
HB3 DAL A 17 3.35 0.76 1.21
N DGL A 18 2.53 -2.74 1.07
CA DGL A 18 1.32 -3.52 0.81
C DGL A 18 1.40 -4.18 -0.55
O DGL A 18 0.49 -4.04 -1.38
CB DGL A 18 1.16 -4.60 1.90
CG DGL A 18 0.05 -5.61 1.66
CD DGL A 18 0.09 -6.75 2.63
OE1 DGL A 18 -0.63 -6.71 3.65
OE2 DGL A 18 0.85 -7.74 2.42
H DGL A 18 3.06 -2.95 1.86
HA DGL A 18 0.46 -2.87 0.85
HB2 DGL A 18 0.98 -4.12 2.84
HB3 DGL A 18 2.09 -5.15 1.96
HG2 DGL A 18 0.14 -6.01 0.65
HG3 DGL A 18 -0.91 -5.10 1.75
N DAR A 19 2.50 -4.87 -0.80
CA DAR A 19 2.69 -5.57 -2.05
CB DAR A 19 3.82 -6.61 -2.01
CG DAR A 19 3.42 -7.95 -1.36
CD DAR A 19 3.18 -7.84 0.14
NE DAR A 19 4.43 -7.65 0.88
CZ DAR A 19 4.59 -7.91 2.18
NH1 DAR A 19 5.82 -7.84 2.72
NH2 DAR A 19 3.54 -8.16 2.96
C DAR A 19 2.88 -4.61 -3.20
O DAR A 19 2.38 -4.86 -4.29
H DAR A 19 3.20 -4.86 -0.11
HA DAR A 19 1.77 -6.08 -2.23
HB2 DAR A 19 4.63 -6.20 -1.45
HB3 DAR A 19 4.14 -6.80 -3.02
HG2 DAR A 19 4.20 -8.66 -1.55
HG3 DAR A 19 2.51 -8.30 -1.82
HD2 DAR A 19 2.72 -8.76 0.48
HD3 DAR A 19 2.51 -7.02 0.34
HE DAR A 19 5.19 -7.35 0.33
HH11 DAR A 19 6.64 -7.58 2.20
HH12 DAR A 19 5.97 -8.06 3.68
HH21 DAR A 19 2.59 -8.15 2.61
HH22 DAR A 19 3.65 -8.40 3.93
N DLY A 20 3.54 -3.49 -2.94
CA DLY A 20 3.71 -2.45 -3.95
C DLY A 20 2.34 -1.92 -4.37
O DLY A 20 2.02 -1.86 -5.55
CB DLY A 20 4.60 -1.32 -3.41
CG DLY A 20 4.80 -0.16 -4.38
CD DLY A 20 5.71 0.90 -3.78
CE DLY A 20 5.79 2.15 -4.65
NZ DLY A 20 4.47 2.83 -4.78
H DLY A 20 3.95 -3.37 -2.06
HA DLY A 20 4.18 -2.90 -4.81
HB2 DLY A 20 5.56 -1.72 -3.15
HB3 DLY A 20 4.14 -0.93 -2.51
HG2 DLY A 20 3.85 0.28 -4.60
HG3 DLY A 20 5.25 -0.53 -5.28
HD2 DLY A 20 6.71 0.49 -3.67
HD3 DLY A 20 5.34 1.18 -2.80
HE2 DLY A 20 6.14 1.87 -5.64
HE3 DLY A 20 6.49 2.85 -4.21
HZ1 DLY A 20 4.06 3.03 -3.86
HZ2 DLY A 20 3.80 2.25 -5.33
HZ3 DLY A 20 4.58 3.72 -5.30
N DCY A 21 1.51 -1.59 -3.38
CA DCY A 21 0.15 -1.10 -3.64
C DCY A 21 -0.68 -2.13 -4.37
O DCY A 21 -1.42 -1.78 -5.26
CB DCY A 21 -0.55 -0.73 -2.35
SG DCY A 21 0.13 0.71 -1.51
H DCY A 21 1.81 -1.66 -2.45
HA DCY A 21 0.24 -0.23 -4.26
HB2 DCY A 21 -0.48 -1.57 -1.67
HB3 DCY A 21 -1.59 -0.53 -2.57
N DAR A 22 -0.54 -3.39 -4.00
CA DAR A 22 -1.27 -4.45 -4.67
CB DAR A 22 -1.17 -5.77 -3.91
CG DAR A 22 -1.86 -5.76 -2.56
CD DAR A 22 -1.76 -7.11 -1.89
NE DAR A 22 -2.42 -7.14 -0.58
CZ DAR A 22 -2.32 -8.16 0.29
NH1 DAR A 22 -1.66 -9.26 -0.05
NH2 DAR A 22 -2.91 -8.07 1.47
C DAR A 22 -0.82 -4.61 -6.11
O DAR A 22 -1.63 -4.72 -7.01
H DAR A 22 0.07 -3.61 -3.26
HA DAR A 22 -2.31 -4.15 -4.69
HB2 DAR A 22 -0.12 -5.99 -3.75
HB3 DAR A 22 -1.61 -6.56 -4.51
HG2 DAR A 22 -2.91 -5.51 -2.70
HG3 DAR A 22 -1.39 -5.02 -1.93
HD2 DAR A 22 -0.71 -7.33 -1.74
HD3 DAR A 22 -2.20 -7.86 -2.52
HE DAR A 22 -2.96 -6.35 -0.36
HH11 DAR A 22 -1.23 -9.38 -0.95
HH12 DAR A 22 -1.56 -10.04 0.59
HH21 DAR A 22 -3.43 -7.27 1.76
HH22 DAR A 22 -2.85 -8.82 2.15
N DGL A 23 0.49 -4.56 -6.31
CA DGL A 23 1.08 -4.68 -7.63
C DGL A 23 0.58 -3.57 -8.56
O DGL A 23 0.16 -3.84 -9.70
CB DGL A 23 2.61 -4.64 -7.50
CG DGL A 23 3.39 -4.65 -8.79
CD DGL A 23 4.87 -4.70 -8.57
OE1 DGL A 23 5.51 -5.71 -8.92
OE2 DGL A 23 5.43 -3.75 -8.01
H DGL A 23 1.09 -4.44 -5.54
HA DGL A 23 0.79 -5.64 -8.04
HB2 DGL A 23 2.93 -5.49 -6.91
HB3 DGL A 23 2.88 -3.74 -6.97
HG2 DGL A 23 3.15 -3.77 -9.36
HG3 DGL A 23 3.09 -5.53 -9.36
N DGL A 24 0.58 -2.35 -8.06
CA DGL A 24 0.15 -1.20 -8.83
C DGL A 24 -1.38 -1.14 -8.95
O DGL A 24 -1.93 -1.09 -10.05
CB DGL A 24 0.69 0.08 -8.21
CG DGL A 24 2.20 0.09 -8.07
CD DGL A 24 2.75 1.36 -7.49
OE1 DGL A 24 2.70 1.54 -6.25
OE2 DGL A 24 3.28 2.20 -8.25
H DGL A 24 0.92 -2.22 -7.14
HA DGL A 24 0.56 -1.30 -9.83
HB2 DGL A 24 0.27 0.20 -7.23
HB3 DGL A 24 0.39 0.92 -8.83
HG2 DGL A 24 2.63 -0.04 -9.06
HG3 DGL A 24 2.50 -0.73 -7.44
N SER A 25 -2.04 -1.19 -7.83
CA SER A 25 -3.47 -1.01 -7.77
C SER A 25 -3.76 0.38 -7.24
N ASP A 26 -4.90 0.93 -7.56
CA ASP A 26 -5.21 2.29 -7.16
C ASP A 26 -6.28 2.34 -6.08
N ASN A 1 -6.92 1.05 -5.60
CA ASN A 1 -7.87 1.12 -4.49
C ASN A 1 -7.41 2.20 -3.51
N PRO A 2 -8.14 3.34 -3.41
CA PRO A 2 -7.77 4.48 -2.55
C PRO A 2 -7.61 4.09 -1.08
N GLU A 3 -8.54 3.29 -0.59
CA GLU A 3 -8.52 2.86 0.81
C GLU A 3 -7.27 2.01 1.07
N LEU A 4 -6.95 1.15 0.12
CA LEU A 4 -5.79 0.30 0.21
C LEU A 4 -4.51 1.14 0.18
N GLN A 5 -4.50 2.15 -0.67
CA GLN A 5 -3.35 3.03 -0.78
C GLN A 5 -3.14 3.85 0.50
N ARG A 6 -4.23 4.11 1.23
CA ARG A 6 -4.10 4.78 2.53
C ARG A 6 -3.38 3.84 3.49
N LYS A 7 -3.75 2.57 3.43
CA LYS A 7 -3.10 1.51 4.20
C LYS A 7 -1.62 1.44 3.87
N CYS A 8 -1.26 1.55 2.59
CA CYS A 8 0.14 1.54 2.16
C CYS A 8 0.95 2.60 2.93
N LYS A 9 0.46 3.83 2.91
CA LYS A 9 1.17 4.94 3.53
C LYS A 9 0.98 4.91 5.05
N GLU A 10 0.02 4.16 5.52
CA GLU A 10 -0.20 4.00 6.95
C GLU A 10 0.81 2.99 7.49
N LEU A 11 1.03 1.95 6.72
CA LEU A 11 1.97 0.90 7.05
C LEU A 11 3.40 1.46 6.96
N DAS A 12 3.59 2.37 6.03
CA DAS A 12 4.84 3.08 5.89
C DAS A 12 5.63 2.54 4.74
O DAS A 12 5.21 2.63 3.59
CB DAS A 12 4.58 4.57 5.72
CG DAS A 12 5.82 5.38 5.44
OD1 DAS A 12 6.65 5.56 6.35
OD2 DAS A 12 5.95 5.90 4.32
H DAS A 12 2.87 2.52 5.38
HA DAS A 12 5.39 2.93 6.80
HB2 DAS A 12 4.12 4.95 6.62
HB3 DAS A 12 3.90 4.71 4.89
N THR A 13 6.76 1.98 5.04
CA THR A 13 7.59 1.34 4.04
C THR A 13 7.65 -0.16 4.29
N ARG A 14 7.00 -0.59 5.36
CA ARG A 14 6.99 -1.99 5.79
C ARG A 14 6.34 -2.90 4.74
N DPR A 15 6.85 -4.14 4.61
CA DPR A 15 6.33 -5.13 3.65
CB DPR A 15 7.19 -6.37 3.91
CG DPR A 15 7.72 -6.18 5.28
CD DPR A 15 7.94 -4.72 5.42
C DPR A 15 6.49 -4.66 2.20
O DPR A 15 5.78 -5.13 1.31
HA DPR A 15 5.29 -5.36 3.84
HB2 DPR A 15 7.99 -6.42 3.18
HB3 DPR A 15 6.59 -7.26 3.83
HG2 DPR A 15 8.65 -6.72 5.40
HG3 DPR A 15 7.00 -6.53 6.01
HD2 DPR A 15 8.90 -4.42 5.03
HD3 DPR A 15 7.85 -4.42 6.46
N DGL A 16 7.41 -3.71 1.97
CA DGL A 16 7.63 -3.16 0.65
C DGL A 16 6.34 -2.46 0.24
O DGL A 16 5.78 -2.77 -0.82
CB DGL A 16 8.82 -2.18 0.67
CG DGL A 16 9.47 -1.84 -0.70
CD DGL A 16 8.57 -1.14 -1.68
OE1 DGL A 16 8.24 -1.73 -2.73
OE2 DGL A 16 8.19 0.04 -1.43
H DGL A 16 7.94 -3.40 2.73
HA DGL A 16 7.83 -3.98 -0.03
HB2 DGL A 16 9.59 -2.60 1.31
HB3 DGL A 16 8.49 -1.25 1.10
HG2 DGL A 16 9.82 -2.76 -1.14
HG3 DGL A 16 10.33 -1.21 -0.52
N DAL A 17 5.84 -1.62 1.12
CA DAL A 17 4.62 -0.88 0.90
CB DAL A 17 4.36 0.09 2.03
C DAL A 17 3.44 -1.82 0.77
O DAL A 17 2.63 -1.66 -0.12
H DAL A 17 6.32 -1.50 1.97
HA DAL A 17 4.72 -0.31 -0.02
HB1 DAL A 17 5.19 0.77 2.12
HB2 DAL A 17 4.24 -0.46 2.95
HB3 DAL A 17 3.46 0.65 1.83
N DGL A 18 3.40 -2.82 1.64
CA DGL A 18 2.35 -3.84 1.66
C DGL A 18 2.21 -4.47 0.27
O DGL A 18 1.13 -4.48 -0.32
CB DGL A 18 2.71 -4.92 2.68
CG DGL A 18 1.65 -5.99 2.88
CD DGL A 18 0.36 -5.45 3.43
OE1 DGL A 18 -0.56 -5.18 2.65
OE2 DGL A 18 0.23 -5.31 4.67
H DGL A 18 4.11 -2.85 2.32
HA DGL A 18 1.42 -3.37 1.94
HB2 DGL A 18 2.90 -4.45 3.63
HB3 DGL A 18 3.62 -5.41 2.36
HG2 DGL A 18 2.04 -6.73 3.56
HG3 DGL A 18 1.45 -6.45 1.93
N DAR A 19 3.32 -4.93 -0.26
CA DAR A 19 3.33 -5.56 -1.56
CB DAR A 19 4.66 -6.26 -1.80
CG DAR A 19 4.98 -7.36 -0.79
CD DAR A 19 3.92 -8.45 -0.81
NE DAR A 19 3.85 -9.12 -2.11
CZ DAR A 19 2.76 -9.68 -2.64
NH1 DAR A 19 2.84 -10.30 -3.80
NH2 DAR A 19 1.59 -9.57 -2.02
C DAR A 19 3.06 -4.54 -2.66
O DAR A 19 2.38 -4.84 -3.65
H DAR A 19 4.16 -4.82 0.25
HA DAR A 19 2.53 -6.29 -1.58
HB2 DAR A 19 5.45 -5.53 -1.76
HB3 DAR A 19 4.65 -6.71 -2.79
HG2 DAR A 19 5.01 -6.92 0.20
HG3 DAR A 19 5.93 -7.80 -1.03
HD2 DAR A 19 2.96 -8.02 -0.57
HD3 DAR A 19 4.18 -9.18 -0.06
HE DAR A 19 4.71 -9.17 -2.59
HH11 DAR A 19 3.69 -10.39 -4.33
HH12 DAR A 19 2.02 -10.73 -4.21
HH21 DAR A 19 1.47 -9.07 -1.15
HH22 DAR A 19 0.75 -9.99 -2.39
N DLY A 20 3.55 -3.33 -2.47
CA DLY A 20 3.40 -2.27 -3.45
C DLY A 20 1.94 -1.80 -3.56
O DLY A 20 1.51 -1.25 -4.59
CB DLY A 20 4.36 -1.12 -3.16
CG DLY A 20 4.36 -0.02 -4.20
CD DLY A 20 5.61 0.82 -4.09
CE DLY A 20 5.64 1.93 -5.12
NZ DLY A 20 5.34 1.45 -6.48
H DLY A 20 4.03 -3.12 -1.64
HA DLY A 20 3.66 -2.70 -4.39
HB2 DLY A 20 5.37 -1.52 -3.09
HB3 DLY A 20 4.11 -0.68 -2.20
HG2 DLY A 20 3.50 0.61 -4.04
HG3 DLY A 20 4.31 -0.46 -5.18
HD2 DLY A 20 6.47 0.17 -4.24
HD3 DLY A 20 5.65 1.24 -3.10
HE2 DLY A 20 6.63 2.38 -5.11
HE3 DLY A 20 4.91 2.68 -4.85
HZ1 DLY A 20 5.73 2.09 -7.20
HZ2 DLY A 20 4.30 1.50 -6.58
HZ3 DLY A 20 5.64 0.46 -6.65
N DCY A 21 1.17 -2.02 -2.50
CA DCY A 21 -0.26 -1.78 -2.53
C DCY A 21 -0.88 -2.63 -3.66
O DCY A 21 -1.48 -2.09 -4.58
CB DCY A 21 -0.89 -2.17 -1.18
SG DCY A 21 -0.39 -1.14 0.23
H DCY A 21 1.59 -2.30 -1.65
HA DCY A 21 -0.43 -0.74 -2.73
HB2 DCY A 21 -0.60 -3.18 -0.96
HB3 DCY A 21 -1.97 -2.13 -1.26
N DAR A 22 -0.62 -3.94 -3.61
CA DAR A 22 -1.15 -4.88 -4.61
CB DAR A 22 -1.12 -6.31 -4.08
CG DAR A 22 -2.19 -6.63 -3.06
CD DAR A 22 -3.58 -6.65 -3.70
NE DAR A 22 -3.68 -7.69 -4.74
CZ DAR A 22 -4.44 -7.60 -5.86
NH1 DAR A 22 -5.14 -6.50 -6.11
NH2 DAR A 22 -4.48 -8.61 -6.72
C DAR A 22 -0.41 -4.78 -5.94
O DAR A 22 -0.88 -5.26 -6.97
H DAR A 22 -0.04 -4.27 -2.90
HA DAR A 22 -2.18 -4.61 -4.79
HB2 DAR A 22 -0.15 -6.48 -3.62
HB3 DAR A 22 -1.23 -6.99 -4.91
HG2 DAR A 22 -2.17 -5.87 -2.28
HG3 DAR A 22 -1.99 -7.60 -2.61
HD2 DAR A 22 -3.77 -5.68 -4.13
HD3 DAR A 22 -4.31 -6.86 -2.93
HE DAR A 22 -3.14 -8.49 -4.56
HH11 DAR A 22 -5.13 -5.71 -5.49
HH12 DAR A 22 -5.72 -6.40 -6.91
HH21 DAR A 22 -3.98 -9.48 -6.60
HH22 DAR A 22 -5.01 -8.54 -7.56
N DGL A 23 0.77 -4.20 -5.89
CA DGL A 23 1.59 -3.96 -7.07
C DGL A 23 0.86 -3.01 -8.03
O DGL A 23 0.67 -3.31 -9.21
CB DGL A 23 2.92 -3.34 -6.64
CG DGL A 23 3.89 -3.02 -7.76
CD DGL A 23 5.13 -2.32 -7.24
OE1 DGL A 23 5.24 -1.08 -7.37
OE2 DGL A 23 6.02 -2.99 -6.70
H DGL A 23 1.13 -3.97 -5.01
HA DGL A 23 1.77 -4.90 -7.57
HB2 DGL A 23 3.40 -4.02 -5.96
HB3 DGL A 23 2.70 -2.42 -6.14
HG2 DGL A 23 3.40 -2.38 -8.48
HG3 DGL A 23 4.18 -3.94 -8.25
N DGL A 24 0.39 -1.89 -7.49
CA DGL A 24 -0.23 -0.88 -8.33
C DGL A 24 -1.74 -0.87 -8.26
O DGL A 24 -2.39 -0.34 -9.17
CB DGL A 24 0.33 0.49 -8.00
CG DGL A 24 1.81 0.60 -8.22
CD DGL A 24 2.35 1.94 -7.85
OE1 DGL A 24 2.75 2.11 -6.69
OE2 DGL A 24 2.44 2.84 -8.72
H DGL A 24 0.46 -1.76 -6.53
HA DGL A 24 0.06 -1.11 -9.35
HB2 DGL A 24 0.13 0.70 -6.96
HB3 DGL A 24 -0.17 1.21 -8.61
HG2 DGL A 24 2.01 0.41 -9.26
HG3 DGL A 24 2.31 -0.15 -7.63
N SER A 25 -2.31 -1.43 -7.22
CA SER A 25 -3.75 -1.43 -7.09
C SER A 25 -4.26 0.00 -6.86
N ASP A 26 -5.26 0.37 -7.62
CA ASP A 26 -5.80 1.74 -7.63
C ASP A 26 -6.85 1.97 -6.54
N ASN A 1 -6.72 1.65 -5.74
CA ASN A 1 -7.80 1.48 -4.80
C ASN A 1 -7.48 2.22 -3.51
N PRO A 2 -8.40 3.11 -3.08
CA PRO A 2 -8.25 3.95 -1.88
C PRO A 2 -7.74 3.20 -0.66
N GLU A 3 -8.38 2.07 -0.33
CA GLU A 3 -8.00 1.28 0.85
C GLU A 3 -6.55 0.82 0.78
N LEU A 4 -6.12 0.42 -0.39
CA LEU A 4 -4.77 -0.04 -0.59
C LEU A 4 -3.79 1.11 -0.45
N GLN A 5 -4.04 2.18 -1.19
CA GLN A 5 -3.16 3.35 -1.19
C GLN A 5 -3.11 4.05 0.17
N ARG A 6 -4.19 3.98 0.91
CA ARG A 6 -4.20 4.50 2.26
C ARG A 6 -3.41 3.63 3.20
N LYS A 7 -3.47 2.34 3.00
CA LYS A 7 -2.72 1.45 3.85
C LYS A 7 -1.26 1.45 3.50
N CYS A 8 -0.94 1.89 2.29
CA CYS A 8 0.44 2.15 1.92
C CYS A 8 0.97 3.26 2.82
N LYS A 9 0.09 4.20 3.18
CA LYS A 9 0.46 5.30 4.04
C LYS A 9 0.53 4.82 5.49
N GLU A 10 -0.38 3.91 5.86
CA GLU A 10 -0.41 3.35 7.20
C GLU A 10 0.83 2.50 7.46
N LEU A 11 1.20 1.69 6.49
CA LEU A 11 2.36 0.82 6.61
C LEU A 11 3.65 1.57 6.30
N DAS A 12 3.59 2.54 5.44
CA DAS A 12 4.77 3.31 5.11
C DAS A 12 5.56 2.62 4.04
O DAS A 12 5.04 2.29 2.98
CB DAS A 12 4.44 4.75 4.71
CG DAS A 12 5.66 5.55 4.37
OD1 DAS A 12 5.88 5.88 3.18
OD2 DAS A 12 6.45 5.89 5.31
H DAS A 12 2.76 2.74 4.95
HA DAS A 12 5.36 3.33 6.02
HB2 DAS A 12 3.91 5.24 5.51
HB3 DAS A 12 3.80 4.73 3.84
N THR A 13 6.81 2.41 4.30
CA THR A 13 7.66 1.70 3.39
C THR A 13 7.94 0.30 3.95
N ARG A 14 7.36 0.04 5.11
CA ARG A 14 7.56 -1.19 5.85
C ARG A 14 6.71 -2.31 5.26
N DPR A 15 7.19 -3.56 5.31
CA DPR A 15 6.44 -4.72 4.81
CB DPR A 15 7.30 -5.93 5.23
CG DPR A 15 8.30 -5.39 6.19
CD DPR A 15 8.49 -3.95 5.87
C DPR A 15 6.30 -4.69 3.28
O DPR A 15 5.39 -5.28 2.72
HA DPR A 15 5.46 -4.79 5.25
HB2 DPR A 15 7.78 -6.35 4.36
HB3 DPR A 15 6.66 -6.68 5.69
HG2 DPR A 15 9.23 -5.94 6.09
HG3 DPR A 15 7.93 -5.50 7.21
HD2 DPR A 15 9.27 -3.83 5.14
HD3 DPR A 15 8.72 -3.39 6.76
N DGL A 16 7.20 -3.94 2.65
CA DGL A 16 7.22 -3.80 1.20
C DGL A 16 5.96 -3.08 0.71
O DGL A 16 5.50 -3.31 -0.41
CB DGL A 16 8.48 -3.04 0.76
CG DGL A 16 8.66 -2.92 -0.73
CD DGL A 16 9.94 -2.23 -1.09
OE1 DGL A 16 10.99 -2.92 -1.15
OE2 DGL A 16 9.95 -1.02 -1.31
H DGL A 16 7.87 -3.48 3.18
HA DGL A 16 7.24 -4.79 0.77
HB2 DGL A 16 9.34 -3.55 1.17
HB3 DGL A 16 8.44 -2.05 1.19
HG2 DGL A 16 7.83 -2.34 -1.13
HG3 DGL A 16 8.65 -3.91 -1.17
N DAL A 17 5.40 -2.26 1.59
CA DAL A 17 4.20 -1.50 1.28
CB DAL A 17 3.81 -0.61 2.43
C DAL A 17 3.05 -2.42 0.91
O DAL A 17 2.35 -2.15 -0.03
H DAL A 17 5.79 -2.18 2.49
HA DAL A 17 4.44 -0.88 0.43
HB1 DAL A 17 3.56 -1.22 3.29
HB2 DAL A 17 2.96 0.00 2.15
HB3 DAL A 17 4.64 0.04 2.69
N DGL A 18 2.93 -3.54 1.62
CA DGL A 18 1.83 -4.49 1.38
C DGL A 18 1.82 -4.95 -0.07
O DGL A 18 0.78 -4.93 -0.73
CB DGL A 18 1.98 -5.70 2.31
CG DGL A 18 0.87 -6.72 2.16
CD DGL A 18 -0.48 -6.21 2.62
OE1 DGL A 18 -1.33 -5.86 1.76
OE2 DGL A 18 -0.71 -6.17 3.84
H DGL A 18 3.59 -3.73 2.32
HA DGL A 18 0.90 -3.99 1.60
HB2 DGL A 18 1.99 -5.36 3.34
HB3 DGL A 18 2.93 -6.18 2.10
HG2 DGL A 18 1.13 -7.62 2.71
HG3 DGL A 18 0.79 -6.94 1.11
N DAR A 19 2.99 -5.32 -0.58
CA DAR A 19 3.13 -5.76 -1.96
CB DAR A 19 4.55 -6.29 -2.22
CG DAR A 19 4.83 -6.71 -3.66
CD DAR A 19 3.99 -7.89 -4.08
NE DAR A 19 4.34 -8.35 -5.44
CZ DAR A 19 4.40 -9.63 -5.81
NH1 DAR A 19 4.74 -9.94 -7.07
NH2 DAR A 19 4.13 -10.61 -4.95
C DAR A 19 2.83 -4.61 -2.88
O DAR A 19 2.01 -4.72 -3.76
H DAR A 19 3.78 -5.25 -0.01
HA DAR A 19 2.41 -6.55 -2.14
HB2 DAR A 19 4.71 -7.14 -1.58
HB3 DAR A 19 5.26 -5.51 -1.95
HG2 DAR A 19 5.87 -6.98 -3.75
HG3 DAR A 19 4.61 -5.88 -4.32
HD2 DAR A 19 2.94 -7.61 -4.07
HD3 DAR A 19 4.15 -8.70 -3.39
HE DAR A 19 4.52 -7.62 -6.09
HH11 DAR A 19 4.96 -9.23 -7.76
HH12 DAR A 19 4.80 -10.89 -7.41
HH21 DAR A 19 3.86 -10.41 -4.01
HH22 DAR A 19 4.19 -11.57 -5.22
N DLY A 20 3.48 -3.49 -2.59
CA DLY A 20 3.37 -2.28 -3.37
C DLY A 20 1.92 -1.84 -3.53
O DLY A 20 1.47 -1.60 -4.64
CB DLY A 20 4.20 -1.18 -2.71
CG DLY A 20 4.13 0.18 -3.39
CD DLY A 20 5.02 1.18 -2.67
CE DLY A 20 4.92 2.56 -3.29
NZ DLY A 20 3.58 3.15 -3.12
H DLY A 20 4.07 -3.48 -1.80
HA DLY A 20 3.78 -2.47 -4.35
HB2 DLY A 20 5.23 -1.49 -2.67
HB3 DLY A 20 3.85 -1.04 -1.70
HG2 DLY A 20 3.12 0.54 -3.38
HG3 DLY A 20 4.47 0.08 -4.41
HD2 DLY A 20 6.04 0.84 -2.72
HD3 DLY A 20 4.71 1.23 -1.64
HE2 DLY A 20 5.15 2.48 -4.34
HE3 DLY A 20 5.65 3.20 -2.81
HZ1 DLY A 20 3.27 3.18 -2.14
HZ2 DLY A 20 2.84 2.63 -3.67
HZ3 DLY A 20 3.57 4.13 -3.47
N DCY A 21 1.19 -1.80 -2.43
CA DCY A 21 -0.20 -1.38 -2.42
C DCY A 21 -1.03 -2.22 -3.39
O DCY A 21 -1.72 -1.68 -4.29
CB DCY A 21 -0.77 -1.51 -1.01
SG DCY A 21 -0.01 -0.39 0.20
H DCY A 21 1.59 -2.06 -1.57
HA DCY A 21 -0.25 -0.35 -2.72
HB2 DCY A 21 -0.58 -2.52 -0.67
HB3 DCY A 21 -1.84 -1.32 -1.01
N DAR A 22 -0.90 -3.53 -3.25
CA DAR A 22 -1.66 -4.47 -4.03
CB DAR A 22 -1.47 -5.90 -3.49
CG DAR A 22 -1.89 -6.06 -2.04
CD DAR A 22 -1.70 -7.49 -1.55
NE DAR A 22 -2.10 -7.62 -0.15
CZ DAR A 22 -2.81 -8.64 0.35
NH1 DAR A 22 -3.13 -9.70 -0.40
NH2 DAR A 22 -3.19 -8.60 1.63
C DAR A 22 -1.24 -4.42 -5.49
O DAR A 22 -2.09 -4.41 -6.38
H DAR A 22 -0.24 -3.87 -2.60
HA DAR A 22 -2.70 -4.20 -3.94
HB2 DAR A 22 -0.43 -6.17 -3.57
HB3 DAR A 22 -2.06 -6.58 -4.09
HG2 DAR A 22 -2.93 -5.78 -1.94
HG3 DAR A 22 -1.29 -5.41 -1.43
HD2 DAR A 22 -0.68 -7.76 -1.67
HD3 DAR A 22 -2.33 -8.12 -2.15
HE DAR A 22 -1.81 -6.88 0.43
HH11 DAR A 22 -2.83 -9.78 -1.35
HH12 DAR A 22 -3.67 -10.45 -0.03
HH21 DAR A 22 -2.95 -7.82 2.21
HH22 DAR A 22 -3.73 -9.32 2.05
N DGL A 23 0.06 -4.34 -5.70
CA DGL A 23 0.67 -4.36 -7.01
C DGL A 23 0.34 -3.09 -7.81
O DGL A 23 0.02 -3.17 -9.01
CB DGL A 23 2.18 -4.56 -6.84
CG DGL A 23 2.98 -4.76 -8.09
CD DGL A 23 4.34 -5.32 -7.76
OE1 DGL A 23 5.33 -4.56 -7.73
OE2 DGL A 23 4.43 -6.55 -7.50
H DGL A 23 0.66 -4.27 -4.93
HA DGL A 23 0.26 -5.21 -7.55
HB2 DGL A 23 2.32 -5.42 -6.19
HB3 DGL A 23 2.57 -3.70 -6.33
HG2 DGL A 23 3.12 -3.81 -8.58
HG3 DGL A 23 2.47 -5.44 -8.75
N DGL A 24 0.40 -1.94 -7.15
CA DGL A 24 0.04 -0.69 -7.82
C DGL A 24 -1.44 -0.68 -8.14
O DGL A 24 -1.83 -0.55 -9.30
CB DGL A 24 0.34 0.54 -6.96
CG DGL A 24 1.79 0.79 -6.63
CD DGL A 24 1.99 2.09 -5.87
OE1 DGL A 24 2.47 3.07 -6.48
OE2 DGL A 24 1.68 2.15 -4.68
H DGL A 24 0.70 -1.92 -6.22
HA DGL A 24 0.60 -0.62 -8.73
HB2 DGL A 24 -0.20 0.45 -6.03
HB3 DGL A 24 -0.03 1.42 -7.47
HG2 DGL A 24 2.34 0.84 -7.56
HG3 DGL A 24 2.16 -0.03 -6.03
N SER A 25 -2.25 -0.85 -7.13
CA SER A 25 -3.65 -0.68 -7.32
C SER A 25 -4.02 0.70 -6.85
N ASP A 26 -4.89 1.35 -7.57
CA ASP A 26 -5.28 2.75 -7.27
C ASP A 26 -6.43 2.78 -6.31
N ASN A 1 -7.21 1.03 -5.59
CA ASN A 1 -8.12 0.98 -4.46
C ASN A 1 -7.50 1.83 -3.33
N PRO A 2 -8.18 2.92 -2.93
CA PRO A 2 -7.69 3.86 -1.92
C PRO A 2 -7.29 3.19 -0.60
N GLU A 3 -8.07 2.19 -0.18
CA GLU A 3 -7.81 1.46 1.04
C GLU A 3 -6.45 0.78 0.98
N LEU A 4 -6.18 0.15 -0.14
CA LEU A 4 -4.94 -0.56 -0.34
C LEU A 4 -3.76 0.40 -0.43
N GLN A 5 -3.96 1.48 -1.14
CA GLN A 5 -2.90 2.48 -1.36
C GLN A 5 -2.57 3.26 -0.08
N ARG A 6 -3.60 3.80 0.55
CA ARG A 6 -3.43 4.62 1.76
C ARG A 6 -2.97 3.81 2.94
N LYS A 7 -3.26 2.53 2.91
CA LYS A 7 -2.88 1.61 3.97
C LYS A 7 -1.40 1.68 4.22
N CYS A 8 -0.62 1.54 3.16
CA CYS A 8 0.83 1.57 3.25
C CYS A 8 1.31 2.90 3.74
N LYS A 9 0.68 3.95 3.26
CA LYS A 9 1.05 5.30 3.59
C LYS A 9 0.90 5.58 5.07
N GLU A 10 -0.15 5.04 5.66
CA GLU A 10 -0.38 5.20 7.08
C GLU A 10 0.31 4.11 7.91
N LEU A 11 0.70 3.04 7.25
CA LEU A 11 1.42 1.95 7.89
C LEU A 11 2.89 2.30 8.02
N DAS A 12 3.53 2.61 6.90
CA DAS A 12 4.93 2.93 6.88
C DAS A 12 5.58 2.39 5.61
O DAS A 12 4.99 2.42 4.54
CB DAS A 12 5.15 4.44 7.00
CG DAS A 12 6.61 4.81 7.02
OD1 DAS A 12 7.33 4.45 7.99
OD2 DAS A 12 7.06 5.48 6.09
H DAS A 12 3.04 2.65 6.04
HA DAS A 12 5.39 2.44 7.74
HB2 DAS A 12 4.70 4.80 7.91
HB3 DAS A 12 4.69 4.92 6.16
N THR A 13 6.78 1.89 5.73
CA THR A 13 7.52 1.34 4.62
C THR A 13 7.83 -0.14 4.85
N ARG A 14 6.85 -0.83 5.39
CA ARG A 14 6.97 -2.25 5.69
C ARG A 14 6.07 -3.03 4.73
N DPR A 15 6.32 -4.35 4.55
CA DPR A 15 5.51 -5.21 3.68
CB DPR A 15 5.95 -6.64 4.03
CG DPR A 15 6.82 -6.51 5.23
CD DPR A 15 7.40 -5.14 5.18
C DPR A 15 5.79 -4.93 2.20
O DPR A 15 4.97 -5.21 1.34
HA DPR A 15 4.45 -5.08 3.87
HB2 DPR A 15 6.48 -7.05 3.19
HB3 DPR A 15 5.08 -7.24 4.25
HG2 DPR A 15 7.60 -7.24 5.19
HG3 DPR A 15 6.24 -6.63 6.13
HD2 DPR A 15 8.28 -5.12 4.55
HD3 DPR A 15 7.64 -4.77 6.17
N DGL A 16 6.96 -4.35 1.94
CA DGL A 16 7.37 -4.00 0.60
C DGL A 16 6.39 -2.98 0.03
O DGL A 16 5.96 -3.08 -1.12
CB DGL A 16 8.76 -3.38 0.67
CG DGL A 16 9.46 -3.21 -0.67
CD DGL A 16 9.69 -4.53 -1.36
OE1 DGL A 16 9.14 -4.74 -2.44
OE2 DGL A 16 10.40 -5.38 -0.82
H DGL A 16 7.55 -4.18 2.69
HA DGL A 16 7.39 -4.88 -0.02
HB2 DGL A 16 9.38 -4.00 1.30
HB3 DGL A 16 8.68 -2.40 1.12
HG2 DGL A 16 10.42 -2.74 -0.51
HG3 DGL A 16 8.86 -2.59 -1.30
N DAL A 17 6.00 -2.03 0.88
CA DAL A 17 5.06 -1.00 0.50
CB DAL A 17 4.99 0.08 1.57
C DAL A 17 3.70 -1.62 0.24
O DAL A 17 3.11 -1.40 -0.79
H DAL A 17 6.35 -2.04 1.80
HA DAL A 17 5.42 -0.56 -0.42
HB1 DAL A 17 5.98 0.46 1.76
HB2 DAL A 17 4.58 -0.34 2.48
HB3 DAL A 17 4.36 0.87 1.22
N DGL A 18 3.28 -2.47 1.19
CA DGL A 18 2.02 -3.24 1.13
C DGL A 18 1.88 -3.93 -0.24
O DGL A 18 0.88 -3.79 -0.95
CB DGL A 18 2.06 -4.28 2.25
CG DGL A 18 0.93 -5.28 2.26
CD DGL A 18 -0.41 -4.67 2.49
OE1 DGL A 18 -0.70 -4.24 3.63
OE2 DGL A 18 -1.21 -4.65 1.57
H DGL A 18 3.85 -2.59 1.98
HA DGL A 18 1.20 -2.56 1.28
HB2 DGL A 18 2.07 -3.76 3.20
HB3 DGL A 18 2.99 -4.84 2.16
HG2 DGL A 18 1.12 -6.03 3.02
HG3 DGL A 18 0.91 -5.75 1.30
N DAR A 19 2.92 -4.65 -0.59
CA DAR A 19 2.99 -5.38 -1.84
CB DAR A 19 4.29 -6.16 -1.91
CG DAR A 19 4.36 -7.34 -0.94
CD DAR A 19 5.77 -7.88 -0.84
NE DAR A 19 6.37 -8.07 -2.17
CZ DAR A 19 7.67 -7.88 -2.43
NH1 DAR A 19 8.11 -7.97 -3.68
NH2 DAR A 19 8.53 -7.64 -1.44
C DAR A 19 2.88 -4.44 -3.03
O DAR A 19 2.07 -4.68 -3.92
H DAR A 19 3.68 -4.70 0.03
HA DAR A 19 2.16 -6.08 -1.86
HB2 DAR A 19 5.11 -5.49 -1.67
HB3 DAR A 19 4.42 -6.54 -2.91
HG2 DAR A 19 3.69 -8.12 -1.28
HG3 DAR A 19 4.04 -7.00 0.03
HD2 DAR A 19 5.74 -8.83 -0.33
HD3 DAR A 19 6.37 -7.18 -0.28
HE DAR A 19 5.75 -8.33 -2.89
HH11 DAR A 19 7.48 -8.19 -4.43
HH12 DAR A 19 9.07 -7.82 -3.93
HH21 DAR A 19 8.24 -7.61 -0.48
HH22 DAR A 19 9.50 -7.42 -1.59
N DLY A 20 3.66 -3.38 -3.01
CA DLY A 20 3.68 -2.42 -4.11
C DLY A 20 2.30 -1.75 -4.27
O DLY A 20 1.85 -1.53 -5.39
CB DLY A 20 4.83 -1.39 -3.87
CG DLY A 20 5.26 -0.53 -5.07
CD DLY A 20 4.28 0.59 -5.40
CE DLY A 20 4.79 1.42 -6.58
NZ DLY A 20 3.95 2.61 -6.81
H DLY A 20 4.25 -3.23 -2.24
HA DLY A 20 3.90 -2.98 -5.01
HB2 DLY A 20 5.70 -1.94 -3.52
HB3 DLY A 20 4.52 -0.72 -3.09
HG2 DLY A 20 5.37 -1.17 -5.93
HG3 DLY A 20 6.21 -0.08 -4.85
HD2 DLY A 20 4.16 1.22 -4.54
HD3 DLY A 20 3.33 0.15 -5.67
HE2 DLY A 20 4.78 0.80 -7.46
HE3 DLY A 20 5.79 1.74 -6.37
HZ1 DLY A 20 4.18 3.08 -7.72
HZ2 DLY A 20 4.11 3.31 -6.08
HZ3 DLY A 20 2.92 2.41 -6.79
N DCY A 21 1.63 -1.47 -3.16
CA DCY A 21 0.29 -0.87 -3.18
C DCY A 21 -0.71 -1.78 -3.85
O DCY A 21 -1.49 -1.36 -4.69
CB DCY A 21 -0.20 -0.58 -1.77
SG DCY A 21 0.77 0.65 -0.89
H DCY A 21 2.05 -1.66 -2.29
HA DCY A 21 0.34 0.05 -3.72
HB2 DCY A 21 -0.16 -1.49 -1.21
HB3 DCY A 21 -1.22 -0.22 -1.82
N DAR A 22 -0.69 -3.04 -3.48
CA DAR A 22 -1.60 -3.99 -4.06
CB DAR A 22 -1.78 -5.21 -3.16
CG DAR A 22 -2.57 -4.90 -1.90
CD DAR A 22 -2.74 -6.13 -1.03
NE DAR A 22 -1.48 -6.53 -0.37
CZ DAR A 22 -0.82 -7.68 -0.58
NH1 DAR A 22 -1.27 -8.55 -1.49
NH2 DAR A 22 0.27 -7.97 0.13
C DAR A 22 -1.20 -4.37 -5.47
O DAR A 22 -2.02 -4.84 -6.25
H DAR A 22 -0.02 -3.34 -2.81
HA DAR A 22 -2.55 -3.48 -4.12
HB2 DAR A 22 -0.81 -5.58 -2.88
HB3 DAR A 22 -2.30 -5.96 -3.72
HG2 DAR A 22 -3.54 -4.53 -2.17
HG3 DAR A 22 -2.04 -4.16 -1.32
HD2 DAR A 22 -3.08 -6.95 -1.65
HD3 DAR A 22 -3.48 -5.92 -0.27
HE DAR A 22 -1.20 -5.84 0.29
HH11 DAR A 22 -2.09 -8.38 -2.03
HH12 DAR A 22 -0.77 -9.40 -1.67
HH21 DAR A 22 0.62 -7.35 0.83
HH22 DAR A 22 0.78 -8.81 -0.01
N DGL A 23 0.06 -4.15 -5.80
CA DGL A 23 0.56 -4.39 -7.13
C DGL A 23 0.04 -3.31 -8.08
O DGL A 23 -0.45 -3.61 -9.17
CB DGL A 23 2.09 -4.39 -7.14
CG DGL A 23 2.72 -4.66 -8.49
CD DGL A 23 4.20 -4.60 -8.45
OE1 DGL A 23 4.78 -3.52 -8.72
OE2 DGL A 23 4.84 -5.61 -8.14
H DGL A 23 0.68 -3.85 -5.10
HA DGL A 23 0.20 -5.34 -7.46
HB2 DGL A 23 2.43 -5.16 -6.45
HB3 DGL A 23 2.44 -3.44 -6.79
HG2 DGL A 23 2.35 -3.91 -9.20
HG3 DGL A 23 2.42 -5.64 -8.83
N DGL A 24 0.16 -2.03 -7.65
CA DGL A 24 -0.32 -0.93 -8.47
C DGL A 24 -1.85 -0.92 -8.53
O DGL A 24 -2.43 -0.76 -9.61
CB DGL A 24 0.22 0.45 -8.00
CG DGL A 24 -0.12 0.84 -6.56
CD DGL A 24 0.25 2.27 -6.23
OE1 DGL A 24 1.45 2.57 -6.09
OE2 DGL A 24 -0.65 3.13 -6.07
H DGL A 24 0.57 -1.86 -6.78
HA DGL A 24 0.04 -1.12 -9.47
HB2 DGL A 24 -0.16 1.21 -8.66
HB3 DGL A 24 1.30 0.44 -8.08
HG2 DGL A 24 0.39 0.18 -5.89
HG3 DGL A 24 -1.19 0.73 -6.42
N SER A 25 -2.47 -1.13 -7.39
CA SER A 25 -3.90 -1.11 -7.29
C SER A 25 -4.37 0.35 -7.30
N ASP A 26 -5.63 0.55 -7.57
CA ASP A 26 -6.20 1.89 -7.59
C ASP A 26 -7.27 1.98 -6.51
N ASN A 1 -6.65 1.34 -5.68
CA ASN A 1 -7.62 1.46 -4.57
C ASN A 1 -7.16 2.44 -3.49
N PRO A 2 -7.90 3.57 -3.31
CA PRO A 2 -7.59 4.60 -2.29
C PRO A 2 -7.44 4.02 -0.89
N GLU A 3 -8.26 3.04 -0.56
CA GLU A 3 -8.24 2.40 0.74
C GLU A 3 -6.94 1.62 0.94
N LEU A 4 -6.40 1.08 -0.13
CA LEU A 4 -5.17 0.33 -0.05
C LEU A 4 -3.99 1.29 -0.03
N GLN A 5 -4.14 2.42 -0.71
CA GLN A 5 -3.14 3.48 -0.66
C GLN A 5 -2.99 3.95 0.79
N ARG A 6 -4.12 4.13 1.44
CA ARG A 6 -4.18 4.49 2.85
C ARG A 6 -3.50 3.44 3.72
N LYS A 7 -3.76 2.18 3.38
CA LYS A 7 -3.19 1.02 4.08
C LYS A 7 -1.66 1.13 4.15
N CYS A 8 -1.05 1.34 3.00
CA CYS A 8 0.39 1.47 2.92
C CYS A 8 0.87 2.74 3.56
N LYS A 9 0.09 3.79 3.43
CA LYS A 9 0.45 5.08 3.95
C LYS A 9 0.51 5.05 5.48
N GLU A 10 -0.41 4.34 6.10
CA GLU A 10 -0.39 4.21 7.53
C GLU A 10 0.56 3.11 7.99
N LEU A 11 0.82 2.16 7.11
CA LEU A 11 1.74 1.08 7.37
C LEU A 11 3.19 1.59 7.37
N DAS A 12 3.52 2.41 6.41
CA DAS A 12 4.88 2.88 6.27
C DAS A 12 5.49 2.16 5.10
O DAS A 12 4.76 1.60 4.28
CB DAS A 12 4.98 4.42 6.05
CG DAS A 12 4.87 4.87 4.58
OD1 DAS A 12 3.78 5.30 4.15
OD2 DAS A 12 5.90 4.85 3.85
H DAS A 12 2.88 2.69 5.72
HA DAS A 12 5.41 2.61 7.16
HB2 DAS A 12 5.92 4.75 6.43
HB3 DAS A 12 4.18 4.90 6.58
N THR A 13 6.77 2.10 5.06
CA THR A 13 7.46 1.48 3.96
C THR A 13 7.66 -0.02 4.25
N ARG A 14 7.01 -0.47 5.30
CA ARG A 14 7.07 -1.84 5.74
C ARG A 14 6.29 -2.73 4.76
N DPR A 15 6.74 -3.98 4.55
CA DPR A 15 6.03 -4.92 3.67
CB DPR A 15 6.68 -6.27 3.99
CG DPR A 15 8.06 -5.93 4.47
CD DPR A 15 7.96 -4.59 5.13
C DPR A 15 6.18 -4.56 2.20
O DPR A 15 5.38 -4.98 1.34
HA DPR A 15 4.97 -4.96 3.91
HB2 DPR A 15 6.72 -6.86 3.08
HB3 DPR A 15 6.11 -6.78 4.75
HG2 DPR A 15 8.74 -5.89 3.63
HG3 DPR A 15 8.40 -6.68 5.17
HD2 DPR A 15 8.83 -3.99 4.90
HD3 DPR A 15 7.86 -4.70 6.20
N DGL A 16 7.19 -3.73 1.91
CA DGL A 16 7.52 -3.29 0.57
C DGL A 16 6.39 -2.46 -0.01
O DGL A 16 5.93 -2.72 -1.14
CB DGL A 16 8.81 -2.46 0.59
CG DGL A 16 9.23 -1.96 -0.78
CD DGL A 16 10.47 -1.10 -0.72
OE1 DGL A 16 11.56 -1.64 -0.49
OE2 DGL A 16 10.38 0.15 -0.90
H DGL A 16 7.72 -3.41 2.67
HA DGL A 16 7.67 -4.16 -0.05
HB2 DGL A 16 9.60 -3.06 0.99
HB3 DGL A 16 8.66 -1.61 1.23
HG2 DGL A 16 8.43 -1.38 -1.20
HG3 DGL A 16 9.44 -2.80 -1.42
N DAL A 17 5.92 -1.48 0.76
CA DAL A 17 4.87 -0.59 0.30
CB DAL A 17 4.70 0.56 1.26
C DAL A 17 3.59 -1.36 0.11
O DAL A 17 2.92 -1.21 -0.89
H DAL A 17 6.29 -1.38 1.66
HA DAL A 17 5.18 -0.20 -0.66
HB1 DAL A 17 3.95 1.24 0.87
HB2 DAL A 17 5.63 1.09 1.37
HB3 DAL A 17 4.37 0.19 2.22
N DGL A 18 3.29 -2.22 1.10
CA DGL A 18 2.11 -3.10 1.07
C DGL A 18 2.06 -3.86 -0.26
O DGL A 18 1.08 -3.80 -1.00
CB DGL A 18 2.23 -4.11 2.21
CG DGL A 18 1.07 -5.09 2.35
CD DGL A 18 -0.19 -4.48 2.90
OE1 DGL A 18 -1.13 -4.26 2.13
OE2 DGL A 18 -0.28 -4.28 4.13
H DGL A 18 3.89 -2.26 1.87
HA DGL A 18 1.21 -2.50 1.19
HB2 DGL A 18 2.32 -3.56 3.14
HB3 DGL A 18 3.13 -4.68 2.07
HG2 DGL A 18 1.38 -5.90 3.00
HG3 DGL A 18 0.86 -5.49 1.38
N DAR A 19 3.17 -4.52 -0.57
CA DAR A 19 3.28 -5.30 -1.79
CB DAR A 19 4.59 -6.10 -1.85
CG DAR A 19 4.78 -6.88 -3.16
CD DAR A 19 3.67 -7.91 -3.35
NE DAR A 19 3.67 -8.48 -4.70
CZ DAR A 19 3.12 -9.63 -5.06
NH1 DAR A 19 3.02 -9.96 -6.34
NH2 DAR A 19 2.67 -10.47 -4.12
C DAR A 19 3.15 -4.41 -3.02
O DAR A 19 2.47 -4.77 -3.97
H DAR A 19 3.92 -4.45 0.05
HA DAR A 19 2.45 -5.99 -1.79
HB2 DAR A 19 4.60 -6.81 -1.03
HB3 DAR A 19 5.43 -5.41 -1.73
HG2 DAR A 19 5.74 -7.39 -3.13
HG3 DAR A 19 4.75 -6.18 -3.98
HD2 DAR A 19 2.72 -7.44 -3.17
HD3 DAR A 19 3.82 -8.70 -2.65
HE DAR A 19 4.08 -7.89 -5.38
HH11 DAR A 19 3.35 -9.34 -7.07
HH12 DAR A 19 2.63 -10.83 -6.64
HH21 DAR A 19 2.75 -10.26 -3.15
HH22 DAR A 19 2.25 -11.36 -4.34
N DLY A 20 3.78 -3.24 -2.97
CA DLY A 20 3.73 -2.28 -4.07
C DLY A 20 2.29 -1.95 -4.39
O DLY A 20 1.85 -2.08 -5.53
CB DLY A 20 4.46 -0.99 -3.67
CG DLY A 20 4.51 0.09 -4.74
CD DLY A 20 5.11 1.38 -4.21
CE DLY A 20 4.20 2.07 -3.18
NZ DLY A 20 2.95 2.61 -3.80
H DLY A 20 4.30 -3.03 -2.16
HA DLY A 20 4.21 -2.71 -4.93
HB2 DLY A 20 5.49 -1.24 -3.40
HB3 DLY A 20 3.97 -0.59 -2.79
HG2 DLY A 20 3.50 0.28 -5.07
HG3 DLY A 20 5.10 -0.27 -5.57
HD2 DLY A 20 5.27 2.06 -5.04
HD3 DLY A 20 6.05 1.17 -3.74
HE2 DLY A 20 4.75 2.87 -2.73
HE3 DLY A 20 3.93 1.36 -2.42
HZ1 DLY A 20 2.43 1.91 -4.37
HZ2 DLY A 20 3.18 3.43 -4.39
HZ3 DLY A 20 2.33 2.95 -3.04
N DCY A 21 1.55 -1.60 -3.36
CA DCY A 21 0.16 -1.23 -3.48
C DCY A 21 -0.66 -2.37 -4.01
O DCY A 21 -1.41 -2.20 -4.96
CB DCY A 21 -0.39 -0.86 -2.13
SG DCY A 21 0.40 0.54 -1.33
H DCY A 21 1.95 -1.60 -2.45
HA DCY A 21 0.08 -0.38 -4.12
HB2 DCY A 21 -0.25 -1.72 -1.48
HB3 DCY A 21 -1.44 -0.64 -2.21
N DAR A 22 -0.50 -3.55 -3.44
CA DAR A 22 -1.30 -4.70 -3.82
CB DAR A 22 -1.16 -5.82 -2.80
CG DAR A 22 -1.59 -5.42 -1.39
CD DAR A 22 -1.59 -6.59 -0.44
NE DAR A 22 -2.61 -7.58 -0.85
CZ DAR A 22 -2.75 -8.80 -0.32
NH1 DAR A 22 -1.90 -9.24 0.59
NH2 DAR A 22 -3.73 -9.59 -0.74
C DAR A 22 -0.95 -5.20 -5.21
O DAR A 22 -1.76 -5.86 -5.85
H DAR A 22 0.18 -3.65 -2.73
HA DAR A 22 -2.33 -4.38 -3.84
HB2 DAR A 22 -0.13 -6.13 -2.75
HB3 DAR A 22 -1.76 -6.66 -3.11
HG2 DAR A 22 -2.58 -4.99 -1.43
HG3 DAR A 22 -0.89 -4.67 -1.01
HD2 DAR A 22 -1.81 -6.25 0.55
HD3 DAR A 22 -0.62 -7.06 -0.46
HE DAR A 22 -3.23 -7.25 -1.54
HH11 DAR A 22 -1.14 -8.69 0.94
HH12 DAR A 22 -2.00 -10.15 0.99
HH21 DAR A 22 -4.38 -9.29 -1.44
HH22 DAR A 22 -3.86 -10.52 -0.37
N DGL A 23 0.23 -4.87 -5.67
CA DGL A 23 0.68 -5.24 -6.99
C DGL A 23 0.09 -4.27 -8.02
O DGL A 23 -0.34 -4.68 -9.11
CB DGL A 23 2.22 -5.20 -7.04
CG DGL A 23 2.85 -5.76 -8.30
CD DGL A 23 2.73 -7.27 -8.43
OE1 DGL A 23 1.67 -7.76 -8.83
OE2 DGL A 23 3.73 -7.98 -8.14
H DGL A 23 0.85 -4.38 -5.07
HA DGL A 23 0.35 -6.25 -7.20
HB2 DGL A 23 2.61 -5.75 -6.19
HB3 DGL A 23 2.54 -4.17 -6.94
HG2 DGL A 23 3.90 -5.50 -8.31
HG3 DGL A 23 2.36 -5.31 -9.15
N DGL A 24 0.05 -2.99 -7.66
CA DGL A 24 -0.40 -1.96 -8.59
C DGL A 24 -1.92 -1.73 -8.55
O DGL A 24 -2.53 -1.48 -9.58
CB DGL A 24 0.33 -0.62 -8.34
CG DGL A 24 0.04 0.03 -7.00
CD DGL A 24 0.65 1.40 -6.86
OE1 DGL A 24 1.47 1.63 -5.92
OE2 DGL A 24 0.34 2.28 -7.70
H DGL A 24 0.35 -2.73 -6.77
HA DGL A 24 -0.15 -2.29 -9.58
HB2 DGL A 24 0.03 0.07 -9.13
HB3 DGL A 24 1.40 -0.79 -8.42
HG2 DGL A 24 0.45 -0.61 -6.22
HG3 DGL A 24 -1.03 0.11 -6.87
N SER A 25 -2.52 -1.82 -7.38
CA SER A 25 -3.92 -1.52 -7.24
C SER A 25 -4.09 -0.02 -6.98
N ASP A 26 -5.06 0.59 -7.64
CA ASP A 26 -5.29 2.04 -7.54
C ASP A 26 -6.23 2.38 -6.39
N ASN A 1 -7.67 0.90 -5.84
CA ASN A 1 -8.40 0.91 -4.55
C ASN A 1 -7.77 1.91 -3.59
N PRO A 2 -8.46 3.02 -3.28
CA PRO A 2 -7.91 4.10 -2.44
C PRO A 2 -7.53 3.61 -1.05
N GLU A 3 -8.30 2.68 -0.52
CA GLU A 3 -8.08 2.11 0.81
C GLU A 3 -6.78 1.33 0.82
N LEU A 4 -6.52 0.63 -0.26
CA LEU A 4 -5.35 -0.19 -0.36
C LEU A 4 -4.13 0.70 -0.62
N GLN A 5 -4.34 1.79 -1.33
CA GLN A 5 -3.28 2.76 -1.58
C GLN A 5 -2.91 3.45 -0.28
N ARG A 6 -3.91 3.94 0.44
CA ARG A 6 -3.69 4.62 1.71
C ARG A 6 -2.99 3.71 2.70
N LYS A 7 -3.29 2.43 2.61
CA LYS A 7 -2.75 1.40 3.48
C LYS A 7 -1.23 1.45 3.50
N CYS A 8 -0.65 1.78 2.35
CA CYS A 8 0.81 1.86 2.21
C CYS A 8 1.37 2.93 3.13
N LYS A 9 0.73 4.08 3.15
CA LYS A 9 1.21 5.22 3.90
C LYS A 9 0.89 5.06 5.36
N GLU A 10 -0.21 4.39 5.64
CA GLU A 10 -0.60 4.11 6.99
C GLU A 10 0.32 3.05 7.60
N LEU A 11 0.88 2.20 6.73
CA LEU A 11 1.81 1.17 7.13
C LEU A 11 3.19 1.81 7.27
N DAS A 12 3.72 2.31 6.19
CA DAS A 12 5.01 2.95 6.15
C DAS A 12 5.81 2.42 4.98
O DAS A 12 5.37 2.49 3.85
CB DAS A 12 4.84 4.45 6.02
CG DAS A 12 6.14 5.21 5.92
OD1 DAS A 12 6.74 5.52 6.95
OD2 DAS A 12 6.55 5.54 4.79
H DAS A 12 3.23 2.26 5.33
HA DAS A 12 5.53 2.73 7.08
HB2 DAS A 12 4.31 4.81 6.89
HB3 DAS A 12 4.25 4.67 5.14
N THR A 13 6.98 1.89 5.25
CA THR A 13 7.83 1.32 4.22
C THR A 13 8.00 -0.19 4.40
N ARG A 14 7.52 -0.72 5.51
CA ARG A 14 7.67 -2.13 5.85
C ARG A 14 6.72 -3.01 5.03
N DPR A 15 7.04 -4.31 4.85
CA DPR A 15 6.18 -5.23 4.07
CB DPR A 15 6.78 -6.63 4.38
CG DPR A 15 7.75 -6.41 5.50
CD DPR A 15 8.23 -5.01 5.36
C DPR A 15 6.25 -4.93 2.59
O DPR A 15 5.41 -5.36 1.79
HA DPR A 15 5.15 -5.19 4.41
HB2 DPR A 15 7.28 -7.00 3.49
HB3 DPR A 15 5.98 -7.31 4.66
HG2 DPR A 15 8.57 -7.10 5.41
HG3 DPR A 15 7.25 -6.54 6.44
HD2 DPR A 15 9.04 -4.94 4.65
HD3 DPR A 15 8.54 -4.61 6.32
N DGL A 16 7.28 -4.17 2.22
CA DGL A 16 7.48 -3.74 0.84
C DGL A 16 6.33 -2.83 0.43
O DGL A 16 5.83 -2.91 -0.69
CB DGL A 16 8.83 -3.02 0.72
CG DGL A 16 9.21 -2.62 -0.68
CD DGL A 16 10.55 -1.95 -0.75
OE1 DGL A 16 10.61 -0.71 -0.78
OE2 DGL A 16 11.58 -2.65 -0.78
H DGL A 16 7.92 -3.91 2.90
HA DGL A 16 7.48 -4.62 0.21
HB2 DGL A 16 9.60 -3.67 1.11
HB3 DGL A 16 8.79 -2.13 1.33
HG2 DGL A 16 8.46 -1.94 -1.07
HG3 DGL A 16 9.24 -3.51 -1.31
N DAL A 17 5.88 -2.00 1.37
CA DAL A 17 4.77 -1.09 1.14
CB DAL A 17 4.56 -0.18 2.33
C DAL A 17 3.50 -1.88 0.85
O DAL A 17 2.82 -1.61 -0.11
H DAL A 17 6.30 -2.01 2.26
HA DAL A 17 5.01 -0.49 0.28
HB1 DAL A 17 4.33 -0.78 3.20
HB2 DAL A 17 3.75 0.50 2.14
HB3 DAL A 17 5.47 0.38 2.52
N DGL A 18 3.27 -2.90 1.69
CA DGL A 18 2.10 -3.80 1.58
C DGL A 18 2.00 -4.36 0.16
O DGL A 18 0.93 -4.33 -0.48
CB DGL A 18 2.27 -4.97 2.56
CG DGL A 18 1.13 -5.97 2.59
CD DGL A 18 -0.15 -5.39 3.12
OE1 DGL A 18 -0.28 -5.27 4.35
OE2 DGL A 18 -1.06 -5.09 2.34
H DGL A 18 3.91 -3.06 2.40
HA DGL A 18 1.21 -3.25 1.82
HB2 DGL A 18 2.38 -4.56 3.56
HB3 DGL A 18 3.18 -5.50 2.31
HG2 DGL A 18 1.42 -6.81 3.20
HG3 DGL A 18 0.95 -6.31 1.58
N DAR A 19 3.12 -4.84 -0.34
CA DAR A 19 3.18 -5.40 -1.67
CB DAR A 19 4.49 -6.12 -1.90
CG DAR A 19 4.68 -7.31 -0.99
CD DAR A 19 6.01 -8.01 -1.23
NE DAR A 19 6.12 -8.57 -2.58
CZ DAR A 19 6.99 -9.55 -2.92
NH1 DAR A 19 7.05 -9.96 -4.17
NH2 DAR A 19 7.79 -10.10 -2.00
C DAR A 19 2.96 -4.33 -2.71
O DAR A 19 2.19 -4.51 -3.64
H DAR A 19 3.92 -4.81 0.22
HA DAR A 19 2.38 -6.11 -1.76
HB2 DAR A 19 5.31 -5.43 -1.73
HB3 DAR A 19 4.54 -6.47 -2.92
HG2 DAR A 19 3.89 -8.02 -1.18
HG3 DAR A 19 4.65 -6.98 0.04
HD2 DAR A 19 6.10 -8.81 -0.51
HD3 DAR A 19 6.81 -7.29 -1.08
HE DAR A 19 5.54 -8.18 -3.25
HH11 DAR A 19 6.46 -9.57 -4.90
HH12 DAR A 19 7.67 -10.68 -4.47
HH21 DAR A 19 7.77 -9.82 -1.03
HH22 DAR A 19 8.43 -10.84 -2.23
N DLY A 20 3.60 -3.18 -2.53
CA DLY A 20 3.48 -2.06 -3.45
C DLY A 20 2.02 -1.57 -3.55
O DLY A 20 1.55 -1.22 -4.62
CB DLY A 20 4.44 -0.92 -3.05
CG DLY A 20 4.48 0.26 -4.01
CD DLY A 20 5.56 1.25 -3.62
CE DLY A 20 5.58 2.48 -4.53
NZ DLY A 20 4.39 3.34 -4.36
H DLY A 20 4.17 -3.08 -1.73
HA DLY A 20 3.77 -2.43 -4.42
HB2 DLY A 20 5.44 -1.33 -2.98
HB3 DLY A 20 4.16 -0.56 -2.08
HG2 DLY A 20 3.52 0.76 -4.00
HG3 DLY A 20 4.68 -0.11 -5.01
HD2 DLY A 20 6.52 0.75 -3.68
HD3 DLY A 20 5.39 1.58 -2.60
HE2 DLY A 20 5.64 2.14 -5.56
HE3 DLY A 20 6.46 3.06 -4.30
HZ1 DLY A 20 4.33 3.70 -3.39
HZ2 DLY A 20 3.50 2.81 -4.55
HZ3 DLY A 20 4.42 4.14 -5.01
N DCY A 21 1.30 -1.60 -2.42
CA DCY A 21 -0.12 -1.26 -2.37
C DCY A 21 -0.91 -2.11 -3.34
O DCY A 21 -1.69 -1.62 -4.20
CB DCY A 21 -0.68 -1.50 -0.96
SG DCY A 21 0.10 -0.55 0.36
H DCY A 21 1.76 -1.84 -1.58
HA DCY A 21 -0.24 -0.21 -2.62
HB2 DCY A 21 -0.57 -2.55 -0.73
HB3 DCY A 21 -1.74 -1.24 -0.95
N DAR A 22 -0.66 -3.40 -3.27
CA DAR A 22 -1.39 -4.40 -4.02
CB DAR A 22 -1.30 -5.74 -3.30
CG DAR A 22 -1.73 -5.62 -1.85
CD DAR A 22 -1.62 -6.91 -1.09
NE DAR A 22 -1.93 -6.72 0.32
CZ DAR A 22 -2.78 -7.44 1.03
NH1 DAR A 22 -3.47 -8.44 0.49
NH2 DAR A 22 -2.95 -7.15 2.31
C DAR A 22 -0.85 -4.49 -5.44
O DAR A 22 -1.51 -5.03 -6.33
H DAR A 22 0.07 -3.70 -2.68
HA DAR A 22 -2.42 -4.08 -4.06
HB2 DAR A 22 -0.28 -6.08 -3.32
HB3 DAR A 22 -1.93 -6.45 -3.80
HG2 DAR A 22 -2.77 -5.30 -1.82
HG3 DAR A 22 -1.12 -4.89 -1.36
HD2 DAR A 22 -0.61 -7.27 -1.18
HD3 DAR A 22 -2.29 -7.63 -1.52
HE DAR A 22 -1.46 -5.98 0.78
HH11 DAR A 22 -3.37 -8.70 -0.48
HH12 DAR A 22 -4.14 -8.97 1.02
HH21 DAR A 22 -2.42 -6.40 2.71
HH22 DAR A 22 -3.57 -7.67 2.91
N DGL A 23 0.33 -3.97 -5.64
CA DGL A 23 0.92 -3.94 -6.95
C DGL A 23 0.33 -2.75 -7.72
O DGL A 23 -0.10 -2.89 -8.88
CB DGL A 23 2.44 -3.80 -6.85
CG DGL A 23 3.19 -4.08 -8.13
CD DGL A 23 3.04 -5.53 -8.56
OE1 DGL A 23 2.21 -5.82 -9.43
OE2 DGL A 23 3.75 -6.40 -8.02
H DGL A 23 0.84 -3.63 -4.88
HA DGL A 23 0.68 -4.85 -7.47
HB2 DGL A 23 2.80 -4.48 -6.08
HB3 DGL A 23 2.67 -2.78 -6.54
HG2 DGL A 23 4.25 -3.87 -7.98
HG3 DGL A 23 2.81 -3.45 -8.90
N DGL A 24 0.28 -1.59 -7.07
CA DGL A 24 -0.28 -0.37 -7.68
C DGL A 24 -1.76 -0.53 -7.95
O DGL A 24 -2.18 -0.53 -9.10
CB DGL A 24 -0.04 0.86 -6.81
CG DGL A 24 1.41 1.29 -6.72
CD DGL A 24 1.57 2.51 -5.84
OE1 DGL A 24 1.90 2.36 -4.66
OE2 DGL A 24 1.37 3.64 -6.32
H DGL A 24 0.65 -1.54 -6.16
HA DGL A 24 0.23 -0.24 -8.62
HB2 DGL A 24 -0.39 0.65 -5.81
HB3 DGL A 24 -0.61 1.68 -7.21
HG2 DGL A 24 1.77 1.52 -7.70
HG3 DGL A 24 1.99 0.49 -6.30
N SER A 25 -2.54 -0.70 -6.91
CA SER A 25 -3.97 -0.82 -7.08
C SER A 25 -4.64 0.55 -7.28
N ASP A 26 -5.89 0.53 -7.70
CA ASP A 26 -6.67 1.76 -7.87
C ASP A 26 -7.49 1.99 -6.61
N ASN A 1 -6.38 0.99 -5.25
CA ASN A 1 -7.34 0.56 -4.23
C ASN A 1 -7.28 1.44 -2.99
N PRO A 2 -8.45 1.93 -2.52
CA PRO A 2 -8.57 2.84 -1.37
C PRO A 2 -7.84 2.36 -0.11
N GLU A 3 -8.10 1.11 0.30
CA GLU A 3 -7.49 0.54 1.49
C GLU A 3 -5.99 0.51 1.36
N LEU A 4 -5.52 0.05 0.21
CA LEU A 4 -4.12 -0.09 -0.06
C LEU A 4 -3.40 1.24 0.00
N GLN A 5 -3.85 2.21 -0.80
CA GLN A 5 -3.16 3.51 -0.92
C GLN A 5 -3.02 4.23 0.42
N ARG A 6 -3.94 3.99 1.31
CA ARG A 6 -3.86 4.59 2.62
C ARG A 6 -2.99 3.78 3.54
N LYS A 7 -3.18 2.46 3.53
CA LYS A 7 -2.48 1.60 4.44
C LYS A 7 -0.99 1.53 4.12
N CYS A 8 -0.62 1.75 2.87
CA CYS A 8 0.79 1.84 2.48
C CYS A 8 1.46 2.98 3.23
N LYS A 9 0.84 4.13 3.21
CA LYS A 9 1.40 5.31 3.84
C LYS A 9 1.19 5.26 5.36
N GLU A 10 0.24 4.46 5.77
CA GLU A 10 -0.04 4.25 7.17
C GLU A 10 1.04 3.33 7.77
N LEU A 11 1.52 2.38 6.99
CA LEU A 11 2.54 1.44 7.45
C LEU A 11 3.93 1.93 7.08
N DAS A 12 4.01 2.91 6.22
CA DAS A 12 5.27 3.49 5.85
C DAS A 12 5.87 2.71 4.71
O DAS A 12 5.42 2.80 3.57
CB DAS A 12 5.14 4.97 5.50
CG DAS A 12 6.46 5.60 5.11
OD1 DAS A 12 6.65 5.93 3.92
OD2 DAS A 12 7.34 5.81 5.99
H DAS A 12 3.20 3.21 5.75
HA DAS A 12 5.92 3.38 6.71
HB2 DAS A 12 4.75 5.50 6.36
HB3 DAS A 12 4.46 5.07 4.68
N THR A 13 6.85 1.93 5.01
CA THR A 13 7.45 1.07 4.04
C THR A 13 7.14 -0.41 4.40
N ARG A 14 6.47 -0.59 5.52
CA ARG A 14 6.17 -1.92 6.04
C ARG A 14 5.05 -2.58 5.25
N DPR A 15 5.04 -3.93 5.15
CA DPR A 15 4.06 -4.65 4.35
CB DPR A 15 4.13 -6.10 4.90
CG DPR A 15 5.10 -6.05 6.05
CD DPR A 15 5.96 -4.86 5.82
C DPR A 15 4.47 -4.63 2.88
O DPR A 15 3.69 -5.01 1.99
HA DPR A 15 3.06 -4.25 4.47
HB2 DPR A 15 4.49 -6.75 4.11
HB3 DPR A 15 3.15 -6.41 5.22
HG2 DPR A 15 5.69 -6.95 6.05
HG3 DPR A 15 4.55 -5.96 6.98
HD2 DPR A 15 6.80 -5.11 5.17
HD3 DPR A 15 6.32 -4.46 6.76
N DGL A 16 5.68 -4.17 2.65
CA DGL A 16 6.25 -4.06 1.33
C DGL A 16 5.60 -2.88 0.61
O DGL A 16 5.44 -2.89 -0.60
CB DGL A 16 7.76 -3.88 1.47
CG DGL A 16 8.55 -3.87 0.17
CD DGL A 16 8.33 -5.11 -0.66
OE1 DGL A 16 8.32 -6.24 -0.12
OE2 DGL A 16 8.22 -4.99 -1.89
H DGL A 16 6.21 -3.88 3.42
HA DGL A 16 6.04 -4.97 0.79
HB2 DGL A 16 8.16 -4.66 2.10
HB3 DGL A 16 7.95 -2.93 1.96
HG2 DGL A 16 9.60 -3.79 0.40
HG3 DGL A 16 8.24 -3.02 -0.41
N DAL A 17 5.17 -1.90 1.41
CA DAL A 17 4.49 -0.73 0.91
CB DAL A 17 4.19 0.19 2.07
C DAL A 17 3.19 -1.15 0.24
O DAL A 17 2.99 -0.92 -0.95
H DAL A 17 5.34 -1.98 2.37
HA DAL A 17 5.12 -0.22 0.21
HB1 DAL A 17 3.57 -0.32 2.79
HB2 DAL A 17 3.65 1.07 1.70
HB3 DAL A 17 5.11 0.50 2.54
N DGL A 18 2.34 -1.83 1.00
CA DGL A 18 1.05 -2.27 0.48
C DGL A 18 1.23 -3.29 -0.63
O DGL A 18 0.39 -3.38 -1.51
CB DGL A 18 0.16 -2.79 1.59
CG DGL A 18 0.78 -3.88 2.42
CD DGL A 18 -0.19 -4.49 3.36
OE1 DGL A 18 -0.65 -5.61 3.11
OE2 DGL A 18 -0.53 -3.87 4.37
H DGL A 18 2.58 -2.02 1.93
HA DGL A 18 0.59 -1.40 0.05
HB2 DGL A 18 -0.74 -3.18 1.15
HB3 DGL A 18 -0.11 -1.98 2.24
HG2 DGL A 18 1.60 -3.46 2.98
HG3 DGL A 18 1.16 -4.65 1.77
N DAR A 19 2.32 -4.03 -0.57
CA DAR A 19 2.66 -4.99 -1.61
CB DAR A 19 3.91 -5.75 -1.21
CG DAR A 19 4.37 -6.78 -2.22
CD DAR A 19 5.66 -7.42 -1.80
NE DAR A 19 6.14 -8.35 -2.83
CZ DAR A 19 7.42 -8.57 -3.11
NH1 DAR A 19 7.73 -9.44 -4.06
NH2 DAR A 19 8.38 -7.91 -2.46
C DAR A 19 2.88 -4.24 -2.93
O DAR A 19 2.33 -4.64 -3.99
H DAR A 19 2.91 -3.92 0.20
HA DAR A 19 1.83 -5.68 -1.71
HB2 DAR A 19 3.73 -6.26 -0.27
HB3 DAR A 19 4.72 -5.04 -1.07
HG2 DAR A 19 4.51 -6.28 -3.17
HG3 DAR A 19 3.60 -7.53 -2.31
HD2 DAR A 19 5.49 -7.97 -0.89
HD3 DAR A 19 6.40 -6.66 -1.64
HE DAR A 19 5.44 -8.83 -3.32
HH11 DAR A 19 7.00 -9.92 -4.56
HH12 DAR A 19 8.67 -9.67 -4.32
HH21 DAR A 19 8.19 -7.22 -1.75
HH22 DAR A 19 9.35 -8.05 -2.67
N DLY A 20 3.62 -3.15 -2.86
CA DLY A 20 3.93 -2.33 -4.02
C DLY A 20 2.67 -1.68 -4.54
O DLY A 20 2.47 -1.57 -5.75
CB DLY A 20 4.96 -1.26 -3.66
CG DLY A 20 5.48 -0.46 -4.85
CD DLY A 20 6.35 -1.32 -5.76
CE DLY A 20 6.77 -0.58 -7.02
NZ DLY A 20 5.63 -0.35 -7.94
H DLY A 20 4.00 -2.89 -1.98
HA DLY A 20 4.34 -2.98 -4.78
HB2 DLY A 20 5.81 -1.73 -3.18
HB3 DLY A 20 4.51 -0.57 -2.96
HG2 DLY A 20 6.05 0.38 -4.50
HG3 DLY A 20 4.64 -0.10 -5.43
HD2 DLY A 20 5.81 -2.20 -6.04
HD3 DLY A 20 7.25 -1.60 -5.21
HE2 DLY A 20 7.53 -1.15 -7.53
HE3 DLY A 20 7.19 0.38 -6.74
HZ1 DLY A 20 5.93 0.13 -8.80
HZ2 DLY A 20 4.85 0.18 -7.53
HZ3 DLY A 20 5.28 -1.29 -8.22
N DCY A 21 1.79 -1.28 -3.63
CA DCY A 21 0.51 -0.69 -4.03
C DCY A 21 -0.37 -1.73 -4.71
O DCY A 21 -0.86 -1.50 -5.79
CB DCY A 21 -0.21 -0.08 -2.85
SG DCY A 21 0.71 1.18 -1.93
H DCY A 21 2.03 -1.32 -2.69
HA DCY A 21 0.74 0.08 -4.76
HB2 DCY A 21 -0.48 -0.87 -2.17
HB3 DCY A 21 -1.12 0.38 -3.20
N DAR A 22 -0.53 -2.91 -4.07
CA DAR A 22 -1.42 -3.96 -4.62
CB DAR A 22 -1.73 -5.05 -3.58
CG DAR A 22 -0.57 -5.92 -3.15
CD DAR A 22 -0.94 -6.83 -1.99
NE DAR A 22 0.16 -7.72 -1.61
CZ DAR A 22 0.41 -8.15 -0.36
NH1 DAR A 22 -0.33 -7.71 0.66
NH2 DAR A 22 1.40 -9.00 -0.14
C DAR A 22 -0.85 -4.56 -5.91
O DAR A 22 -1.57 -5.24 -6.64
H DAR A 22 -0.06 -3.07 -3.22
HA DAR A 22 -2.34 -3.46 -4.88
HB2 DAR A 22 -2.50 -5.70 -3.99
HB3 DAR A 22 -2.13 -4.58 -2.69
HG2 DAR A 22 0.25 -5.27 -2.85
HG3 DAR A 22 -0.25 -6.52 -4.00
HD2 DAR A 22 -1.80 -7.41 -2.29
HD3 DAR A 22 -1.21 -6.21 -1.16
HE DAR A 22 0.69 -8.06 -2.37
HH11 DAR A 22 -1.08 -7.06 0.55
HH12 DAR A 22 -0.16 -8.00 1.60
HH21 DAR A 22 1.97 -9.37 -0.87
HH22 DAR A 22 1.63 -9.32 0.78
N DGL A 23 0.43 -4.33 -6.14
CA DGL A 23 1.07 -4.71 -7.39
C DGL A 23 0.41 -4.00 -8.59
O DGL A 23 0.15 -4.62 -9.63
CB DGL A 23 2.54 -4.30 -7.31
CG DGL A 23 3.35 -4.52 -8.57
CD DGL A 23 4.76 -4.05 -8.40
OE1 DGL A 23 5.60 -4.85 -7.99
OE2 DGL A 23 5.05 -2.86 -8.69
H DGL A 23 0.98 -3.94 -5.43
HA DGL A 23 1.01 -5.79 -7.51
HB2 DGL A 23 3.02 -4.83 -6.50
HB3 DGL A 23 2.59 -3.24 -7.08
HG2 DGL A 23 2.89 -3.98 -9.37
HG3 DGL A 23 3.35 -5.58 -8.79
N DGL A 24 0.14 -2.75 -8.42
CA DGL A 24 -0.37 -1.91 -9.50
C DGL A 24 -1.83 -1.52 -9.30
O DGL A 24 -2.56 -1.31 -10.27
CB DGL A 24 0.54 -0.70 -9.66
CG DGL A 24 0.92 -0.05 -8.34
CD DGL A 24 1.97 1.00 -8.51
OE1 DGL A 24 3.16 0.66 -8.72
OE2 DGL A 24 1.65 2.20 -8.41
H DGL A 24 0.27 -2.36 -7.53
HA DGL A 24 -0.31 -2.50 -10.40
HB2 DGL A 24 0.03 0.04 -10.27
HB3 DGL A 24 1.44 -1.01 -10.17
HG2 DGL A 24 1.31 -0.81 -7.68
HG3 DGL A 24 0.05 0.40 -7.90
N SER A 25 -2.25 -1.41 -8.08
CA SER A 25 -3.61 -1.07 -7.76
C SER A 25 -3.73 0.44 -7.46
N ASP A 26 -4.96 0.89 -7.31
CA ASP A 26 -5.28 2.27 -6.90
C ASP A 26 -6.32 2.19 -5.79
N ASN A 1 -6.45 1.51 -5.70
CA ASN A 1 -7.43 1.37 -4.62
C ASN A 1 -7.03 2.18 -3.38
N PRO A 2 -7.88 3.14 -2.98
CA PRO A 2 -7.60 4.08 -1.89
C PRO A 2 -7.27 3.42 -0.55
N GLU A 3 -8.04 2.41 -0.16
CA GLU A 3 -7.82 1.78 1.13
C GLU A 3 -6.65 0.81 1.11
N LEU A 4 -6.22 0.44 -0.06
CA LEU A 4 -5.01 -0.33 -0.19
C LEU A 4 -3.84 0.60 0.03
N GLN A 5 -3.90 1.74 -0.61
CA GLN A 5 -2.87 2.76 -0.49
C GLN A 5 -2.89 3.38 0.91
N ARG A 6 -4.04 3.35 1.55
CA ARG A 6 -4.25 3.82 2.92
C ARG A 6 -3.36 3.02 3.85
N LYS A 7 -3.35 1.71 3.65
CA LYS A 7 -2.55 0.83 4.47
C LYS A 7 -1.08 1.06 4.22
N CYS A 8 -0.77 1.45 3.01
CA CYS A 8 0.59 1.79 2.66
C CYS A 8 0.98 3.09 3.32
N LYS A 9 0.01 3.96 3.50
CA LYS A 9 0.22 5.23 4.15
C LYS A 9 0.48 4.99 5.64
N GLU A 10 -0.21 4.00 6.19
CA GLU A 10 -0.02 3.61 7.59
C GLU A 10 1.35 2.91 7.76
N LEU A 11 1.65 1.98 6.87
CA LEU A 11 2.88 1.22 6.93
C LEU A 11 4.11 2.04 6.50
N DAS A 12 3.93 2.95 5.60
CA DAS A 12 5.03 3.75 5.11
C DAS A 12 5.74 2.98 4.01
O DAS A 12 5.26 2.89 2.88
CB DAS A 12 4.56 5.11 4.62
CG DAS A 12 5.69 5.97 4.10
OD1 DAS A 12 5.88 6.07 2.88
OD2 DAS A 12 6.41 6.55 4.93
H DAS A 12 3.03 3.08 5.20
HA DAS A 12 5.71 3.88 5.94
HB2 DAS A 12 4.07 5.64 5.44
HB3 DAS A 12 3.84 4.97 3.82
N THR A 13 6.85 2.41 4.35
CA THR A 13 7.61 1.58 3.44
C THR A 13 7.70 0.16 4.06
N ARG A 14 7.03 0.00 5.18
CA ARG A 14 7.04 -1.25 5.93
C ARG A 14 6.01 -2.20 5.29
N DPR A 15 6.23 -3.53 5.38
CA DPR A 15 5.30 -4.53 4.82
CB DPR A 15 5.87 -5.88 5.29
CG DPR A 15 6.84 -5.54 6.38
CD DPR A 15 7.38 -4.19 6.04
C DPR A 15 5.28 -4.48 3.29
O DPR A 15 4.28 -4.82 2.65
HA DPR A 15 4.30 -4.39 5.20
HB2 DPR A 15 6.38 -6.37 4.46
HB3 DPR A 15 5.08 -6.51 5.65
HG2 DPR A 15 7.63 -6.26 6.42
HG3 DPR A 15 6.31 -5.50 7.33
HD2 DPR A 15 8.21 -4.28 5.35
HD3 DPR A 15 7.67 -3.66 6.94
N DGL A 16 6.38 -3.99 2.73
CA DGL A 16 6.56 -3.90 1.30
C DGL A 16 5.56 -2.92 0.70
O DGL A 16 5.17 -3.06 -0.46
CB DGL A 16 8.00 -3.46 0.99
CG DGL A 16 8.32 -3.42 -0.48
CD DGL A 16 9.72 -2.97 -0.76
OE1 DGL A 16 9.93 -1.79 -1.05
OE2 DGL A 16 10.63 -3.80 -0.69
H DGL A 16 7.10 -3.68 3.33
HA DGL A 16 6.40 -4.88 0.88
HB2 DGL A 16 8.68 -4.16 1.47
HB3 DGL A 16 8.15 -2.48 1.40
HG2 DGL A 16 7.63 -2.74 -0.97
HG3 DGL A 16 8.19 -4.41 -0.90
N DAL A 17 5.13 -1.95 1.49
CA DAL A 17 4.20 -0.92 1.05
CB DAL A 17 3.89 0.03 2.19
C DAL A 17 2.92 -1.54 0.50
O DAL A 17 2.52 -1.27 -0.63
H DAL A 17 5.44 -1.94 2.42
HA DAL A 17 4.68 -0.37 0.26
HB1 DAL A 17 3.25 0.82 1.83
HB2 DAL A 17 4.81 0.46 2.56
HB3 DAL A 17 3.39 -0.50 2.97
N DGL A 18 2.33 -2.44 1.29
CA DGL A 18 1.08 -3.12 0.93
C DGL A 18 1.26 -3.87 -0.37
O DGL A 18 0.41 -3.82 -1.28
CB DGL A 18 0.68 -4.09 2.06
CG DGL A 18 -0.63 -4.82 1.83
CD DGL A 18 -0.90 -5.87 2.87
OE1 DGL A 18 -1.63 -5.59 3.84
OE2 DGL A 18 -0.38 -6.99 2.74
H DGL A 18 2.76 -2.66 2.15
HA DGL A 18 0.30 -2.37 0.82
HB2 DGL A 18 0.61 -3.54 2.98
HB3 DGL A 18 1.46 -4.83 2.16
HG2 DGL A 18 -0.60 -5.28 0.85
HG3 DGL A 18 -1.43 -4.09 1.85
N DAR A 19 2.41 -4.51 -0.49
CA DAR A 19 2.78 -5.31 -1.65
CB DAR A 19 4.14 -5.98 -1.39
CG DAR A 19 4.65 -6.87 -2.53
CD DAR A 19 3.81 -8.13 -2.71
NE DAR A 19 4.26 -8.89 -3.88
CZ DAR A 19 4.02 -10.18 -4.14
NH1 DAR A 19 4.47 -10.72 -5.28
NH2 DAR A 19 3.37 -10.94 -3.25
C DAR A 19 2.85 -4.41 -2.90
O DAR A 19 2.30 -4.75 -3.94
H DAR A 19 3.03 -4.44 0.26
HA DAR A 19 2.03 -6.07 -1.80
HB2 DAR A 19 4.07 -6.58 -0.50
HB3 DAR A 19 4.88 -5.21 -1.23
HG2 DAR A 19 5.67 -7.16 -2.31
HG3 DAR A 19 4.62 -6.30 -3.44
HD2 DAR A 19 2.78 -7.85 -2.84
HD3 DAR A 19 3.91 -8.74 -1.83
HE DAR A 19 4.77 -8.34 -4.54
HH11 DAR A 19 4.97 -10.17 -5.95
HH12 DAR A 19 4.32 -11.68 -5.51
HH21 DAR A 19 3.01 -10.59 -2.38
HH22 DAR A 19 3.19 -11.92 -3.44
N DLY A 20 3.49 -3.25 -2.74
CA DLY A 20 3.65 -2.29 -3.83
C DLY A 20 2.31 -1.73 -4.28
O DLY A 20 2.05 -1.57 -5.48
CB DLY A 20 4.57 -1.14 -3.43
CG DLY A 20 6.01 -1.54 -3.12
CD DLY A 20 6.71 -2.14 -4.33
CE DLY A 20 8.17 -2.47 -4.03
NZ DLY A 20 8.97 -1.27 -3.68
H DLY A 20 3.87 -3.05 -1.86
HA DLY A 20 4.09 -2.82 -4.67
HB2 DLY A 20 4.16 -0.66 -2.55
HB3 DLY A 20 4.61 -0.42 -4.23
HG2 DLY A 20 5.99 -2.28 -2.33
HG3 DLY A 20 6.56 -0.68 -2.77
HD2 DLY A 20 6.67 -1.44 -5.14
HD3 DLY A 20 6.20 -3.05 -4.61
HE2 DLY A 20 8.61 -2.95 -4.90
HE3 DLY A 20 8.20 -3.16 -3.19
HZ1 DLY A 20 9.04 -0.61 -4.48
HZ2 DLY A 20 9.94 -1.57 -3.41
HZ3 DLY A 20 8.58 -0.76 -2.86
N DCY A 21 1.45 -1.43 -3.33
CA DCY A 21 0.13 -0.91 -3.65
C DCY A 21 -0.69 -1.97 -4.38
O DCY A 21 -1.28 -1.68 -5.42
CB DCY A 21 -0.60 -0.46 -2.41
SG DCY A 21 0.15 0.99 -1.62
H DCY A 21 1.72 -1.53 -2.39
HA DCY A 21 0.26 -0.07 -4.31
HB2 DCY A 21 -0.58 -1.27 -1.70
HB3 DCY A 21 -1.62 -0.21 -2.65
N DAR A 22 -0.71 -3.18 -3.85
CA DAR A 22 -1.46 -4.27 -4.47
CB DAR A 22 -1.51 -5.51 -3.56
CG DAR A 22 -2.36 -5.33 -2.31
CD DAR A 22 -2.37 -6.57 -1.45
NE DAR A 22 -3.32 -6.46 -0.32
CZ DAR A 22 -3.53 -7.41 0.61
NH1 DAR A 22 -2.88 -8.57 0.56
NH2 DAR A 22 -4.43 -7.21 1.57
C DAR A 22 -0.91 -4.63 -5.85
O DAR A 22 -1.67 -5.03 -6.73
H DAR A 22 -0.20 -3.36 -3.04
HA DAR A 22 -2.47 -3.91 -4.61
HB2 DAR A 22 -0.51 -5.75 -3.26
HB3 DAR A 22 -1.93 -6.34 -4.12
HG2 DAR A 22 -3.37 -5.09 -2.60
HG3 DAR A 22 -1.95 -4.51 -1.73
HD2 DAR A 22 -1.38 -6.73 -1.05
HD3 DAR A 22 -2.65 -7.42 -2.06
HE DAR A 22 -3.82 -5.62 -0.29
HH11 DAR A 22 -2.22 -8.76 -0.16
HH12 DAR A 22 -3.01 -9.29 1.24
HH21 DAR A 22 -4.98 -6.36 1.65
HH22 DAR A 22 -4.60 -7.89 2.29
N DGL A 23 0.39 -4.43 -6.03
CA DGL A 23 1.10 -4.68 -7.28
C DGL A 23 0.44 -3.92 -8.45
O DGL A 23 0.14 -4.49 -9.49
CB DGL A 23 2.56 -4.23 -7.09
CG DGL A 23 3.49 -4.35 -8.28
CD DGL A 23 4.89 -3.93 -7.96
OE1 DGL A 23 5.23 -2.73 -8.08
OE2 DGL A 23 5.71 -4.80 -7.57
H DGL A 23 0.91 -4.12 -5.26
HA DGL A 23 1.08 -5.73 -7.49
HB2 DGL A 23 2.99 -4.79 -6.27
HB3 DGL A 23 2.56 -3.18 -6.80
HG2 DGL A 23 3.11 -3.73 -9.09
HG3 DGL A 23 3.50 -5.38 -8.60
N DGL A 24 0.19 -2.66 -8.23
CA DGL A 24 -0.39 -1.82 -9.26
C DGL A 24 -1.90 -1.69 -9.08
O DGL A 24 -2.66 -2.03 -9.98
CB DGL A 24 0.28 -0.46 -9.26
CG DGL A 24 1.76 -0.53 -9.58
CD DGL A 24 2.44 0.78 -9.42
OE1 DGL A 24 2.38 1.63 -10.36
OE2 DGL A 24 3.04 1.03 -8.37
H DGL A 24 0.42 -2.27 -7.36
HA DGL A 24 -0.20 -2.30 -10.21
HB2 DGL A 24 0.16 -0.02 -8.28
HB3 DGL A 24 -0.20 0.17 -9.99
HG2 DGL A 24 1.88 -0.88 -10.59
HG3 DGL A 24 2.23 -1.23 -8.90
N SER A 25 -2.32 -1.25 -7.93
CA SER A 25 -3.71 -0.98 -7.66
C SER A 25 -3.85 0.46 -7.21
N ASP A 26 -4.87 1.13 -7.70
CA ASP A 26 -5.10 2.56 -7.39
C ASP A 26 -6.07 2.67 -6.21
N ASN A 1 -6.57 1.20 -5.43
CA ASN A 1 -7.55 1.19 -4.38
C ASN A 1 -7.16 2.14 -3.29
N PRO A 2 -8.04 3.12 -2.97
CA PRO A 2 -7.80 4.10 -1.89
C PRO A 2 -7.56 3.42 -0.55
N GLU A 3 -8.14 2.22 -0.40
CA GLU A 3 -7.96 1.38 0.76
C GLU A 3 -6.47 1.14 0.99
N LEU A 4 -5.82 0.65 -0.06
CA LEU A 4 -4.41 0.37 -0.03
C LEU A 4 -3.62 1.64 0.10
N GLN A 5 -4.07 2.67 -0.62
CA GLN A 5 -3.39 3.97 -0.60
C GLN A 5 -3.32 4.57 0.80
N ARG A 6 -4.36 4.35 1.60
CA ARG A 6 -4.34 4.79 2.98
C ARG A 6 -3.48 3.84 3.82
N LYS A 7 -3.72 2.55 3.65
CA LYS A 7 -3.05 1.54 4.46
C LYS A 7 -1.55 1.56 4.26
N CYS A 8 -1.10 1.71 3.04
CA CYS A 8 0.32 1.81 2.74
C CYS A 8 0.91 3.09 3.33
N LYS A 9 0.09 4.12 3.42
CA LYS A 9 0.50 5.38 3.99
C LYS A 9 0.74 5.21 5.49
N GLU A 10 -0.15 4.49 6.14
CA GLU A 10 -0.02 4.23 7.57
C GLU A 10 1.06 3.17 7.84
N LEU A 11 1.17 2.23 6.92
CA LEU A 11 2.13 1.14 7.00
C LEU A 11 3.55 1.64 6.77
N DAS A 12 3.70 2.71 6.04
CA DAS A 12 5.02 3.28 5.84
C DAS A 12 5.67 2.65 4.64
O DAS A 12 5.07 2.56 3.57
CB DAS A 12 5.01 4.80 5.71
CG DAS A 12 6.39 5.36 5.44
OD1 DAS A 12 7.23 5.39 6.37
OD2 DAS A 12 6.68 5.75 4.29
H DAS A 12 2.93 3.11 5.58
HA DAS A 12 5.61 3.01 6.70
HB2 DAS A 12 4.64 5.23 6.64
HB3 DAS A 12 4.36 5.09 4.90
N THR A 13 6.89 2.22 4.80
CA THR A 13 7.60 1.54 3.75
C THR A 13 7.84 0.10 4.23
N ARG A 14 7.12 -0.25 5.26
CA ARG A 14 7.18 -1.55 5.87
C ARG A 14 6.25 -2.48 5.10
N DPR A 15 6.48 -3.80 5.14
CA DPR A 15 5.62 -4.77 4.44
CB DPR A 15 6.11 -6.13 4.97
CG DPR A 15 6.98 -5.82 6.14
CD DPR A 15 7.58 -4.48 5.85
C DPR A 15 5.74 -4.66 2.91
O DPR A 15 4.88 -5.18 2.17
HA DPR A 15 4.59 -4.62 4.73
HB2 DPR A 15 6.68 -6.62 4.19
HB3 DPR A 15 5.28 -6.74 5.24
HG2 DPR A 15 7.76 -6.56 6.24
HG3 DPR A 15 6.38 -5.78 7.03
HD2 DPR A 15 8.44 -4.58 5.22
HD3 DPR A 15 7.82 -3.96 6.77
N DGL A 16 6.78 -3.93 2.43
CA DGL A 16 6.96 -3.66 1.01
C DGL A 16 5.73 -2.96 0.47
O DGL A 16 5.23 -3.31 -0.59
CB DGL A 16 8.17 -2.75 0.74
CG DGL A 16 8.36 -2.42 -0.75
CD DGL A 16 9.47 -1.42 -1.00
OE1 DGL A 16 9.18 -0.22 -1.21
OE2 DGL A 16 10.65 -1.82 -1.05
H DGL A 16 7.44 -3.59 3.08
HA DGL A 16 7.09 -4.61 0.49
HB2 DGL A 16 9.06 -3.23 1.09
HB3 DGL A 16 8.03 -1.83 1.28
HG2 DGL A 16 7.43 -2.01 -1.12
HG3 DGL A 16 8.59 -3.32 -1.28
N DAL A 17 5.24 -2.02 1.27
CA DAL A 17 4.14 -1.14 0.88
CB DAL A 17 3.79 -0.21 2.03
C DAL A 17 2.93 -1.92 0.42
O DAL A 17 2.40 -1.64 -0.65
H DAL A 17 5.62 -1.92 2.16
HA DAL A 17 4.49 -0.53 0.06
HB1 DAL A 17 3.45 -0.79 2.87
HB2 DAL A 17 3.00 0.46 1.72
HB3 DAL A 17 4.66 0.36 2.31
N DGL A 18 2.53 -2.94 1.16
CA DGL A 18 1.35 -3.70 0.81
C DGL A 18 1.54 -4.42 -0.53
O DGL A 18 0.66 -4.37 -1.39
CB DGL A 18 0.96 -4.67 1.93
CG DGL A 18 -0.30 -5.47 1.62
CD DGL A 18 -0.81 -6.25 2.79
OE1 DGL A 18 -0.34 -7.38 3.04
OE2 DGL A 18 -1.72 -5.75 3.48
H DGL A 18 3.05 -3.18 1.96
HA DGL A 18 0.56 -2.99 0.68
HB2 DGL A 18 0.78 -4.11 2.84
HB3 DGL A 18 1.77 -5.37 2.10
HG2 DGL A 18 -0.08 -6.16 0.81
HG3 DGL A 18 -1.07 -4.78 1.30
N DAR A 19 2.70 -5.02 -0.74
CA DAR A 19 3.00 -5.74 -1.99
CB DAR A 19 4.33 -6.46 -1.91
CG DAR A 19 4.41 -7.55 -0.86
CD DAR A 19 5.77 -8.22 -0.90
NE DAR A 19 6.86 -7.30 -0.54
CZ DAR A 19 7.91 -6.98 -1.31
NH1 DAR A 19 8.87 -6.22 -0.82
NH2 DAR A 19 7.99 -7.43 -2.56
C DAR A 19 3.05 -4.75 -3.15
O DAR A 19 2.53 -4.99 -4.23
H DAR A 19 3.37 -4.97 -0.03
HA DAR A 19 2.21 -6.45 -2.17
HB2 DAR A 19 5.10 -5.73 -1.69
HB3 DAR A 19 4.54 -6.90 -2.87
HG2 DAR A 19 3.65 -8.29 -1.07
HG3 DAR A 19 4.25 -7.12 0.11
HD2 DAR A 19 5.95 -8.60 -1.91
HD3 DAR A 19 5.77 -9.05 -0.22
HE DAR A 19 6.80 -6.96 0.38
HH11 DAR A 19 8.85 -5.87 0.12
HH12 DAR A 19 9.68 -5.94 -1.35
HH21 DAR A 19 7.28 -8.02 -2.96
HH22 DAR A 19 8.76 -7.21 -3.16
N DLY A 20 3.67 -3.64 -2.86
CA DLY A 20 3.88 -2.54 -3.78
C DLY A 20 2.53 -2.02 -4.26
O DLY A 20 2.31 -1.84 -5.47
CB DLY A 20 4.64 -1.47 -3.00
CG DLY A 20 5.34 -0.38 -3.75
CD DLY A 20 6.20 0.39 -2.77
CE DLY A 20 7.13 1.36 -3.44
NZ DLY A 20 8.07 1.93 -2.47
H DLY A 20 4.03 -3.54 -1.96
HA DLY A 20 4.49 -2.88 -4.61
HB2 DLY A 20 5.37 -1.99 -2.39
HB3 DLY A 20 3.94 -1.00 -2.33
HG2 DLY A 20 4.61 0.28 -4.19
HG3 DLY A 20 5.95 -0.82 -4.53
HD2 DLY A 20 6.77 -0.31 -2.19
HD3 DLY A 20 5.54 0.94 -2.11
HE2 DLY A 20 6.54 2.15 -3.89
HE3 DLY A 20 7.68 0.84 -4.21
HZ1 DLY A 20 8.57 1.16 -1.97
HZ2 DLY A 20 7.57 2.49 -1.74
HZ3 DLY A 20 8.79 2.53 -2.92
N DCY A 21 1.62 -1.84 -3.32
CA DCY A 21 0.28 -1.41 -3.61
C DCY A 21 -0.53 -2.50 -4.31
O DCY A 21 -1.33 -2.21 -5.17
CB DCY A 21 -0.42 -0.96 -2.34
SG DCY A 21 0.34 0.51 -1.54
H DCY A 21 1.87 -1.98 -2.38
HA DCY A 21 0.34 -0.56 -4.28
HB2 DCY A 21 -0.38 -1.77 -1.63
HB3 DCY A 21 -1.44 -0.71 -2.57
N DAR A 22 -0.30 -3.76 -3.94
CA DAR A 22 -0.98 -4.90 -4.59
CB DAR A 22 -0.68 -6.23 -3.88
CG DAR A 22 -1.34 -6.39 -2.51
CD DAR A 22 -2.85 -6.47 -2.63
NE DAR A 22 -3.26 -7.61 -3.44
CZ DAR A 22 -4.40 -7.73 -4.12
NH1 DAR A 22 -5.33 -6.77 -4.05
NH2 DAR A 22 -4.61 -8.80 -4.87
C DAR A 22 -0.59 -4.98 -6.06
O DAR A 22 -1.41 -5.35 -6.90
H DAR A 22 0.34 -3.94 -3.21
HA DAR A 22 -2.04 -4.70 -4.54
HB2 DAR A 22 0.39 -6.32 -3.76
HB3 DAR A 22 -1.02 -7.04 -4.51
HG2 DAR A 22 -1.07 -5.55 -1.89
HG3 DAR A 22 -0.97 -7.30 -2.05
HD2 DAR A 22 -3.23 -5.57 -3.08
HD3 DAR A 22 -3.27 -6.58 -1.64
HE DAR A 22 -2.60 -8.35 -3.47
HH11 DAR A 22 -5.23 -5.95 -3.49
HH12 DAR A 22 -6.19 -6.85 -4.56
HH21 DAR A 22 -3.93 -9.54 -4.95
HH22 DAR A 22 -5.45 -8.93 -5.40
N DGL A 23 0.62 -4.62 -6.37
CA DGL A 23 1.11 -4.61 -7.72
C DGL A 23 0.42 -3.48 -8.51
O DGL A 23 -0.06 -3.68 -9.62
CB DGL A 23 2.63 -4.39 -7.72
CG DGL A 23 3.31 -4.66 -9.05
CD DGL A 23 3.22 -6.11 -9.48
OE1 DGL A 23 2.34 -6.45 -10.29
OE2 DGL A 23 4.04 -6.93 -9.00
H DGL A 23 1.25 -4.38 -5.63
HA DGL A 23 0.89 -5.56 -8.18
HB2 DGL A 23 3.07 -5.02 -6.97
HB3 DGL A 23 2.82 -3.36 -7.45
HG2 DGL A 23 4.35 -4.38 -8.97
HG3 DGL A 23 2.84 -4.05 -9.80
N DGL A 24 0.35 -2.31 -7.89
CA DGL A 24 -0.23 -1.14 -8.53
C DGL A 24 -1.75 -1.19 -8.61
O DGL A 24 -2.33 -0.95 -9.68
CB DGL A 24 0.18 0.14 -7.79
CG DGL A 24 1.65 0.42 -7.81
CD DGL A 24 1.98 1.69 -7.10
OE1 DGL A 24 1.72 2.78 -7.66
OE2 DGL A 24 2.50 1.65 -5.98
H DGL A 24 0.71 -2.25 -6.99
HA DGL A 24 0.17 -1.07 -9.53
HB2 DGL A 24 -0.14 0.04 -6.77
HB3 DGL A 24 -0.33 0.97 -8.24
HG2 DGL A 24 1.98 0.49 -8.84
HG3 DGL A 24 2.17 -0.39 -7.32
N SER A 25 -2.38 -1.47 -7.51
CA SER A 25 -3.81 -1.44 -7.43
C SER A 25 -4.22 -0.02 -7.04
N ASP A 26 -5.23 0.51 -7.67
CA ASP A 26 -5.61 1.91 -7.50
C ASP A 26 -6.65 2.05 -6.41
N ASN A 1 -6.42 1.38 -5.14
CA ASN A 1 -7.59 1.37 -4.34
C ASN A 1 -7.30 2.25 -3.16
N PRO A 2 -8.19 3.20 -2.84
CA PRO A 2 -8.03 4.13 -1.71
C PRO A 2 -7.58 3.46 -0.41
N GLU A 3 -8.22 2.35 -0.06
CA GLU A 3 -7.90 1.62 1.16
C GLU A 3 -6.44 1.11 1.13
N LEU A 4 -6.01 0.62 -0.03
CA LEU A 4 -4.66 0.12 -0.18
C LEU A 4 -3.66 1.25 -0.11
N GLN A 5 -4.00 2.38 -0.69
CA GLN A 5 -3.11 3.54 -0.66
C GLN A 5 -3.00 4.05 0.78
N ARG A 6 -4.09 3.99 1.51
CA ARG A 6 -4.10 4.31 2.93
C ARG A 6 -3.24 3.31 3.71
N LYS A 7 -3.36 2.03 3.34
CA LYS A 7 -2.62 0.95 3.97
C LYS A 7 -1.13 1.24 3.88
N CYS A 8 -0.70 1.59 2.71
CA CYS A 8 0.68 1.89 2.46
C CYS A 8 1.11 3.19 3.13
N LYS A 9 0.18 4.10 3.27
CA LYS A 9 0.46 5.35 3.95
C LYS A 9 0.62 5.12 5.46
N GLU A 10 -0.18 4.21 5.99
CA GLU A 10 -0.10 3.90 7.41
C GLU A 10 1.10 3.01 7.74
N LEU A 11 1.40 2.08 6.85
CA LEU A 11 2.56 1.18 7.01
C LEU A 11 3.85 1.87 6.66
N DAS A 12 3.77 2.91 5.87
CA DAS A 12 4.93 3.67 5.48
C DAS A 12 5.57 2.99 4.28
O DAS A 12 5.10 3.10 3.15
CB DAS A 12 4.55 5.12 5.18
CG DAS A 12 5.71 5.96 4.72
OD1 DAS A 12 5.68 6.45 3.57
OD2 DAS A 12 6.66 6.18 5.50
H DAS A 12 2.90 3.17 5.47
HA DAS A 12 5.62 3.63 6.30
HB2 DAS A 12 4.14 5.56 6.08
HB3 DAS A 12 3.80 5.15 4.42
N THR A 13 6.59 2.25 4.56
CA THR A 13 7.25 1.45 3.57
C THR A 13 7.26 -0.03 4.06
N ARG A 14 6.77 -0.24 5.28
CA ARG A 14 6.72 -1.57 5.90
C ARG A 14 5.74 -2.49 5.16
N DPR A 15 6.01 -3.80 5.11
CA DPR A 15 5.15 -4.76 4.40
CB DPR A 15 5.63 -6.13 4.88
CG DPR A 15 6.58 -5.85 6.01
CD DPR A 15 7.14 -4.49 5.75
C DPR A 15 5.34 -4.63 2.88
O DPR A 15 4.48 -5.05 2.09
HA DPR A 15 4.11 -4.62 4.65
HB2 DPR A 15 6.13 -6.66 4.08
HB3 DPR A 15 4.79 -6.71 5.24
HG2 DPR A 15 7.39 -6.58 6.01
HG3 DPR A 15 6.07 -5.86 6.95
HD2 DPR A 15 7.98 -4.55 5.08
HD3 DPR A 15 7.42 -4.00 6.67
N DGL A 16 6.45 -4.00 2.48
CA DGL A 16 6.75 -3.76 1.08
C DGL A 16 5.75 -2.74 0.52
O DGL A 16 5.48 -2.71 -0.68
CB DGL A 16 8.20 -3.26 0.91
CG DGL A 16 8.65 -3.05 -0.53
CD DGL A 16 8.72 -4.33 -1.33
OE1 DGL A 16 9.84 -4.80 -1.62
OE2 DGL A 16 7.69 -4.89 -1.69
H DGL A 16 7.08 -3.68 3.17
HA DGL A 16 6.63 -4.70 0.55
HB2 DGL A 16 8.86 -3.97 1.38
HB3 DGL A 16 8.29 -2.31 1.43
HG2 DGL A 16 9.62 -2.58 -0.53
HG3 DGL A 16 7.95 -2.39 -1.03
N DAL A 17 5.18 -1.95 1.41
CA DAL A 17 4.18 -0.98 1.04
CB DAL A 17 3.80 -0.12 2.24
C DAL A 17 2.98 -1.68 0.46
O DAL A 17 2.64 -1.47 -0.70
H DAL A 17 5.45 -2.01 2.35
HA DAL A 17 4.59 -0.33 0.28
HB1 DAL A 17 4.67 0.35 2.65
HB2 DAL A 17 3.33 -0.74 2.99
HB3 DAL A 17 3.10 0.64 1.92
N DGL A 18 2.37 -2.58 1.26
CA DGL A 18 1.19 -3.32 0.83
C DGL A 18 1.47 -4.09 -0.45
O DGL A 18 0.67 -4.09 -1.37
CB DGL A 18 0.72 -4.29 1.92
CG DGL A 18 -0.57 -5.01 1.59
CD DGL A 18 -0.95 -6.03 2.62
OE1 DGL A 18 -1.50 -5.66 3.69
OE2 DGL A 18 -0.75 -7.24 2.40
H DGL A 18 2.72 -2.73 2.16
HA DGL A 18 0.41 -2.61 0.64
HB2 DGL A 18 0.58 -3.74 2.84
HB3 DGL A 18 1.50 -5.02 2.08
HG2 DGL A 18 -0.45 -5.51 0.64
HG3 DGL A 18 -1.37 -4.29 1.51
N DAR A 19 2.66 -4.69 -0.52
CA DAR A 19 3.12 -5.42 -1.70
CB DAR A 19 4.52 -5.97 -1.48
CG DAR A 19 4.60 -7.25 -0.66
CD DAR A 19 3.95 -8.39 -1.42
NE DAR A 19 4.53 -8.54 -2.77
CZ DAR A 19 3.90 -9.02 -3.86
NH1 DAR A 19 4.49 -8.99 -5.04
NH2 DAR A 19 2.68 -9.55 -3.77
C DAR A 19 3.09 -4.54 -2.94
O DAR A 19 2.46 -4.89 -3.96
H DAR A 19 3.23 -4.64 0.28
HA DAR A 19 2.44 -6.25 -1.85
HB2 DAR A 19 5.11 -5.21 -0.99
HB3 DAR A 19 4.96 -6.16 -2.45
HG2 DAR A 19 4.08 -7.10 0.27
HG3 DAR A 19 5.64 -7.48 -0.48
HD2 DAR A 19 2.88 -8.22 -1.52
HD3 DAR A 19 4.12 -9.31 -0.87
HE DAR A 19 5.47 -8.23 -2.84
HH11 DAR A 19 5.42 -8.62 -5.15
HH12 DAR A 19 4.08 -9.34 -5.87
HH21 DAR A 19 2.20 -9.61 -2.89
HH22 DAR A 19 2.17 -9.88 -4.58
N DLY A 20 3.73 -3.38 -2.84
CA DLY A 20 3.80 -2.46 -3.95
C DLY A 20 2.40 -2.03 -4.35
O DLY A 20 2.06 -2.06 -5.52
CB DLY A 20 4.66 -1.23 -3.64
CG DLY A 20 4.92 -0.36 -4.86
CD DLY A 20 5.75 0.85 -4.52
CE DLY A 20 6.10 1.65 -5.77
NZ DLY A 20 4.92 2.13 -6.50
H DLY A 20 4.18 -3.14 -2.00
HA DLY A 20 4.24 -3.00 -4.78
HB2 DLY A 20 5.60 -1.56 -3.24
HB3 DLY A 20 4.15 -0.64 -2.89
HG2 DLY A 20 3.97 -0.04 -5.27
HG3 DLY A 20 5.46 -0.95 -5.58
HD2 DLY A 20 6.67 0.54 -4.04
HD3 DLY A 20 5.19 1.48 -3.85
HE2 DLY A 20 6.69 1.03 -6.42
HE3 DLY A 20 6.68 2.51 -5.48
HZ1 DLY A 20 4.32 1.37 -6.89
HZ2 DLY A 20 5.22 2.70 -7.32
HZ3 DLY A 20 4.32 2.73 -5.90
N DCY A 21 1.56 -1.72 -3.37
CA DCY A 21 0.19 -1.32 -3.64
C DCY A 21 -0.63 -2.46 -4.24
O DCY A 21 -1.56 -2.20 -4.99
CB DCY A 21 -0.46 -0.76 -2.40
SG DCY A 21 0.33 0.75 -1.76
H DCY A 21 1.89 -1.75 -2.44
HA DCY A 21 0.25 -0.54 -4.37
HB2 DCY A 21 -0.41 -1.51 -1.62
HB3 DCY A 21 -1.50 -0.52 -2.61
N DAR A 22 -0.30 -3.71 -3.94
CA DAR A 22 -0.98 -4.84 -4.56
CB DAR A 22 -0.58 -6.18 -3.94
CG DAR A 22 -0.97 -6.40 -2.51
CD DAR A 22 -0.56 -7.78 -2.06
NE DAR A 22 -0.88 -8.07 -0.67
CZ DAR A 22 -1.37 -9.23 -0.22
NH1 DAR A 22 -1.62 -10.22 -1.05
NH2 DAR A 22 -1.56 -9.39 1.07
C DAR A 22 -0.62 -4.87 -6.03
O DAR A 22 -1.44 -5.23 -6.88
H DAR A 22 0.41 -3.87 -3.27
HA DAR A 22 -2.04 -4.70 -4.46
HB2 DAR A 22 0.49 -6.29 -4.03
HB3 DAR A 22 -1.04 -6.96 -4.52
HG2 DAR A 22 -2.05 -6.31 -2.40
HG3 DAR A 22 -0.49 -5.66 -1.88
HD2 DAR A 22 0.51 -7.88 -2.21
HD3 DAR A 22 -1.06 -8.51 -2.68
HE DAR A 22 -0.70 -7.33 -0.03
HH11 DAR A 22 -1.49 -10.17 -2.05
HH12 DAR A 22 -1.99 -11.09 -0.71
HH21 DAR A 22 -1.36 -8.64 1.72
HH22 DAR A 22 -1.94 -10.24 1.44
N DGL A 23 0.61 -4.53 -6.32
CA DGL A 23 1.07 -4.45 -7.69
C DGL A 23 0.49 -3.21 -8.39
O DGL A 23 0.14 -3.26 -9.56
CB DGL A 23 2.59 -4.48 -7.77
CG DGL A 23 3.19 -5.74 -7.19
CD DGL A 23 2.59 -7.00 -7.80
OE1 DGL A 23 2.75 -7.22 -9.02
OE2 DGL A 23 1.97 -7.80 -7.07
H DGL A 23 1.25 -4.36 -5.59
HA DGL A 23 0.68 -5.32 -8.20
HB2 DGL A 23 2.98 -3.64 -7.24
HB3 DGL A 23 2.88 -4.40 -8.81
HG2 DGL A 23 3.00 -5.76 -6.12
HG3 DGL A 23 4.25 -5.74 -7.37
N DGL A 24 0.39 -2.11 -7.66
CA DGL A 24 -0.21 -0.88 -8.15
C DGL A 24 -1.67 -1.10 -8.47
O DGL A 24 -2.15 -0.89 -9.60
CB DGL A 24 -0.16 0.24 -7.09
CG DGL A 24 1.22 0.67 -6.63
CD DGL A 24 2.05 1.23 -7.74
OE1 DGL A 24 3.14 0.71 -7.98
OE2 DGL A 24 1.63 2.22 -8.37
H DGL A 24 0.77 -2.14 -6.75
HA DGL A 24 0.33 -0.56 -9.04
HB2 DGL A 24 -0.71 -0.11 -6.23
HB3 DGL A 24 -0.66 1.11 -7.49
HG2 DGL A 24 1.73 -0.18 -6.22
HG3 DGL A 24 1.10 1.44 -5.88
N SER A 25 -2.38 -1.52 -7.48
CA SER A 25 -3.78 -1.62 -7.52
C SER A 25 -4.26 -0.39 -6.77
N ASP A 26 -4.60 0.65 -7.51
CA ASP A 26 -4.96 1.91 -6.92
C ASP A 26 -6.36 1.91 -6.33
N ASN A 1 -6.26 1.91 -5.55
CA ASN A 1 -7.38 1.82 -4.64
C ASN A 1 -7.07 2.63 -3.39
N PRO A 2 -8.00 3.53 -2.98
CA PRO A 2 -7.82 4.41 -1.81
C PRO A 2 -7.51 3.64 -0.51
N GLU A 3 -8.18 2.51 -0.31
CA GLU A 3 -8.00 1.73 0.91
C GLU A 3 -6.63 1.09 0.95
N LEU A 4 -6.20 0.56 -0.18
CA LEU A 4 -4.87 -0.02 -0.28
C LEU A 4 -3.80 1.05 -0.13
N GLN A 5 -4.06 2.21 -0.68
CA GLN A 5 -3.14 3.33 -0.56
C GLN A 5 -3.02 3.84 0.86
N ARG A 6 -4.14 3.96 1.56
CA ARG A 6 -4.11 4.43 2.95
C ARG A 6 -3.44 3.40 3.85
N LYS A 7 -3.54 2.12 3.47
CA LYS A 7 -2.85 1.02 4.15
C LYS A 7 -1.37 1.33 4.15
N CYS A 8 -0.87 1.66 3.00
CA CYS A 8 0.53 1.94 2.83
C CYS A 8 0.93 3.26 3.46
N LYS A 9 0.03 4.23 3.49
CA LYS A 9 0.34 5.49 4.16
C LYS A 9 0.33 5.33 5.68
N GLU A 10 -0.38 4.33 6.14
CA GLU A 10 -0.43 4.00 7.54
C GLU A 10 0.78 3.15 7.92
N LEU A 11 1.02 2.12 7.14
CA LEU A 11 2.09 1.16 7.37
C LEU A 11 3.46 1.77 7.11
N DAS A 12 3.55 2.57 6.07
CA DAS A 12 4.76 3.26 5.70
C DAS A 12 5.32 2.62 4.43
O DAS A 12 4.58 2.27 3.53
CB DAS A 12 4.46 4.74 5.48
CG DAS A 12 5.66 5.54 5.09
OD1 DAS A 12 6.67 5.53 5.84
OD2 DAS A 12 5.61 6.23 4.04
H DAS A 12 2.76 2.70 5.48
HA DAS A 12 5.47 3.14 6.50
HB2 DAS A 12 4.05 5.14 6.40
HB3 DAS A 12 3.72 4.84 4.70
N THR A 13 6.61 2.45 4.38
CA THR A 13 7.25 1.75 3.27
C THR A 13 7.51 0.31 3.70
N ARG A 14 7.05 0.01 4.89
CA ARG A 14 7.29 -1.26 5.53
C ARG A 14 6.50 -2.36 4.82
N DPR A 15 7.05 -3.58 4.77
CA DPR A 15 6.36 -4.73 4.15
CB DPR A 15 7.22 -5.94 4.56
CG DPR A 15 8.15 -5.43 5.62
CD DPR A 15 8.35 -3.98 5.32
C DPR A 15 6.30 -4.62 2.63
O DPR A 15 5.49 -5.28 1.97
HA DPR A 15 5.36 -4.85 4.55
HB2 DPR A 15 7.77 -6.29 3.70
HB3 DPR A 15 6.58 -6.73 4.93
HG2 DPR A 15 9.08 -5.97 5.59
HG3 DPR A 15 7.67 -5.53 6.58
HD2 DPR A 15 9.13 -3.84 4.58
HD3 DPR A 15 8.58 -3.44 6.23
N DGL A 16 7.14 -3.76 2.08
CA DGL A 16 7.20 -3.58 0.66
C DGL A 16 5.93 -2.84 0.20
O DGL A 16 5.45 -3.03 -0.91
CB DGL A 16 8.45 -2.78 0.27
CG DGL A 16 8.84 -2.92 -1.19
CD DGL A 16 9.40 -4.29 -1.52
OE1 DGL A 16 8.64 -5.27 -1.66
OE2 DGL A 16 10.64 -4.41 -1.64
H DGL A 16 7.73 -3.24 2.66
HA DGL A 16 7.23 -4.55 0.18
HB2 DGL A 16 9.27 -3.13 0.88
HB3 DGL A 16 8.26 -1.74 0.48
HG2 DGL A 16 9.58 -2.17 -1.43
HG3 DGL A 16 7.96 -2.76 -1.80
N DAL A 17 5.39 -2.04 1.11
CA DAL A 17 4.21 -1.23 0.86
CB DAL A 17 3.90 -0.37 2.05
C DAL A 17 3.00 -2.10 0.51
O DAL A 17 2.41 -1.94 -0.55
H DAL A 17 5.81 -1.99 2.00
HA DAL A 17 4.42 -0.59 0.02
HB1 DAL A 17 4.75 0.26 2.28
HB2 DAL A 17 3.67 -0.99 2.89
HB3 DAL A 17 3.04 0.26 1.83
N DGL A 18 2.67 -3.04 1.41
CA DGL A 18 1.53 -3.95 1.24
C DGL A 18 1.60 -4.64 -0.14
O DGL A 18 0.59 -4.73 -0.86
CB DGL A 18 1.54 -5.01 2.36
CG DGL A 18 0.41 -6.03 2.30
CD DGL A 18 -0.96 -5.48 2.64
OE1 DGL A 18 -1.28 -5.30 3.84
OE2 DGL A 18 -1.77 -5.29 1.72
H DGL A 18 3.23 -3.14 2.21
HA DGL A 18 0.62 -3.37 1.30
HB2 DGL A 18 1.49 -4.50 3.31
HB3 DGL A 18 2.48 -5.55 2.31
HG2 DGL A 18 0.64 -6.86 2.95
HG3 DGL A 18 0.37 -6.37 1.28
N DAR A 19 2.80 -5.05 -0.50
CA DAR A 19 3.04 -5.66 -1.79
CB DAR A 19 4.49 -6.14 -1.90
CG DAR A 19 4.90 -6.48 -3.32
CD DAR A 19 6.39 -6.61 -3.45
NE DAR A 19 6.82 -6.54 -4.84
CZ DAR A 19 8.07 -6.31 -5.22
NH1 DAR A 19 8.37 -6.35 -6.51
NH2 DAR A 19 8.98 -5.96 -4.33
C DAR A 19 2.78 -4.65 -2.90
O DAR A 19 1.93 -4.86 -3.74
H DAR A 19 3.52 -4.91 0.14
HA DAR A 19 2.38 -6.50 -1.90
HB2 DAR A 19 4.62 -7.01 -1.28
HB3 DAR A 19 5.14 -5.35 -1.52
HG2 DAR A 19 4.56 -5.70 -3.99
HG3 DAR A 19 4.44 -7.42 -3.61
HD2 DAR A 19 6.69 -7.57 -3.03
HD3 DAR A 19 6.85 -5.81 -2.89
HE DAR A 19 6.12 -6.69 -5.53
HH11 DAR A 19 7.67 -6.55 -7.19
HH12 DAR A 19 9.31 -6.17 -6.83
HH21 DAR A 19 8.78 -5.86 -3.35
HH22 DAR A 19 9.94 -5.80 -4.59
N DLY A 20 3.51 -3.54 -2.85
CA DLY A 20 3.47 -2.51 -3.87
C DLY A 20 2.05 -2.01 -4.11
O DLY A 20 1.65 -1.82 -5.24
CB DLY A 20 4.41 -1.35 -3.47
CG DLY A 20 4.49 -0.20 -4.46
CD DLY A 20 5.45 0.85 -3.98
CE DLY A 20 5.48 2.06 -4.89
NZ DLY A 20 6.41 3.11 -4.39
H DLY A 20 4.11 -3.41 -2.09
HA DLY A 20 3.84 -2.94 -4.79
HB2 DLY A 20 5.40 -1.75 -3.33
HB3 DLY A 20 4.07 -0.96 -2.53
HG2 DLY A 20 3.51 0.24 -4.58
HG3 DLY A 20 4.82 -0.58 -5.42
HD2 DLY A 20 6.44 0.42 -3.94
HD3 DLY A 20 5.16 1.16 -2.98
HE2 DLY A 20 4.49 2.47 -4.95
HE3 DLY A 20 5.81 1.75 -5.87
HZ1 DLY A 20 6.37 3.96 -4.97
HZ2 DLY A 20 7.39 2.77 -4.38
HZ3 DLY A 20 6.17 3.37 -3.41
N DCY A 21 1.29 -1.87 -3.06
CA DCY A 21 -0.06 -1.38 -3.18
C DCY A 21 -0.99 -2.36 -3.90
O DCY A 21 -1.82 -1.93 -4.70
CB DCY A 21 -0.61 -0.94 -1.84
SG DCY A 21 0.20 0.58 -1.24
H DCY A 21 1.63 -2.11 -2.16
HA DCY A 21 0.01 -0.51 -3.81
HB2 DCY A 21 -0.39 -1.72 -1.12
HB3 DCY A 21 -1.66 -0.76 -1.91
N DAR A 22 -0.82 -3.66 -3.69
CA DAR A 22 -1.67 -4.64 -4.39
CB DAR A 22 -1.86 -5.92 -3.56
CG DAR A 22 -0.59 -6.69 -3.31
CD DAR A 22 -0.83 -7.88 -2.41
NE DAR A 22 0.42 -8.59 -2.14
CZ DAR A 22 0.86 -8.95 -0.93
NH1 DAR A 22 0.13 -8.70 0.15
NH2 DAR A 22 2.02 -9.58 -0.81
C DAR A 22 -1.07 -4.94 -5.76
O DAR A 22 -1.78 -5.37 -6.67
H DAR A 22 -0.10 -3.96 -3.09
HA DAR A 22 -2.63 -4.16 -4.54
HB2 DAR A 22 -2.55 -6.56 -4.08
HB3 DAR A 22 -2.28 -5.65 -2.61
HG2 DAR A 22 0.14 -6.04 -2.85
HG3 DAR A 22 -0.20 -7.05 -4.26
HD2 DAR A 22 -1.52 -8.55 -2.88
HD3 DAR A 22 -1.23 -7.51 -1.48
HE DAR A 22 0.94 -8.81 -2.96
HH11 DAR A 22 -0.77 -8.25 0.10
HH12 DAR A 22 0.46 -8.95 1.07
HH21 DAR A 22 2.60 -9.82 -1.59
HH22 DAR A 22 2.39 -9.83 0.09
N DGL A 23 0.21 -4.71 -5.89
CA DGL A 23 0.90 -4.93 -7.13
C DGL A 23 0.50 -3.83 -8.12
O DGL A 23 0.09 -4.11 -9.23
CB DGL A 23 2.42 -4.93 -6.86
CG DGL A 23 3.28 -5.41 -8.03
CD DGL A 23 4.75 -5.42 -7.68
OE1 DGL A 23 5.46 -4.43 -7.93
OE2 DGL A 23 5.25 -6.44 -7.14
H DGL A 23 0.71 -4.41 -5.11
HA DGL A 23 0.61 -5.88 -7.53
HB2 DGL A 23 2.62 -5.56 -6.01
HB3 DGL A 23 2.73 -3.92 -6.63
HG2 DGL A 23 3.14 -4.74 -8.87
HG3 DGL A 23 2.98 -6.40 -8.31
N DGL A 24 0.53 -2.60 -7.63
CA DGL A 24 0.16 -1.45 -8.44
C DGL A 24 -1.35 -1.30 -8.58
O DGL A 24 -1.85 -1.18 -9.69
CB DGL A 24 0.77 -0.18 -7.85
CG DGL A 24 2.28 -0.14 -7.90
CD DGL A 24 2.79 -0.09 -9.32
OE1 DGL A 24 3.26 -1.12 -9.84
OE2 DGL A 24 2.72 0.98 -9.93
H DGL A 24 0.83 -2.44 -6.71
HA DGL A 24 0.59 -1.59 -9.42
HB2 DGL A 24 0.47 -0.11 -6.81
HB3 DGL A 24 0.39 0.67 -8.39
HG2 DGL A 24 2.67 -1.04 -7.44
HG3 DGL A 24 2.65 0.72 -7.37
N SER A 25 -2.07 -1.33 -7.49
CA SER A 25 -3.51 -1.18 -7.55
C SER A 25 -3.92 0.22 -7.13
N ASP A 26 -4.70 0.88 -7.95
CA ASP A 26 -5.18 2.21 -7.65
C ASP A 26 -6.44 2.14 -6.82
N ASN A 1 -6.42 2.10 -5.73
CA ASN A 1 -7.66 2.19 -4.98
C ASN A 1 -7.36 2.74 -3.60
N PRO A 2 -8.14 3.73 -3.12
CA PRO A 2 -7.97 4.37 -1.81
C PRO A 2 -7.73 3.37 -0.67
N GLU A 3 -8.49 2.27 -0.69
CA GLU A 3 -8.39 1.20 0.31
C GLU A 3 -6.95 0.72 0.46
N LEU A 4 -6.31 0.46 -0.66
CA LEU A 4 -4.95 -0.03 -0.68
C LEU A 4 -3.98 1.08 -0.42
N GLN A 5 -4.21 2.22 -1.01
CA GLN A 5 -3.32 3.36 -0.85
C GLN A 5 -3.30 3.86 0.59
N ARG A 6 -4.37 3.62 1.33
CA ARG A 6 -4.38 3.87 2.75
C ARG A 6 -3.37 2.98 3.41
N LYS A 7 -3.52 1.68 3.16
CA LYS A 7 -2.71 0.63 3.79
C LYS A 7 -1.23 0.91 3.61
N CYS A 8 -0.85 1.24 2.39
CA CYS A 8 0.52 1.53 2.04
C CYS A 8 1.07 2.67 2.89
N LYS A 9 0.36 3.78 2.89
CA LYS A 9 0.81 5.01 3.54
C LYS A 9 0.68 4.90 5.05
N GLU A 10 -0.20 4.02 5.49
CA GLU A 10 -0.43 3.77 6.89
C GLU A 10 0.72 2.95 7.48
N LEU A 11 1.22 2.00 6.70
CA LEU A 11 2.36 1.19 7.13
C LEU A 11 3.64 1.95 6.93
N DAS A 12 3.71 2.64 5.83
CA DAS A 12 4.87 3.42 5.51
C DAS A 12 5.53 2.87 4.29
O DAS A 12 4.97 2.87 3.20
CB DAS A 12 4.50 4.89 5.32
CG DAS A 12 5.68 5.72 4.91
OD1 DAS A 12 5.59 6.42 3.88
OD2 DAS A 12 6.70 5.73 5.63
H DAS A 12 2.98 2.62 5.17
HA DAS A 12 5.56 3.34 6.34
HB2 DAS A 12 4.10 5.28 6.24
HB3 DAS A 12 3.75 4.96 4.55
N THR A 13 6.69 2.35 4.48
CA THR A 13 7.43 1.70 3.43
C THR A 13 7.73 0.27 3.88
N ARG A 14 7.04 -0.13 4.94
CA ARG A 14 7.23 -1.42 5.58
C ARG A 14 6.49 -2.53 4.85
N DPR A 15 7.04 -3.76 4.83
CA DPR A 15 6.43 -4.91 4.13
CB DPR A 15 7.36 -6.08 4.48
CG DPR A 15 8.13 -5.62 5.66
CD DPR A 15 8.29 -4.14 5.50
C DPR A 15 6.40 -4.68 2.61
O DPR A 15 5.61 -5.32 1.88
HA DPR A 15 5.43 -5.10 4.50
HB2 DPR A 15 8.02 -6.27 3.64
HB3 DPR A 15 6.77 -6.96 4.70
HG2 DPR A 15 9.10 -6.10 5.68
HG3 DPR A 15 7.58 -5.85 6.57
HD2 DPR A 15 9.15 -3.91 4.90
HD3 DPR A 15 8.38 -3.67 6.47
N DGL A 16 7.23 -3.77 2.15
CA DGL A 16 7.26 -3.38 0.77
C DGL A 16 6.00 -2.60 0.41
O DGL A 16 5.43 -2.78 -0.66
CB DGL A 16 8.49 -2.51 0.47
CG DGL A 16 8.58 -2.05 -0.98
CD DGL A 16 9.81 -1.22 -1.25
OE1 DGL A 16 9.75 0.01 -1.11
OE2 DGL A 16 10.87 -1.79 -1.61
H DGL A 16 7.85 -3.36 2.79
HA DGL A 16 7.30 -4.28 0.16
HB2 DGL A 16 9.39 -3.07 0.70
HB3 DGL A 16 8.46 -1.65 1.10
HG2 DGL A 16 7.71 -1.47 -1.21
HG3 DGL A 16 8.61 -2.92 -1.61
N DAL A 17 5.53 -1.82 1.37
CA DAL A 17 4.37 -0.96 1.19
CB DAL A 17 4.14 -0.08 2.38
C DAL A 17 3.14 -1.79 0.90
O DAL A 17 2.46 -1.58 -0.08
H DAL A 17 5.97 -1.84 2.25
HA DAL A 17 4.56 -0.33 0.33
HB1 DAL A 17 3.32 0.60 2.20
HB2 DAL A 17 5.03 0.49 2.59
HB3 DAL A 17 3.91 -0.70 3.24
N DGL A 18 2.89 -2.77 1.77
CA DGL A 18 1.73 -3.64 1.62
C DGL A 18 1.78 -4.45 0.31
O DGL A 18 0.73 -4.80 -0.25
CB DGL A 18 1.56 -4.54 2.84
CG DGL A 18 2.79 -5.34 3.22
CD DGL A 18 2.58 -6.17 4.44
OE1 DGL A 18 2.21 -7.35 4.32
OE2 DGL A 18 2.79 -5.67 5.55
H DGL A 18 3.50 -2.90 2.52
HA DGL A 18 0.87 -2.99 1.55
HB2 DGL A 18 0.76 -5.24 2.65
HB3 DGL A 18 1.29 -3.93 3.69
HG2 DGL A 18 3.60 -4.66 3.39
HG3 DGL A 18 3.05 -5.98 2.39
N DAR A 19 2.99 -4.70 -0.18
CA DAR A 19 3.16 -5.37 -1.45
CB DAR A 19 4.60 -5.90 -1.60
CG DAR A 19 4.90 -6.53 -2.97
CD DAR A 19 3.95 -7.67 -3.27
NE DAR A 19 4.15 -8.22 -4.60
CZ DAR A 19 3.19 -8.80 -5.32
NH1 DAR A 19 3.48 -9.30 -6.53
NH2 DAR A 19 1.94 -8.88 -4.85
C DAR A 19 2.82 -4.40 -2.58
O DAR A 19 2.05 -4.74 -3.48
H DAR A 19 3.77 -4.40 0.33
HA DAR A 19 2.47 -6.20 -1.48
HB2 DAR A 19 4.79 -6.65 -0.84
HB3 DAR A 19 5.28 -5.08 -1.46
HG2 DAR A 19 5.91 -6.91 -2.96
HG3 DAR A 19 4.80 -5.78 -3.73
HD2 DAR A 19 2.94 -7.29 -3.20
HD3 DAR A 19 4.08 -8.45 -2.54
HE DAR A 19 5.07 -8.15 -4.94
HH11 DAR A 19 4.41 -9.25 -6.92
HH12 DAR A 19 2.79 -9.76 -7.10
HH21 DAR A 19 1.69 -8.51 -3.95
HH22 DAR A 19 1.19 -9.31 -5.37
N DLY A 20 3.38 -3.21 -2.47
CA DLY A 20 3.17 -2.12 -3.42
C DLY A 20 1.67 -1.82 -3.57
O DLY A 20 1.19 -1.55 -4.68
CB DLY A 20 3.94 -0.89 -2.91
CG DLY A 20 3.83 0.37 -3.75
CD DLY A 20 4.70 1.48 -3.16
CE DLY A 20 4.58 2.78 -3.95
NZ DLY A 20 4.96 2.62 -5.36
H DLY A 20 3.98 -3.04 -1.71
HA DLY A 20 3.57 -2.42 -4.37
HB2 DLY A 20 4.98 -1.14 -2.82
HB3 DLY A 20 3.57 -0.64 -1.92
HG2 DLY A 20 2.80 0.70 -3.77
HG3 DLY A 20 4.16 0.15 -4.75
HD2 DLY A 20 5.73 1.16 -3.16
HD3 DLY A 20 4.38 1.67 -2.14
HE2 DLY A 20 5.23 3.52 -3.50
HE3 DLY A 20 3.57 3.14 -3.91
HZ1 DLY A 20 4.98 3.52 -5.87
HZ2 DLY A 20 4.24 2.04 -5.85
HZ3 DLY A 20 5.88 2.15 -5.47
N DCY A 21 0.96 -1.91 -2.45
CA DCY A 21 -0.49 -1.73 -2.42
C DCY A 21 -1.18 -2.63 -3.44
O DCY A 21 -1.85 -2.14 -4.32
CB DCY A 21 -1.05 -2.03 -1.01
SG DCY A 21 -0.41 -0.94 0.30
H DCY A 21 1.43 -2.07 -1.60
HA DCY A 21 -0.70 -0.70 -2.66
HB2 DCY A 21 -0.80 -3.05 -0.75
HB3 DCY A 21 -2.12 -1.91 -1.03
N DAR A 22 -0.96 -3.93 -3.35
CA DAR A 22 -1.63 -4.88 -4.24
CB DAR A 22 -1.69 -6.28 -3.61
CG DAR A 22 -2.64 -6.42 -2.42
CD DAR A 22 -4.09 -6.25 -2.83
NE DAR A 22 -5.00 -6.33 -1.67
CZ DAR A 22 -6.34 -6.14 -1.72
NH1 DAR A 22 -6.95 -5.95 -2.88
NH2 DAR A 22 -7.05 -6.15 -0.58
C DAR A 22 -0.97 -4.95 -5.61
O DAR A 22 -1.57 -5.40 -6.56
H DAR A 22 -0.30 -4.26 -2.70
HA DAR A 22 -2.63 -4.52 -4.39
HB2 DAR A 22 -0.70 -6.56 -3.30
HB3 DAR A 22 -2.03 -6.99 -4.37
HG2 DAR A 22 -2.38 -5.64 -1.71
HG3 DAR A 22 -2.51 -7.38 -1.95
HD2 DAR A 22 -4.36 -7.02 -3.53
HD3 DAR A 22 -4.22 -5.28 -3.28
HE DAR A 22 -4.58 -6.50 -0.80
HH11 DAR A 22 -6.44 -5.94 -3.75
HH12 DAR A 22 -7.94 -5.79 -2.97
HH21 DAR A 22 -6.61 -6.30 0.31
HH22 DAR A 22 -8.04 -6.01 -0.57
N DGL A 23 0.27 -4.53 -5.69
CA DGL A 23 0.99 -4.56 -6.95
C DGL A 23 0.49 -3.47 -7.90
O DGL A 23 0.34 -3.71 -9.11
CB DGL A 23 2.51 -4.46 -6.72
CG DGL A 23 3.34 -4.54 -7.99
CD DGL A 23 4.82 -4.50 -7.73
OE1 DGL A 23 5.46 -5.55 -7.74
OE2 DGL A 23 5.37 -3.39 -7.54
H DGL A 23 0.73 -4.19 -4.89
HA DGL A 23 0.78 -5.52 -7.40
HB2 DGL A 23 2.82 -5.26 -6.05
HB3 DGL A 23 2.72 -3.51 -6.25
HG2 DGL A 23 3.07 -3.71 -8.63
HG3 DGL A 23 3.11 -5.46 -8.50
N DGL A 24 0.23 -2.31 -7.38
CA DGL A 24 -0.22 -1.20 -8.20
C DGL A 24 -1.73 -1.02 -8.18
O DGL A 24 -2.35 -0.76 -9.21
CB DGL A 24 0.47 0.10 -7.82
CG DGL A 24 1.98 0.07 -7.99
CD DGL A 24 2.61 1.38 -7.61
OE1 DGL A 24 2.76 1.66 -6.43
OE2 DGL A 24 2.98 2.16 -8.50
H DGL A 24 0.35 -2.17 -6.41
HA DGL A 24 0.06 -1.44 -9.22
HB2 DGL A 24 0.25 0.31 -6.79
HB3 DGL A 24 0.08 0.90 -8.44
HG2 DGL A 24 2.22 -0.15 -9.02
HG3 DGL A 24 2.39 -0.70 -7.35
N SER A 25 -2.33 -1.18 -7.02
CA SER A 25 -3.75 -0.91 -6.89
C SER A 25 -3.91 0.51 -6.35
N ASP A 26 -4.29 1.43 -7.21
CA ASP A 26 -4.43 2.87 -6.86
C ASP A 26 -5.71 3.15 -6.08
N ASN A 1 -6.11 1.26 -5.12
CA ASN A 1 -7.16 1.03 -4.17
C ASN A 1 -6.91 1.90 -2.97
N PRO A 2 -7.76 2.93 -2.73
CA PRO A 2 -7.62 3.84 -1.57
C PRO A 2 -7.48 3.08 -0.24
N GLU A 3 -8.07 1.89 -0.18
CA GLU A 3 -7.97 1.00 0.98
C GLU A 3 -6.50 0.65 1.24
N LEU A 4 -5.86 0.13 0.21
CA LEU A 4 -4.47 -0.27 0.28
C LEU A 4 -3.57 0.91 0.41
N GLN A 5 -3.82 1.94 -0.38
CA GLN A 5 -2.98 3.12 -0.39
C GLN A 5 -3.00 3.84 0.96
N ARG A 6 -4.15 3.85 1.63
CA ARG A 6 -4.23 4.40 2.97
C ARG A 6 -3.36 3.57 3.90
N LYS A 7 -3.47 2.25 3.79
CA LYS A 7 -2.66 1.34 4.59
C LYS A 7 -1.18 1.62 4.34
N CYS A 8 -0.80 1.62 3.08
CA CYS A 8 0.58 1.83 2.67
C CYS A 8 1.16 3.13 3.22
N LYS A 9 0.44 4.21 3.02
CA LYS A 9 0.89 5.52 3.43
C LYS A 9 0.92 5.68 4.96
N GLU A 10 -0.01 5.04 5.64
CA GLU A 10 -0.08 5.13 7.08
C GLU A 10 0.89 4.16 7.77
N LEU A 11 1.04 2.99 7.20
CA LEU A 11 1.93 1.97 7.72
C LEU A 11 3.37 2.39 7.50
N DAS A 12 3.66 2.76 6.28
CA DAS A 12 4.97 3.24 5.91
C DAS A 12 5.61 2.30 4.90
O DAS A 12 5.01 1.96 3.91
CB DAS A 12 4.84 4.63 5.28
CG DAS A 12 6.15 5.15 4.74
OD1 DAS A 12 6.86 5.88 5.47
OD2 DAS A 12 6.47 4.87 3.56
H DAS A 12 2.99 2.71 5.57
HA DAS A 12 5.57 3.31 6.79
HB2 DAS A 12 4.48 5.32 6.04
HB3 DAS A 12 4.14 4.59 4.48
N THR A 13 6.82 1.88 5.17
CA THR A 13 7.53 1.06 4.24
C THR A 13 7.43 -0.45 4.62
N ARG A 14 6.71 -0.72 5.70
CA ARG A 14 6.46 -2.11 6.12
C ARG A 14 5.59 -2.81 5.06
N DPR A 15 5.75 -4.14 4.89
CA DPR A 15 4.96 -4.92 3.92
CB DPR A 15 5.37 -6.38 4.20
CG DPR A 15 6.03 -6.33 5.53
CD DPR A 15 6.68 -5.00 5.62
C DPR A 15 5.31 -4.57 2.47
O DPR A 15 4.53 -4.81 1.55
HA DPR A 15 3.90 -4.80 4.08
HB2 DPR A 15 6.04 -6.72 3.44
HB3 DPR A 15 4.49 -7.00 4.21
HG2 DPR A 15 6.77 -7.11 5.59
HG3 DPR A 15 5.29 -6.44 6.31
HD2 DPR A 15 7.65 -5.01 5.15
HD3 DPR A 15 6.77 -4.69 6.65
N DGL A 16 6.47 -3.94 2.28
CA DGL A 16 6.96 -3.53 0.96
C DGL A 16 5.92 -2.63 0.26
O DGL A 16 5.66 -2.75 -0.95
CB DGL A 16 8.26 -2.73 1.17
CG DGL A 16 9.00 -2.36 -0.10
CD DGL A 16 9.53 -3.56 -0.80
OE1 DGL A 16 8.93 -4.01 -1.78
OE2 DGL A 16 10.58 -4.10 -0.37
H DGL A 16 7.00 -3.76 3.08
HA DGL A 16 7.16 -4.39 0.36
HB2 DGL A 16 8.91 -3.33 1.78
HB3 DGL A 16 8.03 -1.82 1.70
HG2 DGL A 16 9.82 -1.70 0.15
HG3 DGL A 16 8.32 -1.83 -0.76
N DAL A 17 5.29 -1.80 1.07
CA DAL A 17 4.31 -0.87 0.60
CB DAL A 17 3.98 0.12 1.68
C DAL A 17 3.06 -1.57 0.14
O DAL A 17 2.54 -1.30 -0.94
H DAL A 17 5.49 -1.84 2.03
HA DAL A 17 4.74 -0.33 -0.24
HB1 DAL A 17 3.31 0.88 1.29
HB2 DAL A 17 4.89 0.59 2.03
HB3 DAL A 17 3.50 -0.38 2.50
N DGL A 18 2.59 -2.54 0.93
CA DGL A 18 1.35 -3.22 0.59
C DGL A 18 1.54 -4.11 -0.63
O DGL A 18 0.59 -4.36 -1.36
CB DGL A 18 0.78 -4.00 1.81
CG DGL A 18 1.59 -5.19 2.25
CD DGL A 18 1.07 -5.81 3.52
OE1 DGL A 18 -0.09 -6.27 3.54
OE2 DGL A 18 1.80 -5.84 4.52
H DGL A 18 3.10 -2.80 1.72
HA DGL A 18 0.65 -2.44 0.33
HB2 DGL A 18 -0.21 -4.34 1.55
HB3 DGL A 18 0.70 -3.33 2.64
HG2 DGL A 18 2.61 -4.88 2.40
HG3 DGL A 18 1.55 -5.93 1.46
N DAR A 19 2.78 -4.55 -0.87
CA DAR A 19 3.10 -5.31 -2.07
CB DAR A 19 4.55 -5.81 -2.10
CG DAR A 19 5.04 -6.52 -0.86
CD DAR A 19 4.20 -7.71 -0.47
NE DAR A 19 4.78 -8.35 0.71
CZ DAR A 19 4.10 -8.99 1.67
NH1 DAR A 19 4.75 -9.50 2.69
NH2 DAR A 19 2.78 -9.12 1.58
C DAR A 19 2.94 -4.37 -3.24
O DAR A 19 2.24 -4.65 -4.19
H DAR A 19 3.47 -4.34 -0.19
HA DAR A 19 2.40 -6.13 -2.17
HB2 DAR A 19 5.18 -4.96 -2.28
HB3 DAR A 19 4.65 -6.51 -2.93
HG2 DAR A 19 5.04 -5.81 -0.05
HG3 DAR A 19 6.05 -6.86 -1.04
HD2 DAR A 19 4.19 -8.42 -1.29
HD3 DAR A 19 3.19 -7.37 -0.25
HE DAR A 19 5.75 -8.26 0.77
HH11 DAR A 19 5.75 -9.43 2.77
HH12 DAR A 19 4.28 -9.98 3.43
HH21 DAR A 19 2.24 -8.77 0.82
HH22 DAR A 19 2.25 -9.60 2.29
N DLY A 20 3.61 -3.21 -3.09
CA DLY A 20 3.61 -2.15 -4.10
C DLY A 20 2.20 -1.78 -4.50
O DLY A 20 1.85 -1.79 -5.69
CB DLY A 20 4.32 -0.92 -3.54
CG DLY A 20 4.46 0.23 -4.51
CD DLY A 20 5.12 1.42 -3.88
CE DLY A 20 5.31 2.55 -4.88
NZ DLY A 20 4.02 3.05 -5.43
H DLY A 20 4.13 -3.07 -2.27
HA DLY A 20 4.15 -2.51 -4.97
HB2 DLY A 20 5.31 -1.19 -3.20
HB3 DLY A 20 3.77 -0.56 -2.68
HG2 DLY A 20 3.48 0.51 -4.86
HG3 DLY A 20 5.06 -0.09 -5.34
HD2 DLY A 20 6.09 1.14 -3.49
HD3 DLY A 20 4.49 1.79 -3.06
HE2 DLY A 20 5.90 2.17 -5.70
HE3 DLY A 20 5.83 3.36 -4.41
HZ1 DLY A 20 4.19 3.76 -6.17
HZ2 DLY A 20 3.48 3.54 -4.68
HZ3 DLY A 20 3.39 2.32 -5.82
N DCY A 21 1.37 -1.49 -3.51
CA DCY A 21 0.00 -1.11 -3.73
C DCY A 21 -0.81 -2.21 -4.40
O DCY A 21 -1.53 -1.95 -5.36
CB DCY A 21 -0.66 -0.70 -2.42
SG DCY A 21 0.11 0.76 -1.63
H DCY A 21 1.72 -1.54 -2.59
HA DCY A 21 0.01 -0.25 -4.38
HB2 DCY A 21 -0.59 -1.52 -1.72
HB3 DCY A 21 -1.70 -0.46 -2.59
N DAR A 22 -0.64 -3.45 -3.96
CA DAR A 22 -1.38 -4.57 -4.55
CB DAR A 22 -1.29 -5.80 -3.66
CG DAR A 22 -2.06 -5.69 -2.36
CD DAR A 22 -1.85 -6.92 -1.48
NE DAR A 22 -2.61 -6.82 -0.23
CZ DAR A 22 -2.11 -7.05 1.00
NH1 DAR A 22 -0.87 -7.50 1.16
NH2 DAR A 22 -2.89 -6.87 2.06
C DAR A 22 -0.89 -4.89 -5.95
O DAR A 22 -1.60 -5.50 -6.75
H DAR A 22 0.00 -3.62 -3.25
HA DAR A 22 -2.41 -4.26 -4.61
HB2 DAR A 22 -0.25 -5.99 -3.42
HB3 DAR A 22 -1.68 -6.64 -4.21
HG2 DAR A 22 -3.11 -5.60 -2.58
HG3 DAR A 22 -1.72 -4.82 -1.83
HD2 DAR A 22 -0.79 -7.00 -1.25
HD3 DAR A 22 -2.16 -7.80 -2.02
HE DAR A 22 -3.54 -6.55 -0.35
HH11 DAR A 22 -0.27 -7.70 0.37
HH12 DAR A 22 -0.47 -7.62 2.07
HH21 DAR A 22 -3.84 -6.56 1.98
HH22 DAR A 22 -2.55 -7.02 3.00
N DGL A 23 0.33 -4.51 -6.25
CA DGL A 23 0.90 -4.74 -7.54
C DGL A 23 0.36 -3.73 -8.56
O DGL A 23 -0.02 -4.10 -9.67
CB DGL A 23 2.44 -4.63 -7.48
CG DGL A 23 3.13 -4.97 -8.78
CD DGL A 23 4.60 -4.70 -8.72
OE1 DGL A 23 5.40 -5.63 -8.50
OE2 DGL A 23 5.00 -3.52 -8.92
H DGL A 23 0.88 -4.08 -5.56
HA DGL A 23 0.63 -5.73 -7.85
HB2 DGL A 23 2.79 -5.30 -6.70
HB3 DGL A 23 2.71 -3.62 -7.21
HG2 DGL A 23 2.68 -4.40 -9.58
HG3 DGL A 23 2.99 -6.03 -8.97
N DGL A 24 0.30 -2.47 -8.18
CA DGL A 24 -0.16 -1.43 -9.08
C DGL A 24 -1.68 -1.36 -9.13
O DGL A 24 -2.29 -1.29 -10.20
CB DGL A 24 0.48 -0.06 -8.76
CG DGL A 24 0.18 0.50 -7.37
CD DGL A 24 0.99 1.73 -7.08
OE1 DGL A 24 0.62 2.84 -7.54
OE2 DGL A 24 2.04 1.62 -6.41
H DGL A 24 0.60 -2.23 -7.27
HA DGL A 24 0.17 -1.72 -10.07
HB2 DGL A 24 0.15 0.66 -9.49
HB3 DGL A 24 1.55 -0.15 -8.85
HG2 DGL A 24 0.42 -0.25 -6.63
HG3 DGL A 24 -0.87 0.75 -7.31
N SER A 25 -2.29 -1.43 -7.99
CA SER A 25 -3.69 -1.33 -7.89
C SER A 25 -4.05 -0.08 -7.08
N ASP A 26 -4.70 0.87 -7.73
CA ASP A 26 -5.07 2.12 -7.08
C ASP A 26 -6.30 1.93 -6.22
N ASN A 1 -6.41 1.28 -5.37
CA ASN A 1 -7.51 1.27 -4.43
C ASN A 1 -7.17 2.21 -3.27
N PRO A 2 -8.01 3.23 -3.02
CA PRO A 2 -7.78 4.24 -1.97
C PRO A 2 -7.48 3.64 -0.58
N GLU A 3 -8.20 2.60 -0.22
CA GLU A 3 -8.04 1.99 1.07
C GLU A 3 -6.70 1.27 1.16
N LEU A 4 -6.36 0.53 0.11
CA LEU A 4 -5.11 -0.18 0.05
C LEU A 4 -3.94 0.80 0.06
N GLN A 5 -4.13 1.93 -0.59
CA GLN A 5 -3.11 2.96 -0.67
C GLN A 5 -2.88 3.65 0.67
N ARG A 6 -3.96 3.99 1.38
CA ARG A 6 -3.81 4.62 2.70
C ARG A 6 -3.27 3.61 3.70
N LYS A 7 -3.53 2.34 3.44
CA LYS A 7 -3.04 1.25 4.26
C LYS A 7 -1.50 1.28 4.23
N CYS A 8 -0.96 1.41 3.04
CA CYS A 8 0.47 1.49 2.84
C CYS A 8 1.04 2.75 3.43
N LYS A 9 0.26 3.82 3.44
CA LYS A 9 0.72 5.08 3.98
C LYS A 9 0.76 5.01 5.50
N GLU A 10 -0.13 4.20 6.07
CA GLU A 10 -0.18 3.99 7.48
C GLU A 10 1.01 3.11 7.91
N LEU A 11 1.32 2.13 7.09
CA LEU A 11 2.46 1.24 7.31
C LEU A 11 3.78 1.95 7.07
N DAS A 12 3.80 2.79 6.08
CA DAS A 12 4.99 3.51 5.69
C DAS A 12 5.67 2.77 4.58
O DAS A 12 5.16 2.73 3.48
CB DAS A 12 4.67 4.93 5.26
CG DAS A 12 5.90 5.66 4.80
OD1 DAS A 12 6.73 6.06 5.64
OD2 DAS A 12 6.06 5.87 3.58
H DAS A 12 3.00 2.90 5.52
HA DAS A 12 5.64 3.53 6.55
HB2 DAS A 12 4.24 5.47 6.09
HB3 DAS A 12 3.95 4.91 4.45
N THR A 13 6.78 2.17 4.87
CA THR A 13 7.46 1.38 3.90
C THR A 13 7.25 -0.12 4.23
N ARG A 14 6.66 -0.36 5.40
CA ARG A 14 6.41 -1.69 5.92
C ARG A 14 5.44 -2.44 5.03
N DPR A 15 5.59 -3.77 4.92
CA DPR A 15 4.74 -4.57 4.07
CB DPR A 15 4.94 -5.99 4.62
CG DPR A 15 6.32 -6.00 5.15
CD DPR A 15 6.60 -4.60 5.63
C DPR A 15 5.18 -4.49 2.61
O DPR A 15 4.47 -4.88 1.71
HA DPR A 15 3.70 -4.29 4.15
HB2 DPR A 15 4.81 -6.70 3.81
HB3 DPR A 15 4.21 -6.18 5.39
HG2 DPR A 15 7.01 -6.27 4.36
HG3 DPR A 15 6.39 -6.70 5.96
HD2 DPR A 15 7.60 -4.30 5.35
HD3 DPR A 15 6.47 -4.54 6.71
N DGL A 16 6.36 -3.91 2.40
CA DGL A 16 6.92 -3.80 1.08
C DGL A 16 6.13 -2.75 0.30
O DGL A 16 5.86 -2.90 -0.91
CB DGL A 16 8.40 -3.42 1.17
CG DGL A 16 9.17 -3.63 -0.10
CD DGL A 16 9.11 -5.05 -0.56
OE1 DGL A 16 8.34 -5.36 -1.47
OE2 DGL A 16 9.81 -5.90 0.02
H DGL A 16 6.85 -3.55 3.17
HA DGL A 16 6.82 -4.76 0.59
HB2 DGL A 16 8.86 -4.02 1.96
HB3 DGL A 16 8.47 -2.38 1.46
HG2 DGL A 16 10.20 -3.36 0.06
HG3 DGL A 16 8.74 -2.99 -0.87
N DAL A 17 5.71 -1.72 1.00
CA DAL A 17 4.86 -0.69 0.41
CB DAL A 17 4.72 0.49 1.34
C DAL A 17 3.51 -1.29 0.10
O DAL A 17 2.92 -1.00 -0.93
H DAL A 17 6.01 -1.62 1.94
HA DAL A 17 5.33 -0.36 -0.51
HB1 DAL A 17 4.28 0.16 2.27
HB2 DAL A 17 4.10 1.24 0.87
HB3 DAL A 17 5.69 0.91 1.53
N DGL A 18 3.05 -2.18 0.99
CA DGL A 18 1.79 -2.87 0.80
C DGL A 18 1.85 -3.70 -0.46
O DGL A 18 0.93 -3.66 -1.27
CB DGL A 18 1.46 -3.76 2.02
CG DGL A 18 0.14 -4.50 1.90
CD DGL A 18 -0.15 -5.39 3.07
OE1 DGL A 18 -0.88 -4.97 3.98
OE2 DGL A 18 0.34 -6.54 3.09
H DGL A 18 3.58 -2.35 1.80
HA DGL A 18 1.02 -2.13 0.70
HB2 DGL A 18 1.42 -3.14 2.91
HB3 DGL A 18 2.25 -4.49 2.14
HG2 DGL A 18 0.17 -5.11 1.00
HG3 DGL A 18 -0.65 -3.78 1.82
N DAR A 19 2.96 -4.40 -0.65
CA DAR A 19 3.21 -5.21 -1.84
CB DAR A 19 4.57 -5.91 -1.75
CG DAR A 19 4.69 -6.89 -0.61
CD DAR A 19 6.09 -7.47 -0.51
NE DAR A 19 6.21 -8.36 0.65
CZ DAR A 19 7.34 -8.68 1.27
NH1 DAR A 19 7.31 -9.54 2.28
NH2 DAR A 19 8.49 -8.11 0.92
C DAR A 19 3.16 -4.34 -3.09
O DAR A 19 2.56 -4.73 -4.10
H DAR A 19 3.63 -4.38 0.07
HA DAR A 19 2.43 -5.95 -1.89
HB2 DAR A 19 5.34 -5.16 -1.64
HB3 DAR A 19 4.74 -6.44 -2.67
HG2 DAR A 19 3.99 -7.69 -0.77
HG3 DAR A 19 4.46 -6.38 0.30
HD2 DAR A 19 6.80 -6.66 -0.41
HD3 DAR A 19 6.29 -8.02 -1.41
HE DAR A 19 5.36 -8.75 0.96
HH11 DAR A 19 6.43 -9.94 2.58
HH12 DAR A 19 8.12 -9.83 2.79
HH21 DAR A 19 8.60 -7.43 0.20
HH22 DAR A 19 9.36 -8.35 1.38
N DLY A 20 3.77 -3.16 -3.01
CA DLY A 20 3.75 -2.21 -4.11
C DLY A 20 2.31 -1.85 -4.45
O DLY A 20 1.91 -1.84 -5.63
CB DLY A 20 4.53 -0.94 -3.74
CG DLY A 20 4.64 0.06 -4.89
CD DLY A 20 5.58 -0.45 -5.98
CE DLY A 20 5.47 0.39 -7.24
NZ DLY A 20 4.19 0.16 -7.93
H DLY A 20 4.28 -2.96 -2.19
HA DLY A 20 4.22 -2.68 -4.96
HB2 DLY A 20 5.52 -1.21 -3.43
HB3 DLY A 20 4.02 -0.45 -2.92
HG2 DLY A 20 5.01 1.00 -4.51
HG3 DLY A 20 3.66 0.21 -5.32
HD2 DLY A 20 5.32 -1.47 -6.20
HD3 DLY A 20 6.59 -0.40 -5.60
HE2 DLY A 20 6.28 0.13 -7.91
HE3 DLY A 20 5.54 1.42 -6.97
HZ1 DLY A 20 3.38 0.45 -7.33
HZ2 DLY A 20 4.11 -0.85 -8.19
HZ3 DLY A 20 4.15 0.70 -8.81
N DCY A 21 1.51 -1.58 -3.42
CA DCY A 21 0.10 -1.26 -3.59
C DCY A 21 -0.65 -2.42 -4.20
O DCY A 21 -1.50 -2.22 -5.03
CB DCY A 21 -0.56 -0.90 -2.26
SG DCY A 21 0.16 0.53 -1.44
H DCY A 21 1.89 -1.59 -2.51
HA DCY A 21 0.03 -0.41 -4.25
HB2 DCY A 21 -0.47 -1.75 -1.60
HB3 DCY A 21 -1.61 -0.69 -2.43
N DAR A 22 -0.31 -3.64 -3.79
CA DAR A 22 -0.97 -4.82 -4.31
CB DAR A 22 -0.49 -6.10 -3.62
CG DAR A 22 -0.67 -6.15 -2.11
CD DAR A 22 -2.09 -5.78 -1.67
NE DAR A 22 -3.12 -6.54 -2.41
CZ DAR A 22 -4.41 -6.57 -2.07
NH1 DAR A 22 -4.81 -6.10 -0.89
NH2 DAR A 22 -5.30 -7.10 -2.89
C DAR A 22 -0.71 -4.94 -5.80
O DAR A 22 -1.65 -5.20 -6.58
H DAR A 22 0.41 -3.72 -3.13
HA DAR A 22 -2.03 -4.70 -4.15
HB2 DAR A 22 0.57 -6.22 -3.83
HB3 DAR A 22 -1.01 -6.93 -4.04
HG2 DAR A 22 0.02 -5.44 -1.65
HG3 DAR A 22 -0.45 -7.14 -1.75
HD2 DAR A 22 -2.25 -4.73 -1.83
HD3 DAR A 22 -2.19 -6.01 -0.62
HE DAR A 22 -2.82 -6.99 -3.22
HH11 DAR A 22 -4.17 -5.71 -0.22
HH12 DAR A 22 -5.78 -6.13 -0.62
HH21 DAR A 22 -5.04 -7.49 -3.78
HH22 DAR A 22 -6.27 -7.13 -2.67
N DGL A 23 0.53 -4.72 -6.17
CA DGL A 23 0.98 -4.75 -7.56
C DGL A 23 0.18 -3.80 -8.44
O DGL A 23 -0.45 -4.21 -9.43
CB DGL A 23 2.47 -4.35 -7.60
CG DGL A 23 3.06 -4.17 -8.98
CD DGL A 23 4.46 -3.63 -8.92
OE1 DGL A 23 5.42 -4.42 -9.04
OE2 DGL A 23 4.64 -2.40 -8.76
H DGL A 23 1.20 -4.54 -5.48
HA DGL A 23 0.90 -5.76 -7.94
HB2 DGL A 23 3.04 -5.11 -7.07
HB3 DGL A 23 2.58 -3.41 -7.06
HG2 DGL A 23 2.44 -3.47 -9.53
HG3 DGL A 23 3.06 -5.12 -9.49
N DGL A 24 0.16 -2.54 -8.07
CA DGL A 24 -0.46 -1.51 -8.88
C DGL A 24 -1.98 -1.45 -8.70
O DGL A 24 -2.71 -1.22 -9.66
CB DGL A 24 0.20 -0.15 -8.62
CG DGL A 24 0.14 0.31 -7.18
CD DGL A 24 0.89 1.59 -6.98
OE1 DGL A 24 0.27 2.67 -7.00
OE2 DGL A 24 2.13 1.54 -6.80
H DGL A 24 0.60 -2.29 -7.22
HA DGL A 24 -0.28 -1.78 -9.91
HB2 DGL A 24 -0.30 0.59 -9.23
HB3 DGL A 24 1.23 -0.21 -8.91
HG2 DGL A 24 0.56 -0.46 -6.55
HG3 DGL A 24 -0.89 0.46 -6.90
N SER A 25 -2.44 -1.67 -7.50
CA SER A 25 -3.82 -1.53 -7.22
C SER A 25 -4.08 -0.15 -6.64
N ASP A 26 -4.68 0.70 -7.44
CA ASP A 26 -4.97 2.10 -7.12
C ASP A 26 -6.22 2.24 -6.23
N ASN A 1 -6.29 1.29 -5.63
CA ASN A 1 -7.31 1.31 -4.56
C ASN A 1 -6.92 2.31 -3.48
N PRO A 2 -7.72 3.38 -3.30
CA PRO A 2 -7.43 4.48 -2.38
C PRO A 2 -7.20 4.04 -0.94
N GLU A 3 -8.06 3.18 -0.42
CA GLU A 3 -7.95 2.76 0.95
C GLU A 3 -6.77 1.82 1.14
N LEU A 4 -6.44 1.09 0.09
CA LEU A 4 -5.30 0.21 0.14
C LEU A 4 -4.02 1.06 0.18
N GLN A 5 -4.02 2.17 -0.54
CA GLN A 5 -2.91 3.11 -0.48
C GLN A 5 -2.84 3.77 0.90
N ARG A 6 -4.00 4.00 1.51
CA ARG A 6 -4.06 4.53 2.87
C ARG A 6 -3.43 3.56 3.85
N LYS A 7 -3.69 2.28 3.63
CA LYS A 7 -3.12 1.19 4.41
C LYS A 7 -1.61 1.27 4.37
N CYS A 8 -1.10 1.49 3.19
CA CYS A 8 0.32 1.62 2.96
C CYS A 8 0.89 2.85 3.65
N LYS A 9 0.13 3.93 3.64
CA LYS A 9 0.55 5.16 4.29
C LYS A 9 0.53 4.99 5.82
N GLU A 10 -0.31 4.08 6.29
CA GLU A 10 -0.35 3.74 7.71
C GLU A 10 0.76 2.75 8.04
N LEU A 11 1.14 1.98 7.05
CA LEU A 11 2.16 0.95 7.18
C LEU A 11 3.57 1.55 6.98
N DAS A 12 3.61 2.75 6.43
CA DAS A 12 4.85 3.48 6.24
C DAS A 12 5.54 2.99 4.99
O DAS A 12 5.13 3.30 3.88
CB DAS A 12 4.61 4.99 6.15
CG DAS A 12 5.89 5.79 5.95
OD1 DAS A 12 6.62 6.02 6.94
OD2 DAS A 12 6.16 6.22 4.80
H DAS A 12 2.77 3.12 6.07
HA DAS A 12 5.49 3.27 7.09
HB2 DAS A 12 4.15 5.32 7.07
HB3 DAS A 12 3.95 5.19 5.33
N THR A 13 6.56 2.21 5.17
CA THR A 13 7.25 1.64 4.05
C THR A 13 7.48 0.14 4.33
N ARG A 14 6.85 -0.35 5.37
CA ARG A 14 7.02 -1.73 5.77
C ARG A 14 6.26 -2.66 4.84
N DPR A 15 6.77 -3.90 4.64
CA DPR A 15 6.12 -4.87 3.76
CB DPR A 15 6.93 -6.16 3.99
CG DPR A 15 8.24 -5.71 4.50
CD DPR A 15 7.98 -4.45 5.28
C DPR A 15 6.19 -4.45 2.28
O DPR A 15 5.39 -4.95 1.47
HA DPR A 15 5.10 -5.03 4.05
HB2 DPR A 15 7.04 -6.69 3.05
HB3 DPR A 15 6.42 -6.78 4.71
HG2 DPR A 15 8.91 -5.50 3.68
HG3 DPR A 15 8.67 -6.47 5.15
HD2 DPR A 15 8.82 -3.77 5.18
HD3 DPR A 15 7.81 -4.69 6.32
N DGL A 16 7.11 -3.54 1.96
CA DGL A 16 7.28 -3.01 0.61
C DGL A 16 5.98 -2.34 0.19
O DGL A 16 5.44 -2.64 -0.87
CB DGL A 16 8.45 -1.97 0.61
CG DGL A 16 8.97 -1.50 -0.76
CD DGL A 16 8.02 -0.65 -1.57
OE1 DGL A 16 7.93 0.59 -1.33
OE2 DGL A 16 7.39 -1.18 -2.51
H DGL A 16 7.71 -3.22 2.68
HA DGL A 16 7.51 -3.81 -0.05
HB2 DGL A 16 9.28 -2.42 1.15
HB3 DGL A 16 8.13 -1.10 1.16
HG2 DGL A 16 9.24 -2.37 -1.34
HG3 DGL A 16 9.87 -0.91 -0.60
N DAL A 17 5.45 -1.51 1.10
CA DAL A 17 4.22 -0.75 0.88
CB DAL A 17 3.85 -0.02 2.16
C DAL A 17 3.09 -1.66 0.42
O DAL A 17 2.44 -1.39 -0.61
H DAL A 17 5.90 -1.42 1.96
HA DAL A 17 4.42 -0.02 0.10
HB1 DAL A 17 3.68 -0.75 2.94
HB2 DAL A 17 2.94 0.55 1.99
HB3 DAL A 17 4.64 0.65 2.45
N DGL A 18 2.90 -2.75 1.15
CA DGL A 18 1.86 -3.75 0.89
C DGL A 18 1.93 -4.21 -0.58
O DGL A 18 0.93 -4.19 -1.30
CB DGL A 18 2.11 -4.96 1.79
CG DGL A 18 1.06 -6.06 1.70
CD DGL A 18 -0.23 -5.70 2.39
OE1 DGL A 18 -0.38 -6.01 3.57
OE2 DGL A 18 -1.13 -5.11 1.76
H DGL A 18 3.50 -2.88 1.91
HA DGL A 18 0.89 -3.34 1.10
HB2 DGL A 18 2.16 -4.62 2.81
HB3 DGL A 18 3.07 -5.39 1.53
HG2 DGL A 18 1.46 -6.96 2.15
HG3 DGL A 18 0.85 -6.23 0.66
N DAR A 19 3.13 -4.56 -1.03
CA DAR A 19 3.33 -5.07 -2.38
CB DAR A 19 4.70 -5.78 -2.55
CG DAR A 19 4.80 -7.18 -1.96
CD DAR A 19 4.64 -7.19 -0.45
NE DAR A 19 4.74 -8.53 0.11
CZ DAR A 19 4.62 -8.82 1.42
NH1 DAR A 19 4.72 -10.07 1.84
NH2 DAR A 19 4.40 -7.85 2.30
C DAR A 19 3.17 -3.97 -3.41
O DAR A 19 2.48 -4.16 -4.41
H DAR A 19 3.88 -4.40 -0.43
HA DAR A 19 2.56 -5.80 -2.56
HB2 DAR A 19 5.46 -5.15 -2.10
HB3 DAR A 19 4.90 -5.85 -3.62
HG2 DAR A 19 5.76 -7.60 -2.21
HG3 DAR A 19 4.02 -7.79 -2.37
HD2 DAR A 19 3.67 -6.78 -0.22
HD3 DAR A 19 5.40 -6.57 -0.02
HE DAR A 19 4.90 -9.25 -0.54
HH11 DAR A 19 4.89 -10.84 1.22
HH12 DAR A 19 4.65 -10.31 2.81
HH21 DAR A 19 4.33 -6.89 2.01
HH22 DAR A 19 4.30 -8.02 3.29
N DLY A 20 3.76 -2.82 -3.11
CA DLY A 20 3.68 -1.62 -3.95
C DLY A 20 2.21 -1.30 -4.29
O DLY A 20 1.88 -1.00 -5.43
CB DLY A 20 4.33 -0.44 -3.20
CG DLY A 20 4.16 0.94 -3.84
CD DLY A 20 4.85 1.10 -5.20
CE DLY A 20 6.38 1.30 -5.13
NZ DLY A 20 7.13 0.07 -4.79
H DLY A 20 4.29 -2.77 -2.28
HA DLY A 20 4.22 -1.81 -4.86
HB2 DLY A 20 5.39 -0.64 -3.09
HB3 DLY A 20 3.91 -0.39 -2.20
HG2 DLY A 20 4.56 1.69 -3.16
HG3 DLY A 20 3.11 1.13 -3.98
HD2 DLY A 20 4.41 1.95 -5.70
HD3 DLY A 20 4.65 0.22 -5.79
HE2 DLY A 20 6.58 2.06 -4.39
HE3 DLY A 20 6.73 1.65 -6.09
HZ1 DLY A 20 6.91 -0.69 -5.45
HZ2 DLY A 20 7.01 -0.27 -3.80
HZ3 DLY A 20 8.15 0.26 -4.91
N DCY A 21 1.37 -1.42 -3.31
CA DCY A 21 -0.03 -1.15 -3.48
C DCY A 21 -0.77 -2.30 -4.19
O DCY A 21 -1.35 -2.10 -5.28
CB DCY A 21 -0.66 -0.84 -2.14
SG DCY A 21 -0.01 0.68 -1.34
H DCY A 21 1.70 -1.67 -2.41
HA DCY A 21 -0.11 -0.26 -4.10
HB2 DCY A 21 -0.42 -1.66 -1.48
HB3 DCY A 21 -1.72 -0.75 -2.23
N DAR A 22 -0.70 -3.51 -3.61
CA DAR A 22 -1.52 -4.64 -4.07
CB DAR A 22 -1.48 -5.83 -3.07
CG DAR A 22 -0.16 -6.58 -3.07
CD DAR A 22 -0.16 -7.79 -2.17
NE DAR A 22 1.03 -8.61 -2.41
CZ DAR A 22 1.58 -9.49 -1.54
NH1 DAR A 22 1.05 -9.70 -0.35
NH2 DAR A 22 2.66 -10.18 -1.91
C DAR A 22 -1.17 -5.14 -5.47
O DAR A 22 -2.05 -5.57 -6.21
H DAR A 22 -0.09 -3.64 -2.85
HA DAR A 22 -2.54 -4.29 -4.10
HB2 DAR A 22 -2.27 -6.52 -3.32
HB3 DAR A 22 -1.65 -5.45 -2.07
HG2 DAR A 22 0.60 -5.89 -2.74
HG3 DAR A 22 0.06 -6.90 -4.08
HD2 DAR A 22 -1.05 -8.39 -2.36
HD3 DAR A 22 -0.16 -7.46 -1.14
HE DAR A 22 1.41 -8.48 -3.32
HH11 DAR A 22 0.22 -9.23 -0.03
HH12 DAR A 22 1.44 -10.36 0.30
HH21 DAR A 22 3.10 -10.06 -2.80
HH22 DAR A 22 3.10 -10.84 -1.30
N DGL A 23 0.11 -5.07 -5.85
CA DGL A 23 0.52 -5.62 -7.14
C DGL A 23 0.00 -4.77 -8.30
O DGL A 23 -0.32 -5.28 -9.37
CB DGL A 23 2.04 -5.78 -7.24
CG DGL A 23 2.65 -6.71 -6.18
CD DGL A 23 2.01 -8.07 -6.16
OE1 DGL A 23 2.11 -8.82 -7.14
OE2 DGL A 23 1.41 -8.43 -5.12
H DGL A 23 0.78 -4.66 -5.27
HA DGL A 23 0.06 -6.60 -7.23
HB2 DGL A 23 2.49 -4.80 -7.13
HB3 DGL A 23 2.29 -6.18 -8.22
HG2 DGL A 23 2.53 -6.25 -5.21
HG3 DGL A 23 3.70 -6.83 -6.40
N DGL A 24 -0.08 -3.49 -8.07
CA DGL A 24 -0.55 -2.58 -9.10
C DGL A 24 -2.06 -2.39 -9.01
O DGL A 24 -2.80 -2.79 -9.91
CB DGL A 24 0.17 -1.24 -9.02
CG DGL A 24 1.64 -1.29 -9.40
CD DGL A 24 2.28 0.06 -9.36
OE1 DGL A 24 2.09 0.86 -10.31
OE2 DGL A 24 3.01 0.36 -8.39
H DGL A 24 0.16 -3.14 -7.19
HA DGL A 24 -0.32 -3.04 -10.05
HB2 DGL A 24 0.09 -0.86 -8.01
HB3 DGL A 24 -0.32 -0.55 -9.69
HG2 DGL A 24 1.73 -1.70 -10.40
HG3 DGL A 24 2.15 -1.94 -8.70
N SER A 25 -2.49 -1.84 -7.93
CA SER A 25 -3.86 -1.48 -7.76
C SER A 25 -3.95 -0.10 -7.17
N ASP A 26 -4.75 0.75 -7.76
CA ASP A 26 -4.85 2.16 -7.35
C ASP A 26 -5.87 2.37 -6.26
N ASN A 1 -6.85 1.06 -5.52
CA ASN A 1 -7.76 1.15 -4.39
C ASN A 1 -7.22 2.13 -3.33
N PRO A 2 -8.01 3.18 -2.99
CA PRO A 2 -7.58 4.21 -2.06
C PRO A 2 -7.27 3.68 -0.67
N GLU A 3 -8.01 2.68 -0.22
CA GLU A 3 -7.82 2.13 1.11
C GLU A 3 -6.54 1.33 1.20
N LEU A 4 -6.21 0.64 0.12
CA LEU A 4 -4.95 -0.08 0.03
C LEU A 4 -3.80 0.90 -0.01
N GLN A 5 -3.98 2.00 -0.71
CA GLN A 5 -2.98 3.06 -0.74
C GLN A 5 -2.79 3.66 0.67
N ARG A 6 -3.91 3.88 1.37
CA ARG A 6 -3.88 4.37 2.77
C ARG A 6 -3.16 3.40 3.67
N LYS A 7 -3.38 2.12 3.41
CA LYS A 7 -2.79 1.02 4.18
C LYS A 7 -1.26 1.10 4.12
N CYS A 8 -0.76 1.38 2.94
CA CYS A 8 0.67 1.51 2.73
C CYS A 8 1.20 2.73 3.44
N LYS A 9 0.40 3.75 3.52
CA LYS A 9 0.79 4.98 4.17
C LYS A 9 0.63 4.88 5.69
N GLU A 10 -0.16 3.91 6.10
CA GLU A 10 -0.36 3.59 7.49
C GLU A 10 0.86 2.82 7.99
N LEU A 11 1.37 1.94 7.14
CA LEU A 11 2.55 1.16 7.44
C LEU A 11 3.84 1.95 7.20
N DAS A 12 3.81 2.80 6.20
CA DAS A 12 4.97 3.63 5.85
C DAS A 12 5.73 2.99 4.71
O DAS A 12 5.29 3.04 3.56
CB DAS A 12 4.52 5.04 5.47
CG DAS A 12 5.67 5.94 5.04
OD1 DAS A 12 5.83 6.19 3.83
OD2 DAS A 12 6.42 6.40 5.92
H DAS A 12 3.02 2.85 5.62
HA DAS A 12 5.61 3.68 6.72
HB2 DAS A 12 4.02 5.49 6.30
HB3 DAS A 12 3.83 4.96 4.63
N THR A 13 6.82 2.35 5.03
CA THR A 13 7.57 1.61 4.02
C THR A 13 7.48 0.11 4.34
N ARG A 14 6.78 -0.20 5.42
CA ARG A 14 6.64 -1.57 5.88
C ARG A 14 5.63 -2.35 5.01
N DPR A 15 5.66 -3.70 5.03
CA DPR A 15 4.76 -4.52 4.20
CB DPR A 15 4.96 -5.93 4.75
CG DPR A 15 6.34 -5.93 5.30
CD DPR A 15 6.55 -4.56 5.86
C DPR A 15 5.14 -4.47 2.71
O DPR A 15 4.33 -4.80 1.84
HA DPR A 15 3.73 -4.22 4.32
HB2 DPR A 15 4.85 -6.66 3.96
HB3 DPR A 15 4.22 -6.13 5.53
HG2 DPR A 15 7.05 -6.13 4.52
HG3 DPR A 15 6.43 -6.68 6.09
HD2 DPR A 15 7.59 -4.26 5.77
HD3 DPR A 15 6.25 -4.54 6.90
N DGL A 16 6.36 -4.03 2.42
CA DGL A 16 6.84 -3.91 1.06
C DGL A 16 6.04 -2.81 0.34
O DGL A 16 5.75 -2.88 -0.86
CB DGL A 16 8.33 -3.58 1.04
CG DGL A 16 8.97 -3.63 -0.33
CD DGL A 16 8.89 -5.00 -0.97
OE1 DGL A 16 9.57 -5.94 -0.50
OE2 DGL A 16 8.18 -5.16 -1.96
H DGL A 16 6.95 -3.80 3.17
HA DGL A 16 6.66 -4.85 0.55
HB2 DGL A 16 8.84 -4.30 1.68
HB3 DGL A 16 8.47 -2.60 1.45
HG2 DGL A 16 10.02 -3.35 -0.24
HG3 DGL A 16 8.48 -2.93 -0.97
N DAL A 17 5.64 -1.81 1.12
CA DAL A 17 4.81 -0.74 0.60
CB DAL A 17 4.65 0.37 1.64
C DAL A 17 3.47 -1.30 0.20
O DAL A 17 2.99 -1.03 -0.92
H DAL A 17 5.91 -1.80 2.06
HA DAL A 17 5.31 -0.33 -0.27
HB1 DAL A 17 4.14 -0.03 2.50
HB2 DAL A 17 4.08 1.18 1.21
HB3 DAL A 17 5.63 0.72 1.93
N DGL A 18 2.88 -2.14 1.08
CA DGL A 18 1.59 -2.80 0.82
C DGL A 18 1.70 -3.61 -0.47
O DGL A 18 0.80 -3.59 -1.32
CB DGL A 18 1.23 -3.78 1.96
CG DGL A 18 -0.14 -4.43 1.77
CD DGL A 18 -0.26 -5.79 2.45
OE1 DGL A 18 -0.51 -5.86 3.65
OE2 DGL A 18 -0.14 -6.81 1.73
H DGL A 18 3.35 -2.31 1.92
HA DGL A 18 0.83 -2.05 0.73
HB2 DGL A 18 1.24 -3.25 2.90
HB3 DGL A 18 1.98 -4.56 1.98
HG2 DGL A 18 -0.32 -4.55 0.71
HG3 DGL A 18 -0.89 -3.78 2.20
N DAR A 19 2.82 -4.28 -0.60
CA DAR A 19 3.11 -5.13 -1.71
CB DAR A 19 4.50 -5.77 -1.53
CG DAR A 19 4.74 -7.01 -2.37
CD DAR A 19 3.73 -8.09 -2.03
NE DAR A 19 3.70 -8.39 -0.58
CZ DAR A 19 2.66 -8.15 0.26
NH1 DAR A 19 2.80 -8.38 1.56
NH2 DAR A 19 1.49 -7.73 -0.21
C DAR A 19 3.07 -4.34 -3.01
O DAR A 19 2.39 -4.73 -3.96
H DAR A 19 3.49 -4.19 0.12
HA DAR A 19 2.36 -5.91 -1.74
HB2 DAR A 19 4.60 -6.05 -0.48
HB3 DAR A 19 5.25 -5.04 -1.77
HG2 DAR A 19 5.73 -7.38 -2.17
HG3 DAR A 19 4.64 -6.75 -3.40
HD2 DAR A 19 3.98 -8.99 -2.56
HD3 DAR A 19 2.75 -7.76 -2.35
HE DAR A 19 4.54 -8.77 -0.24
HH11 DAR A 19 3.65 -8.73 1.95
HH12 DAR A 19 2.04 -8.21 2.20
HH21 DAR A 19 1.29 -7.58 -1.19
HH22 DAR A 19 0.76 -7.51 0.45
N DLY A 20 3.76 -3.21 -3.03
CA DLY A 20 3.79 -2.35 -4.20
C DLY A 20 2.38 -1.86 -4.55
O DLY A 20 1.98 -1.88 -5.72
CB DLY A 20 4.70 -1.16 -3.98
CG DLY A 20 4.95 -0.37 -5.25
CD DLY A 20 5.79 0.87 -4.99
CE DLY A 20 6.13 1.55 -6.30
NZ DLY A 20 6.88 2.79 -6.09
H DLY A 20 4.26 -2.94 -2.23
HA DLY A 20 4.16 -2.94 -5.02
HB2 DLY A 20 5.66 -1.50 -3.61
HB3 DLY A 20 4.25 -0.51 -3.25
HG2 DLY A 20 4.00 -0.06 -5.66
HG3 DLY A 20 5.47 -0.99 -5.96
HD2 DLY A 20 6.70 0.58 -4.49
HD3 DLY A 20 5.23 1.55 -4.36
HE2 DLY A 20 5.21 1.77 -6.82
HE3 DLY A 20 6.73 0.87 -6.89
HZ1 DLY A 20 7.75 2.61 -5.53
HZ2 DLY A 20 6.31 3.52 -5.61
HZ3 DLY A 20 7.19 3.18 -7.01
N DCY A 21 1.64 -1.43 -3.54
CA DCY A 21 0.29 -0.95 -3.73
C DCY A 21 -0.57 -2.00 -4.36
O DCY A 21 -1.22 -1.76 -5.35
CB DCY A 21 -0.34 -0.51 -2.44
SG DCY A 21 0.53 0.81 -1.58
H DCY A 21 2.03 -1.43 -2.63
HA DCY A 21 0.33 -0.11 -4.41
HB2 DCY A 21 -0.39 -1.35 -1.78
HB3 DCY A 21 -1.35 -0.16 -2.63
N DAR A 22 -0.55 -3.20 -3.79
CA DAR A 22 -1.38 -4.32 -4.26
CB DAR A 22 -1.34 -5.47 -3.27
CG DAR A 22 -1.99 -5.15 -1.93
CD DAR A 22 -1.77 -6.25 -0.92
NE DAR A 22 -2.30 -7.54 -1.34
CZ DAR A 22 -2.27 -8.66 -0.59
NH1 DAR A 22 -1.69 -8.66 0.61
NH2 DAR A 22 -2.81 -9.77 -1.07
C DAR A 22 -0.95 -4.78 -5.65
O DAR A 22 -1.75 -5.31 -6.41
H DAR A 22 0.05 -3.35 -3.01
HA DAR A 22 -2.40 -3.95 -4.33
HB2 DAR A 22 -0.31 -5.72 -3.08
HB3 DAR A 22 -1.84 -6.32 -3.71
HG2 DAR A 22 -3.05 -5.03 -2.09
HG3 DAR A 22 -1.58 -4.23 -1.56
HD2 DAR A 22 -2.24 -5.96 0.01
HD3 DAR A 22 -0.71 -6.35 -0.75
HE DAR A 22 -2.71 -7.57 -2.24
HH11 DAR A 22 -1.24 -7.85 1.03
HH12 DAR A 22 -1.67 -9.49 1.18
HH21 DAR A 22 -3.23 -9.81 -1.97
HH22 DAR A 22 -2.84 -10.62 -0.53
N DGL A 23 0.30 -4.58 -5.95
CA DGL A 23 0.83 -4.89 -7.24
C DGL A 23 0.24 -3.95 -8.31
O DGL A 23 -0.21 -4.40 -9.37
CB DGL A 23 2.35 -4.79 -7.21
CG DGL A 23 3.03 -5.10 -8.50
CD DGL A 23 4.53 -5.04 -8.39
OE1 DGL A 23 5.15 -6.08 -8.14
OE2 DGL A 23 5.10 -3.96 -8.56
H DGL A 23 0.92 -4.24 -5.26
HA DGL A 23 0.55 -5.90 -7.48
HB2 DGL A 23 2.73 -5.47 -6.45
HB3 DGL A 23 2.62 -3.78 -6.92
HG2 DGL A 23 2.72 -4.38 -9.24
HG3 DGL A 23 2.75 -6.10 -8.83
N DGL A 24 0.21 -2.67 -8.01
CA DGL A 24 -0.31 -1.70 -8.96
C DGL A 24 -1.84 -1.63 -8.93
O DGL A 24 -2.48 -1.64 -9.97
CB DGL A 24 0.26 -0.31 -8.68
CG DGL A 24 1.77 -0.24 -8.69
CD DGL A 24 2.26 1.17 -8.57
OE1 DGL A 24 2.23 1.75 -7.48
OE2 DGL A 24 2.70 1.74 -9.59
H DGL A 24 0.58 -2.37 -7.15
HA DGL A 24 0.00 -2.00 -9.94
HB2 DGL A 24 -0.09 0.02 -7.70
HB3 DGL A 24 -0.11 0.38 -9.43
HG2 DGL A 24 2.13 -0.66 -9.61
HG3 DGL A 24 2.14 -0.81 -7.85
N SER A 25 -2.39 -1.57 -7.74
CA SER A 25 -3.82 -1.41 -7.59
C SER A 25 -4.11 0.08 -7.38
N ASP A 26 -5.33 0.49 -7.60
CA ASP A 26 -5.68 1.89 -7.46
C ASP A 26 -6.62 2.10 -6.30
N ASN A 1 -6.38 1.53 -5.18
CA ASN A 1 -7.45 1.25 -4.26
C ASN A 1 -7.25 2.10 -3.02
N PRO A 2 -8.09 3.14 -2.84
CA PRO A 2 -7.98 4.12 -1.72
C PRO A 2 -7.69 3.51 -0.34
N GLU A 3 -8.47 2.51 0.05
CA GLU A 3 -8.32 1.90 1.36
C GLU A 3 -7.01 1.12 1.49
N LEU A 4 -6.56 0.53 0.41
CA LEU A 4 -5.30 -0.19 0.40
C LEU A 4 -4.15 0.82 0.45
N GLN A 5 -4.28 1.86 -0.36
CA GLN A 5 -3.31 2.95 -0.42
C GLN A 5 -3.16 3.63 0.94
N ARG A 6 -4.29 3.77 1.63
CA ARG A 6 -4.32 4.31 3.00
C ARG A 6 -3.39 3.50 3.88
N LYS A 7 -3.62 2.18 3.90
CA LYS A 7 -2.85 1.27 4.70
C LYS A 7 -1.36 1.41 4.41
N CYS A 8 -1.02 1.44 3.14
CA CYS A 8 0.35 1.58 2.71
C CYS A 8 1.00 2.88 3.21
N LYS A 9 0.26 3.98 3.14
CA LYS A 9 0.79 5.27 3.55
C LYS A 9 0.82 5.36 5.09
N GLU A 10 0.00 4.54 5.72
CA GLU A 10 -0.06 4.45 7.17
C GLU A 10 1.09 3.55 7.66
N LEU A 11 1.48 2.61 6.83
CA LEU A 11 2.59 1.71 7.10
C LEU A 11 3.91 2.41 6.87
N DAS A 12 4.00 3.10 5.77
CA DAS A 12 5.20 3.75 5.38
C DAS A 12 5.86 2.89 4.33
O DAS A 12 5.31 2.70 3.25
CB DAS A 12 4.92 5.15 4.83
CG DAS A 12 6.12 5.80 4.18
OD1 DAS A 12 6.09 6.03 2.94
OD2 DAS A 12 7.11 6.10 4.87
H DAS A 12 3.21 3.15 5.18
HA DAS A 12 5.85 3.82 6.23
HB2 DAS A 12 4.59 5.78 5.65
HB3 DAS A 12 4.12 5.09 4.10
N THR A 13 7.01 2.37 4.65
CA THR A 13 7.69 1.47 3.75
C THR A 13 7.48 0.02 4.25
N ARG A 14 6.76 -0.08 5.36
CA ARG A 14 6.49 -1.35 6.04
C ARG A 14 5.60 -2.26 5.21
N DPR A 15 5.73 -3.61 5.39
CA DPR A 15 4.91 -4.59 4.68
CB DPR A 15 5.21 -5.90 5.43
CG DPR A 15 5.94 -5.50 6.66
CD DPR A 15 6.67 -4.26 6.30
C DPR A 15 5.27 -4.72 3.20
O DPR A 15 4.59 -5.40 2.43
HA DPR A 15 3.86 -4.35 4.77
HB2 DPR A 15 5.81 -6.55 4.80
HB3 DPR A 15 4.28 -6.40 5.66
HG2 DPR A 15 6.62 -6.29 6.96
HG3 DPR A 15 5.22 -5.31 7.46
HD2 DPR A 15 7.59 -4.51 5.81
HD3 DPR A 15 6.86 -3.67 7.19
N DGL A 16 6.35 -4.07 2.78
CA DGL A 16 6.73 -4.06 1.37
C DGL A 16 5.75 -3.19 0.61
O DGL A 16 5.40 -3.48 -0.55
CB DGL A 16 8.15 -3.52 1.19
CG DGL A 16 8.62 -3.51 -0.26
CD DGL A 16 8.77 -4.88 -0.85
OE1 DGL A 16 9.89 -5.45 -0.78
OE2 DGL A 16 7.81 -5.43 -1.41
H DGL A 16 6.91 -3.60 3.44
HA DGL A 16 6.67 -5.08 1.00
HB2 DGL A 16 8.83 -4.15 1.75
HB3 DGL A 16 8.20 -2.52 1.57
HG2 DGL A 16 9.58 -3.01 -0.32
HG3 DGL A 16 7.90 -2.97 -0.85
N DAL A 17 5.24 -2.17 1.29
CA DAL A 17 4.29 -1.24 0.72
CB DAL A 17 3.92 -0.16 1.71
C DAL A 17 3.05 -1.98 0.24
O DAL A 17 2.52 -1.67 -0.81
H DAL A 17 5.52 -2.04 2.23
HA DAL A 17 4.76 -0.78 -0.13
HB1 DAL A 17 3.42 -0.60 2.57
HB2 DAL A 17 3.26 0.56 1.24
HB3 DAL A 17 4.82 0.34 2.05
N DGL A 18 2.66 -3.01 0.99
CA DGL A 18 1.49 -3.83 0.66
C DGL A 18 1.66 -4.49 -0.70
O DGL A 18 0.76 -4.45 -1.54
CB DGL A 18 1.28 -4.90 1.72
CG DGL A 18 1.02 -4.36 3.10
CD DGL A 18 0.82 -5.46 4.12
OE1 DGL A 18 1.71 -5.70 4.94
OE2 DGL A 18 -0.25 -6.12 4.09
H DGL A 18 3.18 -3.22 1.80
HA DGL A 18 0.62 -3.19 0.65
HB2 DGL A 18 2.18 -5.52 1.76
HB3 DGL A 18 0.46 -5.53 1.43
HG2 DGL A 18 0.13 -3.75 3.05
HG3 DGL A 18 1.86 -3.75 3.39
N DAR A 19 2.84 -5.04 -0.92
CA DAR A 19 3.14 -5.73 -2.17
CB DAR A 19 4.43 -6.54 -2.07
CG DAR A 19 4.37 -7.63 -1.02
CD DAR A 19 5.56 -8.57 -1.08
NE DAR A 19 6.86 -7.95 -0.79
CZ DAR A 19 7.91 -8.61 -0.28
NH1 DAR A 19 9.08 -8.00 -0.13
NH2 DAR A 19 7.79 -9.89 0.06
C DAR A 19 3.21 -4.74 -3.30
O DAR A 19 2.71 -5.01 -4.42
H DAR A 19 3.54 -4.94 -0.24
HA DAR A 19 2.31 -6.40 -2.35
HB2 DAR A 19 5.25 -5.87 -1.84
HB3 DAR A 19 4.62 -7.01 -3.03
HG2 DAR A 19 3.47 -8.19 -1.15
HG3 DAR A 19 4.36 -7.16 -0.04
HD2 DAR A 19 5.59 -9.00 -2.08
HD3 DAR A 19 5.40 -9.37 -0.37
HE DAR A 19 6.96 -6.98 -1.01
HH11 DAR A 19 9.21 -7.02 -0.37
HH12 DAR A 19 9.88 -8.46 0.25
HH21 DAR A 19 6.93 -10.40 -0.03
HH22 DAR A 19 8.56 -10.41 0.44
N DLY A 20 3.77 -3.58 -3.02
CA DLY A 20 3.86 -2.51 -4.00
C DLY A 20 2.46 -2.05 -4.39
O DLY A 20 2.15 -1.87 -5.56
CB DLY A 20 4.70 -1.35 -3.45
CG DLY A 20 4.95 -0.23 -4.45
CD DLY A 20 5.79 0.88 -3.86
CE DLY A 20 6.07 1.98 -4.88
NZ DLY A 20 6.88 3.08 -4.33
H DLY A 20 4.15 -3.45 -2.13
HA DLY A 20 4.34 -2.91 -4.88
HB2 DLY A 20 5.65 -1.72 -3.11
HB3 DLY A 20 4.17 -0.92 -2.60
HG2 DLY A 20 4.00 0.18 -4.77
HG3 DLY A 20 5.47 -0.64 -5.29
HD2 DLY A 20 6.73 0.48 -3.51
HD3 DLY A 20 5.26 1.32 -3.02
HE2 DLY A 20 5.12 2.37 -5.23
HE3 DLY A 20 6.61 1.53 -5.71
HZ1 DLY A 20 7.79 2.74 -3.98
HZ2 DLY A 20 6.39 3.56 -3.55
HZ3 DLY A 20 7.07 3.80 -5.05
N DCY A 21 1.58 -1.91 -3.39
CA DCY A 21 0.21 -1.48 -3.63
C DCY A 21 -0.56 -2.52 -4.41
O DCY A 21 -1.41 -2.17 -5.24
CB DCY A 21 -0.48 -1.15 -2.32
SG DCY A 21 0.27 0.25 -1.47
H DCY A 21 1.87 -2.06 -2.46
HA DCY A 21 0.26 -0.59 -4.22
HB2 DCY A 21 -0.43 -2.00 -1.66
HB3 DCY A 21 -1.52 -0.91 -2.53
N DAR A 22 -0.26 -3.79 -4.20
CA DAR A 22 -0.91 -4.84 -4.97
CB DAR A 22 -0.60 -6.22 -4.40
CG DAR A 22 -1.13 -6.48 -3.00
CD DAR A 22 -2.63 -6.35 -2.95
NE DAR A 22 -3.16 -6.65 -1.62
CZ DAR A 22 -4.41 -6.41 -1.22
NH1 DAR A 22 -5.28 -5.83 -2.04
NH2 DAR A 22 -4.78 -6.76 0.01
C DAR A 22 -0.47 -4.77 -6.41
O DAR A 22 -1.29 -4.89 -7.32
H DAR A 22 0.40 -4.01 -3.52
HA DAR A 22 -1.98 -4.67 -4.92
HB2 DAR A 22 0.47 -6.36 -4.38
HB3 DAR A 22 -1.03 -6.96 -5.05
HG2 DAR A 22 -0.68 -5.77 -2.32
HG3 DAR A 22 -0.87 -7.49 -2.71
HD2 DAR A 22 -3.08 -7.02 -3.67
HD3 DAR A 22 -2.90 -5.32 -3.19
HE DAR A 22 -2.52 -7.07 -1.01
HH11 DAR A 22 -5.05 -5.55 -2.97
HH12 DAR A 22 -6.23 -5.64 -1.74
HH21 DAR A 22 -4.15 -7.22 0.64
HH22 DAR A 22 -5.71 -6.61 0.36
N DGL A 23 0.80 -4.53 -6.61
CA DGL A 23 1.38 -4.44 -7.94
C DGL A 23 0.85 -3.21 -8.69
O DGL A 23 0.65 -3.26 -9.91
CB DGL A 23 2.90 -4.41 -7.84
CG DGL A 23 3.63 -4.37 -9.17
CD DGL A 23 5.11 -4.48 -9.00
OE1 DGL A 23 5.76 -3.48 -8.67
OE2 DGL A 23 5.67 -5.60 -9.16
H DGL A 23 1.40 -4.43 -5.83
HA DGL A 23 1.08 -5.32 -8.48
HB2 DGL A 23 3.23 -5.28 -7.30
HB3 DGL A 23 3.19 -3.54 -7.28
HG2 DGL A 23 3.40 -3.44 -9.67
HG3 DGL A 23 3.29 -5.20 -9.78
N DGL A 24 0.63 -2.12 -7.97
CA DGL A 24 0.12 -0.88 -8.57
C DGL A 24 -1.39 -0.92 -8.77
O DGL A 24 -1.88 -0.80 -9.88
CB DGL A 24 0.49 0.35 -7.73
CG DGL A 24 1.98 0.56 -7.55
CD DGL A 24 2.71 0.71 -8.85
OE1 DGL A 24 2.85 1.85 -9.35
OE2 DGL A 24 3.21 -0.28 -9.39
H DGL A 24 0.84 -2.13 -7.00
HA DGL A 24 0.58 -0.78 -9.54
HB2 DGL A 24 0.04 0.24 -6.75
HB3 DGL A 24 0.08 1.22 -8.20
HG2 DGL A 24 2.40 -0.29 -7.02
HG3 DGL A 24 2.14 1.46 -6.97
N SER A 25 -2.12 -1.12 -7.69
CA SER A 25 -3.55 -1.07 -7.73
C SER A 25 -4.03 0.19 -7.03
N ASP A 26 -4.76 1.02 -7.73
CA ASP A 26 -5.29 2.21 -7.14
C ASP A 26 -6.56 1.87 -6.41
N ASN A 1 -5.81 1.41 -4.92
CA ASN A 1 -7.14 1.36 -4.35
C ASN A 1 -7.13 2.14 -3.07
N PRO A 2 -8.25 2.82 -2.73
CA PRO A 2 -8.37 3.64 -1.52
C PRO A 2 -7.79 2.98 -0.27
N GLU A 3 -8.28 1.78 0.07
CA GLU A 3 -7.81 1.08 1.26
C GLU A 3 -6.32 0.78 1.18
N LEU A 4 -5.85 0.42 0.00
CA LEU A 4 -4.46 0.08 -0.19
C LEU A 4 -3.56 1.29 -0.01
N GLN A 5 -3.86 2.37 -0.68
CA GLN A 5 -3.03 3.57 -0.60
C GLN A 5 -3.05 4.18 0.80
N ARG A 6 -4.21 4.19 1.43
CA ARG A 6 -4.34 4.73 2.79
C ARG A 6 -3.63 3.81 3.79
N LYS A 7 -3.66 2.52 3.51
CA LYS A 7 -2.95 1.55 4.31
C LYS A 7 -1.47 1.80 4.20
N CYS A 8 -0.98 1.86 2.97
CA CYS A 8 0.43 2.11 2.71
C CYS A 8 0.90 3.44 3.30
N LYS A 9 0.00 4.42 3.32
CA LYS A 9 0.27 5.70 3.91
C LYS A 9 0.51 5.56 5.41
N GLU A 10 -0.38 4.84 6.08
CA GLU A 10 -0.29 4.63 7.52
C GLU A 10 0.83 3.62 7.87
N LEU A 11 0.99 2.64 7.04
CA LEU A 11 1.92 1.53 7.24
C LEU A 11 3.38 1.94 7.00
N DAS A 12 3.57 2.84 6.07
CA DAS A 12 4.92 3.29 5.72
C DAS A 12 5.44 2.46 4.58
O DAS A 12 4.71 2.16 3.66
CB DAS A 12 4.89 4.77 5.33
CG DAS A 12 6.22 5.26 4.77
OD1 DAS A 12 7.02 5.83 5.52
OD2 DAS A 12 6.47 5.06 3.55
H DAS A 12 2.81 3.21 5.57
HA DAS A 12 5.55 3.16 6.58
HB2 DAS A 12 4.65 5.36 6.20
HB3 DAS A 12 4.13 4.92 4.57
N THR A 13 6.68 2.08 4.65
CA THR A 13 7.30 1.28 3.60
C THR A 13 7.42 -0.17 4.13
N ARG A 14 6.64 -0.46 5.13
CA ARG A 14 6.63 -1.78 5.73
C ARG A 14 5.74 -2.69 4.88
N DPR A 15 6.04 -4.00 4.80
CA DPR A 15 5.28 -4.96 3.98
CB DPR A 15 5.83 -6.34 4.41
CG DPR A 15 6.63 -6.08 5.65
CD DPR A 15 7.13 -4.67 5.53
C DPR A 15 5.55 -4.73 2.49
O DPR A 15 4.83 -5.25 1.62
HA DPR A 15 4.21 -4.90 4.18
HB2 DPR A 15 6.43 -6.74 3.62
HB3 DPR A 15 5.00 -7.01 4.61
HG2 DPR A 15 7.45 -6.77 5.69
HG3 DPR A 15 6.00 -6.19 6.52
HD2 DPR A 15 8.05 -4.65 4.96
HD3 DPR A 15 7.28 -4.24 6.50
N DGL A 16 6.59 -3.96 2.22
CA DGL A 16 7.02 -3.60 0.87
C DGL A 16 5.88 -2.82 0.22
O DGL A 16 5.43 -3.15 -0.88
CB DGL A 16 8.29 -2.72 1.01
CG DGL A 16 9.14 -2.53 -0.24
CD DGL A 16 8.47 -1.82 -1.39
OE1 DGL A 16 8.29 -2.46 -2.45
OE2 DGL A 16 8.14 -0.64 -1.26
H DGL A 16 7.10 -3.62 2.99
HA DGL A 16 7.25 -4.50 0.31
HB2 DGL A 16 8.91 -3.15 1.78
HB3 DGL A 16 7.98 -1.75 1.34
HG2 DGL A 16 9.47 -3.50 -0.58
HG3 DGL A 16 10.02 -1.95 0.03
N DAL A 17 5.38 -1.84 0.96
CA DAL A 17 4.29 -0.99 0.50
CB DAL A 17 3.95 0.03 1.54
C DAL A 17 3.08 -1.82 0.16
O DAL A 17 2.50 -1.67 -0.89
H DAL A 17 5.75 -1.70 1.85
HA DAL A 17 4.61 -0.48 -0.39
HB1 DAL A 17 4.82 0.63 1.77
HB2 DAL A 17 3.62 -0.47 2.44
HB3 DAL A 17 3.16 0.67 1.18
N DGL A 18 2.72 -2.72 1.08
CA DGL A 18 1.60 -3.65 0.92
C DGL A 18 1.64 -4.33 -0.45
O DGL A 18 0.70 -4.20 -1.25
CB DGL A 18 1.70 -4.71 2.04
CG DGL A 18 0.70 -5.87 1.92
CD DGL A 18 -0.72 -5.44 2.11
OE1 DGL A 18 -1.36 -5.04 1.14
OE2 DGL A 18 -1.24 -5.49 3.26
H DGL A 18 3.26 -2.77 1.89
HA DGL A 18 0.68 -3.11 1.04
HB2 DGL A 18 1.55 -4.24 2.99
HB3 DGL A 18 2.69 -5.14 2.02
HG2 DGL A 18 0.96 -6.62 2.66
HG3 DGL A 18 0.80 -6.28 0.93
N DAR A 19 2.74 -4.96 -0.74
CA DAR A 19 2.91 -5.72 -1.96
CB DAR A 19 4.21 -6.50 -1.92
CG DAR A 19 4.36 -7.40 -0.71
CD DAR A 19 5.70 -8.11 -0.72
NE DAR A 19 6.83 -7.18 -0.85
CZ DAR A 19 8.09 -7.42 -0.49
NH1 DAR A 19 9.03 -6.53 -0.76
NH2 DAR A 19 8.40 -8.55 0.15
C DAR A 19 2.92 -4.79 -3.17
O DAR A 19 2.21 -5.04 -4.16
H DAR A 19 3.48 -4.90 -0.09
HA DAR A 19 2.08 -6.42 -2.05
HB2 DAR A 19 5.02 -5.79 -1.93
HB3 DAR A 19 4.27 -7.12 -2.81
HG2 DAR A 19 3.57 -8.13 -0.71
HG3 DAR A 19 4.29 -6.79 0.18
HD2 DAR A 19 5.72 -8.81 -1.55
HD3 DAR A 19 5.81 -8.66 0.20
HE DAR A 19 6.61 -6.32 -1.29
HH11 DAR A 19 8.82 -5.68 -1.24
HH12 DAR A 19 9.99 -6.68 -0.51
HH21 DAR A 19 7.72 -9.24 0.39
HH22 DAR A 19 9.35 -8.76 0.42
N DLY A 20 3.67 -3.72 -3.08
CA DLY A 20 3.79 -2.77 -4.16
C DLY A 20 2.46 -2.07 -4.46
O DLY A 20 2.13 -1.77 -5.62
CB DLY A 20 4.91 -1.76 -3.88
CG DLY A 20 5.20 -0.80 -5.01
CD DLY A 20 6.39 0.09 -4.70
CE DLY A 20 6.64 1.07 -5.81
NZ DLY A 20 7.85 1.89 -5.59
H DLY A 20 4.15 -3.54 -2.24
HA DLY A 20 4.06 -3.34 -5.05
HB2 DLY A 20 5.82 -2.31 -3.66
HB3 DLY A 20 4.64 -1.18 -3.00
HG2 DLY A 20 4.34 -0.18 -5.18
HG3 DLY A 20 5.42 -1.37 -5.90
HD2 DLY A 20 7.27 -0.54 -4.58
HD3 DLY A 20 6.20 0.63 -3.79
HE2 DLY A 20 5.79 1.73 -5.88
HE3 DLY A 20 6.75 0.54 -6.74
HZ1 DLY A 20 7.93 2.65 -6.30
HZ2 DLY A 20 8.71 1.30 -5.65
HZ3 DLY A 20 7.85 2.32 -4.64
N DCY A 21 1.67 -1.82 -3.43
CA DCY A 21 0.36 -1.23 -3.60
C DCY A 21 -0.56 -2.21 -4.28
O DCY A 21 -1.24 -1.86 -5.23
CB DCY A 21 -0.25 -0.76 -2.27
SG DCY A 21 0.58 0.67 -1.51
H DCY A 21 1.99 -2.03 -2.51
HA DCY A 21 0.48 -0.37 -4.24
HB2 DCY A 21 -0.20 -1.58 -1.57
HB3 DCY A 21 -1.29 -0.49 -2.43
N DAR A 22 -0.54 -3.46 -3.86
CA DAR A 22 -1.39 -4.48 -4.44
CB DAR A 22 -1.41 -5.73 -3.57
CG DAR A 22 -2.03 -5.51 -2.20
CD DAR A 22 -2.02 -6.78 -1.38
NE DAR A 22 -2.80 -7.85 -2.01
CZ DAR A 22 -2.82 -9.12 -1.59
NH1 DAR A 22 -2.16 -9.48 -0.49
NH2 DAR A 22 -3.52 -10.03 -2.28
C DAR A 22 -0.99 -4.81 -5.88
O DAR A 22 -1.82 -5.23 -6.69
H DAR A 22 0.07 -3.71 -3.12
HA DAR A 22 -2.39 -4.07 -4.47
HB2 DAR A 22 -0.40 -6.07 -3.44
HB3 DAR A 22 -1.97 -6.50 -4.08
HG2 DAR A 22 -3.04 -5.17 -2.33
HG3 DAR A 22 -1.46 -4.75 -1.68
HD2 DAR A 22 -2.44 -6.56 -0.41
HD3 DAR A 22 -1.00 -7.12 -1.27
HE DAR A 22 -3.33 -7.56 -2.79
HH11 DAR A 22 -1.63 -8.82 0.06
HH12 DAR A 22 -2.15 -10.42 -0.16
HH21 DAR A 22 -4.03 -9.80 -3.10
HH22 DAR A 22 -3.53 -10.99 -1.99
N DGL A 23 0.28 -4.63 -6.19
CA DGL A 23 0.80 -4.85 -7.53
C DGL A 23 0.24 -3.78 -8.48
O DGL A 23 -0.31 -4.09 -9.55
CB DGL A 23 2.32 -4.82 -7.53
CG DGL A 23 2.96 -5.13 -8.86
CD DGL A 23 4.46 -5.01 -8.82
OE1 DGL A 23 5.13 -5.99 -8.48
OE2 DGL A 23 4.99 -3.94 -9.18
H DGL A 23 0.91 -4.39 -5.47
HA DGL A 23 0.46 -5.82 -7.87
HB2 DGL A 23 2.68 -5.54 -6.80
HB3 DGL A 23 2.65 -3.83 -7.22
HG2 DGL A 23 2.57 -4.43 -9.59
HG3 DGL A 23 2.70 -6.13 -9.14
N DGL A 24 0.37 -2.52 -8.08
CA DGL A 24 -0.11 -1.40 -8.89
C DGL A 24 -1.62 -1.29 -8.87
O DGL A 24 -2.26 -1.02 -9.88
CB DGL A 24 0.50 -0.11 -8.39
CG DGL A 24 1.98 0.03 -8.68
CD DGL A 24 2.25 0.07 -10.16
OE1 DGL A 24 1.84 1.06 -10.81
OE2 DGL A 24 2.86 -0.87 -10.71
H DGL A 24 0.82 -2.35 -7.23
HA DGL A 24 0.21 -1.56 -9.91
HB2 DGL A 24 0.37 -0.05 -7.32
HB3 DGL A 24 -0.01 0.72 -8.85
HG2 DGL A 24 2.49 -0.83 -8.26
HG3 DGL A 24 2.35 0.93 -8.23
N SER A 25 -2.17 -1.49 -7.72
CA SER A 25 -3.56 -1.38 -7.53
C SER A 25 -3.77 -0.23 -6.56
N ASP A 26 -3.86 0.97 -7.09
CA ASP A 26 -4.02 2.16 -6.27
C ASP A 26 -5.45 2.31 -5.79
N ASN A 1 -6.09 1.70 -5.31
CA ASN A 1 -7.21 1.77 -4.42
C ASN A 1 -6.89 2.71 -3.28
N PRO A 2 -7.68 3.79 -3.14
CA PRO A 2 -7.47 4.83 -2.12
C PRO A 2 -7.26 4.31 -0.70
N GLU A 3 -8.15 3.42 -0.25
CA GLU A 3 -8.08 2.90 1.10
C GLU A 3 -6.90 1.95 1.27
N LEU A 4 -6.66 1.13 0.25
CA LEU A 4 -5.52 0.21 0.27
C LEU A 4 -4.22 1.00 0.38
N GLN A 5 -4.11 2.04 -0.44
CA GLN A 5 -2.97 2.93 -0.41
C GLN A 5 -2.88 3.66 0.92
N ARG A 6 -4.03 4.03 1.48
CA ARG A 6 -4.09 4.62 2.81
C ARG A 6 -3.50 3.67 3.83
N LYS A 7 -3.92 2.41 3.78
CA LYS A 7 -3.41 1.36 4.65
C LYS A 7 -1.89 1.28 4.52
N CYS A 8 -1.42 1.23 3.30
CA CYS A 8 0.00 1.15 3.02
C CYS A 8 0.76 2.38 3.54
N LYS A 9 0.17 3.56 3.45
CA LYS A 9 0.84 4.76 3.94
C LYS A 9 0.75 4.83 5.48
N GLU A 10 -0.25 4.19 6.03
CA GLU A 10 -0.39 4.08 7.47
C GLU A 10 0.56 2.97 7.97
N LEU A 11 1.00 2.15 7.02
CA LEU A 11 1.99 1.11 7.25
C LEU A 11 3.42 1.66 6.99
N DAS A 12 3.51 2.70 6.19
CA DAS A 12 4.78 3.37 5.90
C DAS A 12 5.49 2.69 4.77
O DAS A 12 4.93 2.50 3.70
CB DAS A 12 4.60 4.85 5.57
CG DAS A 12 5.86 5.52 5.04
OD1 DAS A 12 5.92 5.82 3.83
OD2 DAS A 12 6.81 5.72 5.80
H DAS A 12 2.70 3.00 5.72
HA DAS A 12 5.40 3.28 6.78
HB2 DAS A 12 4.30 5.38 6.47
HB3 DAS A 12 3.83 4.96 4.82
N THR A 13 6.71 2.32 4.99
CA THR A 13 7.50 1.65 3.99
C THR A 13 7.57 0.16 4.32
N ARG A 14 6.87 -0.22 5.38
CA ARG A 14 6.85 -1.60 5.82
C ARG A 14 6.06 -2.45 4.84
N DPR A 15 6.45 -3.72 4.68
CA DPR A 15 5.76 -4.66 3.77
CB DPR A 15 6.40 -6.02 4.09
CG DPR A 15 7.15 -5.81 5.35
CD DPR A 15 7.57 -4.39 5.36
C DPR A 15 5.98 -4.30 2.29
O DPR A 15 5.25 -4.76 1.40
HA DPR A 15 4.70 -4.69 3.98
HB2 DPR A 15 7.06 -6.29 3.27
HB3 DPR A 15 5.63 -6.76 4.20
HG2 DPR A 15 8.01 -6.46 5.37
HG3 DPR A 15 6.51 -6.02 6.20
HD2 DPR A 15 8.48 -4.25 4.81
HD3 DPR A 15 7.68 -4.02 6.37
N DGL A 16 6.97 -3.45 2.05
CA DGL A 16 7.32 -3.00 0.71
C DGL A 16 6.13 -2.27 0.07
O DGL A 16 5.71 -2.59 -1.07
CB DGL A 16 8.53 -2.06 0.81
CG DGL A 16 9.05 -1.55 -0.52
CD DGL A 16 9.59 -2.65 -1.38
OE1 DGL A 16 10.75 -3.05 -1.18
OE2 DGL A 16 8.87 -3.11 -2.27
H DGL A 16 7.49 -3.13 2.82
HA DGL A 16 7.59 -3.86 0.11
HB2 DGL A 16 9.33 -2.58 1.31
HB3 DGL A 16 8.24 -1.20 1.39
HG2 DGL A 16 9.85 -0.85 -0.33
HG3 DGL A 16 8.25 -1.05 -1.05
N DAL A 17 5.54 -1.35 0.82
CA DAL A 17 4.41 -0.57 0.33
CB DAL A 17 4.07 0.55 1.30
C DAL A 17 3.21 -1.48 0.10
O DAL A 17 2.47 -1.30 -0.87
H DAL A 17 5.88 -1.20 1.72
HA DAL A 17 4.69 -0.13 -0.61
HB1 DAL A 17 4.95 1.14 1.48
HB2 DAL A 17 3.71 0.12 2.23
HB3 DAL A 17 3.31 1.18 0.86
N DGL A 18 3.06 -2.45 0.97
CA DGL A 18 2.02 -3.46 0.90
C DGL A 18 2.10 -4.24 -0.42
O DGL A 18 1.10 -4.37 -1.15
CB DGL A 18 2.17 -4.40 2.13
CG DGL A 18 1.40 -5.71 2.09
CD DGL A 18 -0.08 -5.56 1.88
OE1 DGL A 18 -0.58 -6.13 0.89
OE2 DGL A 18 -0.75 -4.90 2.69
H DGL A 18 3.70 -2.50 1.70
HA DGL A 18 1.06 -2.96 0.95
HB2 DGL A 18 1.85 -3.86 3.00
HB3 DGL A 18 3.21 -4.64 2.24
HG2 DGL A 18 1.56 -6.25 3.01
HG3 DGL A 18 1.78 -6.30 1.27
N DAR A 19 3.29 -4.70 -0.76
CA DAR A 19 3.48 -5.44 -1.99
CB DAR A 19 4.85 -6.12 -2.01
CG DAR A 19 5.11 -7.12 -0.86
CD DAR A 19 4.13 -8.31 -0.83
NE DAR A 19 2.74 -7.96 -0.45
CZ DAR A 19 1.73 -8.84 -0.37
NH1 DAR A 19 0.52 -8.46 0.05
NH2 DAR A 19 1.93 -10.12 -0.71
C DAR A 19 3.29 -4.54 -3.20
O DAR A 19 2.76 -4.97 -4.24
H DAR A 19 4.05 -4.53 -0.15
HA DAR A 19 2.71 -6.21 -2.02
HB2 DAR A 19 5.61 -5.36 -1.97
HB3 DAR A 19 4.95 -6.67 -2.94
HG2 DAR A 19 5.02 -6.58 0.08
HG3 DAR A 19 6.11 -7.50 -0.95
HD2 DAR A 19 4.51 -9.03 -0.14
HD3 DAR A 19 4.10 -8.74 -1.82
HE DAR A 19 2.59 -7.00 -0.21
HH11 DAR A 19 0.27 -7.52 0.32
HH12 DAR A 19 -0.22 -9.14 0.13
HH21 DAR A 19 2.83 -10.44 -1.03
HH22 DAR A 19 1.21 -10.80 -0.65
N DLY A 20 3.70 -3.30 -3.07
CA DLY A 20 3.51 -2.31 -4.12
C DLY A 20 2.03 -2.08 -4.36
O DLY A 20 1.58 -2.00 -5.50
CB DLY A 20 4.24 -1.01 -3.78
CG DLY A 20 4.17 0.06 -4.87
CD DLY A 20 5.00 1.26 -4.52
CE DLY A 20 4.98 2.31 -5.63
NZ DLY A 20 3.61 2.85 -5.86
H DLY A 20 4.16 -3.03 -2.24
HA DLY A 20 3.95 -2.72 -5.02
HB2 DLY A 20 5.28 -1.22 -3.58
HB3 DLY A 20 3.80 -0.60 -2.89
HG2 DLY A 20 3.13 0.37 -4.99
HG3 DLY A 20 4.52 -0.37 -5.80
HD2 DLY A 20 6.03 0.95 -4.37
HD3 DLY A 20 4.63 1.71 -3.61
HE2 DLY A 20 5.32 1.86 -6.54
HE3 DLY A 20 5.64 3.12 -5.36
HZ1 DLY A 20 3.23 3.32 -5.01
HZ2 DLY A 20 2.93 2.15 -6.17
HZ3 DLY A 20 3.64 3.57 -6.60
N DCY A 21 1.25 -2.01 -3.29
CA DCY A 21 -0.19 -1.84 -3.37
C DCY A 21 -0.85 -2.98 -4.13
O DCY A 21 -1.69 -2.75 -4.98
CB DCY A 21 -0.82 -1.69 -1.99
SG DCY A 21 -0.47 -0.12 -1.16
H DCY A 21 1.67 -2.07 -2.39
HA DCY A 21 -0.36 -0.92 -3.93
HB2 DCY A 21 -0.47 -2.49 -1.36
HB3 DCY A 21 -1.90 -1.78 -2.10
N DAR A 22 -0.43 -4.19 -3.86
CA DAR A 22 -1.03 -5.33 -4.51
CB DAR A 22 -0.74 -6.64 -3.76
CG DAR A 22 -1.19 -6.62 -2.30
CD DAR A 22 -2.68 -6.31 -2.14
NE DAR A 22 -3.55 -7.32 -2.76
CZ DAR A 22 -4.84 -7.55 -2.43
NH1 DAR A 22 -5.40 -6.89 -1.41
NH2 DAR A 22 -5.55 -8.46 -3.08
C DAR A 22 -0.57 -5.43 -5.96
O DAR A 22 -1.28 -5.95 -6.81
H DAR A 22 0.30 -4.31 -3.20
HA DAR A 22 -2.10 -5.17 -4.52
HB2 DAR A 22 0.33 -6.82 -3.78
HB3 DAR A 22 -1.24 -7.44 -4.26
HG2 DAR A 22 -0.61 -5.87 -1.77
HG3 DAR A 22 -0.98 -7.59 -1.86
HD2 DAR A 22 -2.88 -5.35 -2.58
HD3 DAR A 22 -2.91 -6.26 -1.09
HE DAR A 22 -3.14 -7.84 -3.49
HH11 DAR A 22 -4.90 -6.22 -0.85
HH12 DAR A 22 -6.36 -7.03 -1.15
HH21 DAR A 22 -5.18 -8.99 -3.84
HH22 DAR A 22 -6.50 -8.67 -2.82
N DGL A 23 0.62 -4.94 -6.24
CA DGL A 23 1.12 -4.93 -7.60
C DGL A 23 0.40 -3.87 -8.45
O DGL A 23 -0.04 -4.14 -9.58
CB DGL A 23 2.63 -4.64 -7.60
CG DGL A 23 3.30 -4.72 -8.97
CD DGL A 23 3.31 -6.12 -9.53
OE1 DGL A 23 4.35 -6.82 -9.38
OE2 DGL A 23 2.30 -6.56 -10.12
H DGL A 23 1.19 -4.60 -5.51
HA DGL A 23 0.96 -5.90 -8.04
HB2 DGL A 23 3.11 -5.36 -6.95
HB3 DGL A 23 2.79 -3.65 -7.21
HG2 DGL A 23 4.32 -4.37 -8.89
HG3 DGL A 23 2.76 -4.08 -9.65
N DGL A 24 0.24 -2.68 -7.88
CA DGL A 24 -0.31 -1.56 -8.61
C DGL A 24 -1.84 -1.51 -8.61
O DGL A 24 -2.43 -1.10 -9.61
CB DGL A 24 0.24 -0.25 -8.04
CG DGL A 24 1.75 -0.12 -8.14
CD DGL A 24 2.26 -0.08 -9.56
OE1 DGL A 24 2.46 -1.14 -10.17
OE2 DGL A 24 2.52 1.02 -10.09
H DGL A 24 0.54 -2.55 -6.95
HA DGL A 24 0.02 -1.64 -9.63
HB2 DGL A 24 -0.05 -0.17 -7.01
HB3 DGL A 24 -0.20 0.57 -8.60
HG2 DGL A 24 2.19 -0.96 -7.64
HG3 DGL A 24 2.06 0.79 -7.64
N SER A 25 -2.47 -1.92 -7.53
CA SER A 25 -3.90 -1.78 -7.44
C SER A 25 -4.21 -0.39 -6.88
N ASP A 26 -4.65 0.52 -7.74
CA ASP A 26 -4.94 1.88 -7.35
C ASP A 26 -6.21 1.93 -6.57
N ASN A 1 -6.89 0.75 -5.73
CA ASN A 1 -7.57 0.84 -4.41
C ASN A 1 -6.93 1.89 -3.47
N PRO A 2 -7.60 3.05 -3.27
CA PRO A 2 -7.09 4.13 -2.42
C PRO A 2 -7.04 3.72 -0.96
N GLU A 3 -8.03 2.90 -0.54
CA GLU A 3 -8.08 2.41 0.84
C GLU A 3 -6.88 1.55 1.13
N LEU A 4 -6.47 0.79 0.13
CA LEU A 4 -5.29 -0.04 0.24
C LEU A 4 -4.07 0.84 0.37
N GLN A 5 -3.93 1.80 -0.56
CA GLN A 5 -2.78 2.72 -0.57
C GLN A 5 -2.66 3.51 0.74
N ARG A 6 -3.79 3.90 1.31
CA ARG A 6 -3.81 4.61 2.59
C ARG A 6 -3.21 3.76 3.70
N LYS A 7 -3.54 2.49 3.72
CA LYS A 7 -3.04 1.58 4.74
C LYS A 7 -1.55 1.36 4.58
N CYS A 8 -1.08 1.50 3.35
CA CYS A 8 0.33 1.43 3.04
C CYS A 8 1.03 2.62 3.66
N LYS A 9 0.49 3.80 3.38
CA LYS A 9 1.05 5.06 3.88
C LYS A 9 1.00 5.12 5.40
N GLU A 10 0.03 4.40 5.95
CA GLU A 10 -0.13 4.28 7.38
C GLU A 10 0.96 3.38 7.96
N LEU A 11 1.18 2.26 7.30
CA LEU A 11 2.15 1.26 7.71
C LEU A 11 3.57 1.81 7.54
N DAS A 12 3.76 2.57 6.51
CA DAS A 12 5.02 3.21 6.24
C DAS A 12 5.57 2.69 4.94
O DAS A 12 4.88 2.69 3.93
CB DAS A 12 4.84 4.72 6.21
CG DAS A 12 6.14 5.45 6.04
OD1 DAS A 12 6.36 6.07 4.98
OD2 DAS A 12 6.96 5.43 6.97
H DAS A 12 3.03 2.69 5.85
HA DAS A 12 5.69 2.95 7.04
HB2 DAS A 12 4.38 5.05 7.12
HB3 DAS A 12 4.20 4.98 5.38
N THR A 13 6.79 2.23 4.94
CA THR A 13 7.36 1.61 3.77
C THR A 13 7.51 0.11 4.05
N ARG A 14 7.06 -0.30 5.23
CA ARG A 14 7.16 -1.67 5.69
C ARG A 14 6.23 -2.58 4.86
N DPR A 15 6.56 -3.87 4.71
CA DPR A 15 5.74 -4.82 3.96
CB DPR A 15 6.37 -6.18 4.28
CG DPR A 15 7.78 -5.88 4.62
CD DPR A 15 7.78 -4.52 5.27
C DPR A 15 5.78 -4.55 2.45
O DPR A 15 4.86 -4.96 1.72
HA DPR A 15 4.72 -4.80 4.30
HB2 DPR A 15 6.31 -6.81 3.41
HB3 DPR A 15 5.85 -6.64 5.10
HG2 DPR A 15 8.38 -5.85 3.73
HG3 DPR A 15 8.17 -6.62 5.32
HD2 DPR A 15 8.67 -3.97 5.01
HD3 DPR A 15 7.70 -4.61 6.35
N DGL A 16 6.81 -3.82 2.00
CA DGL A 16 6.96 -3.46 0.60
C DGL A 16 5.78 -2.65 0.17
O DGL A 16 5.23 -2.88 -0.89
CB DGL A 16 8.23 -2.61 0.36
CG DGL A 16 8.41 -2.23 -1.12
CD DGL A 16 9.50 -1.23 -1.37
OE1 DGL A 16 10.69 -1.62 -1.37
OE2 DGL A 16 9.21 -0.04 -1.62
H DGL A 16 7.47 -3.51 2.66
HA DGL A 16 7.02 -4.36 0.02
HB2 DGL A 16 9.09 -3.17 0.67
HB3 DGL A 16 8.16 -1.70 0.94
HG2 DGL A 16 7.48 -1.82 -1.48
HG3 DGL A 16 8.64 -3.12 -1.68
N DAL A 17 5.37 -1.73 1.04
CA DAL A 17 4.29 -0.81 0.77
CB DAL A 17 4.06 0.06 1.99
C DAL A 17 3.02 -1.54 0.36
O DAL A 17 2.51 -1.32 -0.71
H DAL A 17 5.82 -1.70 1.91
HA DAL A 17 4.60 -0.18 -0.04
HB1 DAL A 17 3.38 0.86 1.74
HB2 DAL A 17 5.00 0.48 2.32
HB3 DAL A 17 3.64 -0.54 2.78
N DGL A 18 2.57 -2.46 1.20
CA DGL A 18 1.33 -3.19 0.96
C DGL A 18 1.45 -4.06 -0.31
O DGL A 18 0.53 -4.09 -1.14
CB DGL A 18 0.98 -4.01 2.24
CG DGL A 18 -0.42 -4.66 2.31
CD DGL A 18 -0.58 -5.87 1.43
OE1 DGL A 18 0.13 -6.87 1.64
OE2 DGL A 18 -1.46 -5.88 0.55
H DGL A 18 3.09 -2.65 2.01
HA DGL A 18 0.55 -2.45 0.80
HB2 DGL A 18 1.10 -3.36 3.09
HB3 DGL A 18 1.71 -4.80 2.31
HG2 DGL A 18 -1.13 -3.91 2.01
HG3 DGL A 18 -0.60 -4.95 3.32
N DAR A 19 2.61 -4.70 -0.48
CA DAR A 19 2.89 -5.50 -1.69
CB DAR A 19 4.28 -6.12 -1.63
CG DAR A 19 4.49 -7.18 -0.58
CD DAR A 19 5.93 -7.66 -0.60
NE DAR A 19 6.33 -8.15 -1.93
CZ DAR A 19 7.58 -8.47 -2.30
NH1 DAR A 19 7.80 -8.90 -3.54
NH2 DAR A 19 8.60 -8.36 -1.44
C DAR A 19 2.82 -4.63 -2.93
O DAR A 19 2.13 -4.93 -3.90
H DAR A 19 3.29 -4.63 0.22
HA DAR A 19 2.14 -6.29 -1.76
HB2 DAR A 19 4.99 -5.33 -1.46
HB3 DAR A 19 4.49 -6.57 -2.59
HG2 DAR A 19 3.84 -8.01 -0.80
HG3 DAR A 19 4.26 -6.77 0.39
HD2 DAR A 19 6.03 -8.47 0.11
HD3 DAR A 19 6.58 -6.85 -0.33
HE DAR A 19 5.59 -8.25 -2.58
HH11 DAR A 19 7.06 -9.01 -4.21
HH12 DAR A 19 8.72 -9.13 -3.87
HH21 DAR A 19 8.47 -8.03 -0.50
HH22 DAR A 19 9.54 -8.61 -1.69
N DLY A 20 3.51 -3.52 -2.87
CA DLY A 20 3.62 -2.59 -3.97
C DLY A 20 2.26 -1.94 -4.24
O DLY A 20 1.94 -1.64 -5.38
CB DLY A 20 4.71 -1.59 -3.64
CG DLY A 20 5.04 -0.59 -4.72
CD DLY A 20 6.29 0.21 -4.34
CE DLY A 20 6.13 0.93 -3.00
NZ DLY A 20 7.35 1.63 -2.61
H DLY A 20 4.01 -3.33 -2.04
HA DLY A 20 3.91 -3.15 -4.84
HB2 DLY A 20 5.61 -2.13 -3.38
HB3 DLY A 20 4.38 -1.04 -2.77
HG2 DLY A 20 4.21 0.09 -4.86
HG3 DLY A 20 5.24 -1.12 -5.65
HD2 DLY A 20 6.48 0.95 -5.11
HD3 DLY A 20 7.13 -0.46 -4.27
HE2 DLY A 20 5.88 0.20 -2.25
HE3 DLY A 20 5.31 1.64 -3.08
HZ1 DLY A 20 7.68 2.27 -3.36
HZ2 DLY A 20 8.11 0.95 -2.36
HZ3 DLY A 20 7.17 2.21 -1.76
N DCY A 21 1.47 -1.74 -3.21
CA DCY A 21 0.13 -1.23 -3.40
C DCY A 21 -0.72 -2.20 -4.17
O DCY A 21 -1.43 -1.78 -5.06
CB DCY A 21 -0.56 -0.87 -2.11
SG DCY A 21 0.13 0.54 -1.25
H DCY A 21 1.80 -1.91 -2.30
HA DCY A 21 0.22 -0.33 -4.00
HB2 DCY A 21 -0.53 -1.72 -1.44
HB3 DCY A 21 -1.60 -0.63 -2.33
N DAR A 22 -0.63 -3.48 -3.87
CA DAR A 22 -1.43 -4.47 -4.60
CB DAR A 22 -1.63 -5.79 -3.82
CG DAR A 22 -0.36 -6.57 -3.59
CD DAR A 22 -0.63 -7.90 -2.93
NE DAR A 22 -1.16 -7.77 -1.57
CZ DAR A 22 -1.79 -8.73 -0.90
NH1 DAR A 22 -2.10 -9.88 -1.48
NH2 DAR A 22 -2.11 -8.53 0.36
C DAR A 22 -0.83 -4.72 -6.00
O DAR A 22 -1.48 -5.25 -6.90
H DAR A 22 -0.04 -3.79 -3.14
HA DAR A 22 -2.40 -4.01 -4.76
HB2 DAR A 22 -2.32 -6.41 -4.36
HB3 DAR A 22 -2.05 -5.56 -2.86
HG2 DAR A 22 0.29 -5.99 -2.97
HG3 DAR A 22 0.11 -6.74 -4.55
HD2 DAR A 22 0.30 -8.46 -2.89
HD3 DAR A 22 -1.35 -8.46 -3.52
HE DAR A 22 -0.99 -6.91 -1.11
HH11 DAR A 22 -1.86 -10.08 -2.44
HH12 DAR A 22 -2.60 -10.59 -0.99
HH21 DAR A 22 -1.85 -7.64 0.77
HH22 DAR A 22 -2.57 -9.20 0.93
N DGL A 23 0.44 -4.37 -6.12
CA DGL A 23 1.14 -4.39 -7.41
C DGL A 23 0.55 -3.31 -8.32
O DGL A 23 0.16 -3.57 -9.46
CB DGL A 23 2.63 -4.10 -7.16
CG DGL A 23 3.50 -4.04 -8.40
CD DGL A 23 3.58 -5.36 -9.10
OE1 DGL A 23 2.88 -5.55 -10.12
OE2 DGL A 23 4.33 -6.22 -8.63
H DGL A 23 0.95 -4.12 -5.32
HA DGL A 23 1.03 -5.36 -7.86
HB2 DGL A 23 3.03 -4.87 -6.50
HB3 DGL A 23 2.72 -3.14 -6.66
HG2 DGL A 23 4.49 -3.72 -8.12
HG3 DGL A 23 3.06 -3.32 -9.08
N DGL A 24 0.49 -2.10 -7.77
CA DGL A 24 -0.07 -0.96 -8.46
C DGL A 24 -1.57 -1.13 -8.65
O DGL A 24 -2.08 -1.12 -9.76
CB DGL A 24 0.17 0.32 -7.67
CG DGL A 24 1.61 0.72 -7.52
CD DGL A 24 1.75 1.94 -6.64
OE1 DGL A 24 2.47 1.88 -5.64
OE2 DGL A 24 1.12 2.97 -6.93
H DGL A 24 0.88 -1.97 -6.88
HA DGL A 24 0.41 -0.86 -9.42
HB2 DGL A 24 -0.25 0.18 -6.68
HB3 DGL A 24 -0.36 1.12 -8.16
HG2 DGL A 24 2.01 0.95 -8.49
HG3 DGL A 24 2.17 -0.09 -7.09
N SER A 25 -2.26 -1.29 -7.55
CA SER A 25 -3.69 -1.37 -7.56
C SER A 25 -4.27 0.03 -7.56
N ASP A 26 -5.54 0.12 -7.84
CA ASP A 26 -6.22 1.40 -7.97
C ASP A 26 -6.95 1.71 -6.65
#